data_4KSD
#
_entry.id   4KSD
#
_cell.length_a   87.100
_cell.length_b   102.470
_cell.length_c   312.100
_cell.angle_alpha   90.00
_cell.angle_beta   90.00
_cell.angle_gamma   90.00
#
_symmetry.space_group_name_H-M   'P 21 21 21'
#
loop_
_entity.id
_entity.type
_entity.pdbx_description
1 polymer 'Multidrug resistance protein 1A'
2 polymer 'R2 protein'
#
loop_
_entity_poly.entity_id
_entity_poly.type
_entity_poly.pdbx_seq_one_letter_code
_entity_poly.pdbx_strand_id
1 'polypeptide(L)'
;MELEEDLKGRADKNFSKMGKKSKKEKKEKKPAVSVLTMFRYAGWLDRLYMLVGTLAAIIHGVALPLMMLIFGDMTDSFAS
VGNVSKNSTNMSEADKRAMFAKLEEEMTTYAYYYTGIGAGVLIVAYIQVSFWCLAAGRQIHKIRQKFFHAIMNQEIGWFD
VHDVGELNTRLTDDVSKINEGIGDKIGMFFQAMATFFGGFIIGFTRGWKLTLVILAISPVLGLSAGIWAKILSSFTDKEL
HAYAKAGAVAEEVLAAIRTVIAFGGQKKELERYNNNLEEAKRLGIKKAITANISMGAAFLLIYASYALAFWYGTSLVISK
EYSIGQVLTVFFSVLIGAFSVGQASPNIEAFANARGAAYEVFKIIDNKPSIDSFSKSGHKPDNIQGNLEFKNIHFSYPSR
KEVQILKGLNLKVKSGQTVALVGNSGCGKSTTVQLMQRLYDPLDGMVSIDGQDIRTINVRYLREIIGVVSQEPVLFATTI
AENIRYGREDVTMDEIEKAVKEANAYDFIMKLPHQFDTLVGERGAQLSGGQKQRIAIARALVRNPKILLLDEATSALDTE
SEAVVQAALDKAREGRTTIVIAHRLSTVRNADVIAGFDGGVIVEQGNHDELMREKGIYFKLVMTQTAGNEIELGNEACKS
KDEIDNLDMSSKDSGSSLIRRRSTRKSICGPHDQDRKLSTKEALDEDVPPASFWRILKLNSTEWPYFVVGIFCAIINGGL
QPAFSVIFSKVVGVFTNGGPPETQRQNSNLFSLLFLILGIISFITFFLQGFTFGKAGEILTKRLRYMVFKSMLRQDVSWF
DDPKNTTGALTTRLANDAAQVKGATGSRLAVIFQNIANLGTGIIISLIYGWQLTLLLLAIVPIIAIAGVVEMKMLSGQAL
KDKKELEGSGKIATEAIENFRTVVSLTREQKFETMYAQSLQIPYRNAMKKAHVFGITFSFTQAMMYFSYAACFRFGAYLV
TQQLMTFENVLLVFSAIVFGAMAVGQVSSFAPDYAKATVSASHIIRIIEKTPEIDSYSTQGLKPNMLEGNVQFSGVVFNY
PTRPSIPVLQGLSLEVKKGQTLALVGSSGCGKSTVVQLLERFYDPMAGSVFLDGKEIKQLNVQWLRAQLGIVSQEPILFD
CSIAENIAYGDNSRVVSYEEIVRAAKEANIHQFIDSLPDKYNTRVGDKGTQLSGGQKQRIAIARALVRQPHILLLDEATS
ALDTESEKVVQEALDKAREGRTCIVIAHRLSTIQNADLIVVIQNGKVKEHGTHQQLLAQKGIYFSMVSVQAGAKRSLEHH
HHHH
;
A
2 'polypeptide(L)'
;QVQLQESGGGLVQAGGSLRLSCAASGRTFNSAVMGWFRQAPGKERQFVATIDWSGEYTYYADSVKGRFTISRDNAKNTVY
LQMTSLKPEDTALYYCAARLTLGQFDYWGQGTQVTVSSHHHHHH
;
B
#
# COMPACT_ATOMS: atom_id res chain seq x y z
N VAL A 33 25.71 1.47 -24.46
CA VAL A 33 24.92 0.39 -25.02
C VAL A 33 23.50 0.34 -24.44
N SER A 34 23.10 -0.81 -23.89
CA SER A 34 21.75 -1.00 -23.34
C SER A 34 21.42 0.03 -22.27
N VAL A 35 22.46 0.56 -21.63
CA VAL A 35 22.29 1.56 -20.58
C VAL A 35 21.74 2.86 -21.16
N LEU A 36 22.39 3.38 -22.19
CA LEU A 36 22.10 4.72 -22.71
C LEU A 36 21.36 4.69 -24.05
N THR A 37 21.98 4.10 -25.07
CA THR A 37 21.47 4.13 -26.44
C THR A 37 19.99 3.76 -26.55
N MET A 38 19.58 2.70 -25.86
CA MET A 38 18.19 2.26 -25.85
C MET A 38 17.31 3.26 -25.11
N PHE A 39 17.84 3.78 -24.01
CA PHE A 39 17.16 4.81 -23.22
C PHE A 39 16.80 6.00 -24.11
N ARG A 40 17.72 6.36 -25.00
CA ARG A 40 17.54 7.45 -25.96
C ARG A 40 17.08 7.01 -27.36
N TYR A 41 16.74 5.74 -27.53
CA TYR A 41 16.65 5.12 -28.86
C TYR A 41 15.62 5.76 -29.80
N ALA A 42 15.83 5.50 -31.09
CA ALA A 42 15.08 6.07 -32.20
C ALA A 42 15.13 7.59 -32.22
N GLY A 43 14.02 8.22 -32.57
CA GLY A 43 13.94 9.68 -32.58
C GLY A 43 14.95 10.28 -33.54
N TRP A 44 14.87 9.90 -34.82
CA TRP A 44 15.81 10.35 -35.85
C TRP A 44 15.99 11.87 -35.88
N LEU A 45 14.90 12.61 -36.04
CA LEU A 45 14.96 14.08 -35.98
C LEU A 45 14.90 14.56 -34.54
N ASP A 46 14.42 13.68 -33.67
CA ASP A 46 14.33 13.96 -32.24
C ASP A 46 15.73 14.07 -31.66
N ARG A 47 16.60 13.14 -32.02
CA ARG A 47 17.99 13.15 -31.56
C ARG A 47 18.70 14.43 -32.02
N LEU A 48 18.31 14.89 -33.21
CA LEU A 48 18.87 16.10 -33.81
C LEU A 48 18.46 17.34 -33.04
N TYR A 49 17.16 17.47 -32.77
CA TYR A 49 16.70 18.61 -31.98
C TYR A 49 17.24 18.48 -30.56
N MET A 50 17.45 17.25 -30.10
CA MET A 50 18.01 16.99 -28.78
C MET A 50 19.39 17.62 -28.70
N LEU A 51 20.10 17.57 -29.83
CA LEU A 51 21.43 18.18 -29.88
C LEU A 51 21.36 19.70 -30.04
N VAL A 52 20.39 20.20 -30.81
CA VAL A 52 20.22 21.65 -30.95
C VAL A 52 19.91 22.29 -29.59
N GLY A 53 18.98 21.68 -28.88
CA GLY A 53 18.61 22.08 -27.54
C GLY A 53 19.76 21.98 -26.56
N THR A 54 20.50 20.87 -26.64
CA THR A 54 21.70 20.74 -25.82
C THR A 54 22.66 21.91 -26.03
N LEU A 55 22.96 22.20 -27.30
CA LEU A 55 23.85 23.32 -27.64
C LEU A 55 23.35 24.64 -27.05
N ALA A 56 22.04 24.85 -27.15
CA ALA A 56 21.48 26.09 -26.61
C ALA A 56 21.59 26.10 -25.09
N ALA A 57 21.57 24.92 -24.48
CA ALA A 57 21.72 24.83 -23.03
C ALA A 57 23.14 25.23 -22.66
N ILE A 58 24.10 24.81 -23.50
CA ILE A 58 25.49 25.16 -23.29
C ILE A 58 25.64 26.67 -23.32
N ILE A 59 25.22 27.30 -24.42
CA ILE A 59 25.42 28.76 -24.52
C ILE A 59 24.58 29.52 -23.49
N HIS A 60 23.53 28.89 -22.98
CA HIS A 60 22.76 29.46 -21.88
C HIS A 60 23.58 29.53 -20.61
N GLY A 61 24.16 28.38 -20.23
CA GLY A 61 24.99 28.35 -19.03
C GLY A 61 26.21 29.25 -19.19
N VAL A 62 26.74 29.30 -20.40
CA VAL A 62 27.88 30.16 -20.72
C VAL A 62 27.52 31.63 -20.53
N ALA A 63 26.28 31.98 -20.85
CA ALA A 63 25.83 33.37 -20.80
C ALA A 63 25.92 34.02 -19.40
N LEU A 64 25.64 33.25 -18.36
CA LEU A 64 25.56 33.80 -16.99
C LEU A 64 26.88 34.42 -16.48
N PRO A 65 28.02 33.69 -16.59
CA PRO A 65 29.25 34.35 -16.15
C PRO A 65 29.65 35.53 -17.04
N LEU A 66 29.29 35.46 -18.32
CA LEU A 66 29.50 36.58 -19.23
C LEU A 66 28.72 37.80 -18.74
N MET A 67 27.52 37.56 -18.23
CA MET A 67 26.72 38.61 -17.63
C MET A 67 27.43 39.17 -16.41
N MET A 68 28.11 38.30 -15.68
CA MET A 68 28.88 38.72 -14.52
C MET A 68 30.27 39.23 -14.90
N LEU A 69 30.74 38.83 -16.09
CA LEU A 69 31.96 39.40 -16.63
C LEU A 69 31.71 40.87 -16.94
N ILE A 70 30.52 41.14 -17.46
CA ILE A 70 30.05 42.49 -17.71
C ILE A 70 30.02 43.28 -16.41
N PHE A 71 29.64 42.60 -15.33
CA PHE A 71 29.53 43.21 -14.02
C PHE A 71 30.88 43.74 -13.55
N GLY A 72 31.96 43.08 -13.95
CA GLY A 72 33.29 43.54 -13.59
C GLY A 72 33.70 44.71 -14.45
N ASP A 73 33.35 44.65 -15.74
CA ASP A 73 33.67 45.71 -16.68
C ASP A 73 32.97 47.02 -16.30
N MET A 74 31.71 46.91 -15.93
CA MET A 74 30.95 48.08 -15.48
C MET A 74 31.51 48.57 -14.14
N THR A 75 32.01 47.64 -13.34
CA THR A 75 32.62 47.95 -12.05
C THR A 75 33.94 48.67 -12.27
N ASP A 76 34.71 48.19 -13.24
CA ASP A 76 36.04 48.70 -13.54
C ASP A 76 36.03 50.17 -13.89
N SER A 77 35.27 50.52 -14.92
CA SER A 77 35.17 51.91 -15.36
C SER A 77 34.62 52.79 -14.25
N PHE A 78 33.56 52.33 -13.61
CA PHE A 78 32.96 53.05 -12.48
C PHE A 78 33.92 53.27 -11.32
N ALA A 79 34.80 52.29 -11.10
CA ALA A 79 35.81 52.41 -10.04
C ALA A 79 36.85 53.48 -10.36
N SER A 80 37.39 53.43 -11.57
CA SER A 80 38.34 54.43 -12.04
C SER A 80 37.74 55.83 -11.98
N VAL A 81 36.45 55.93 -12.27
CA VAL A 81 35.71 57.18 -12.18
C VAL A 81 35.59 57.68 -10.75
N GLY A 82 35.27 56.77 -9.83
CA GLY A 82 35.13 57.13 -8.43
C GLY A 82 36.44 57.56 -7.79
N ASN A 83 37.54 56.97 -8.23
CA ASN A 83 38.85 57.29 -7.69
C ASN A 83 39.26 58.73 -7.95
N VAL A 84 38.90 59.26 -9.11
CA VAL A 84 39.19 60.64 -9.46
C VAL A 84 38.18 61.62 -8.85
N SER A 85 36.97 61.15 -8.58
CA SER A 85 35.92 62.02 -8.05
C SER A 85 36.19 62.48 -6.62
N LYS A 86 36.73 61.59 -5.80
CA LYS A 86 37.08 61.95 -4.42
C LYS A 86 38.48 62.59 -4.37
N ASN A 87 39.22 62.48 -5.46
CA ASN A 87 40.62 62.89 -5.48
C ASN A 87 40.74 64.37 -5.81
N SER A 88 39.59 65.03 -5.91
CA SER A 88 39.53 66.38 -6.44
C SER A 88 39.93 67.43 -5.40
N THR A 89 38.95 67.82 -4.57
CA THR A 89 39.11 68.89 -3.58
C THR A 89 39.80 70.12 -4.17
N ASN A 90 39.65 70.28 -5.48
CA ASN A 90 40.25 71.36 -6.24
C ASN A 90 39.32 71.74 -7.39
N MET A 91 39.20 70.80 -8.32
CA MET A 91 38.39 70.95 -9.52
C MET A 91 37.08 70.19 -9.37
N SER A 92 36.02 70.73 -9.96
CA SER A 92 34.70 70.13 -9.86
C SER A 92 34.18 69.77 -11.26
N GLU A 93 34.06 70.79 -12.11
CA GLU A 93 33.60 70.65 -13.49
C GLU A 93 34.30 69.55 -14.31
N ALA A 94 35.58 69.30 -14.02
CA ALA A 94 36.31 68.23 -14.72
C ALA A 94 35.71 66.86 -14.43
N ASP A 95 35.35 66.64 -13.16
CA ASP A 95 34.67 65.41 -12.77
C ASP A 95 33.31 65.37 -13.46
N LYS A 96 32.78 66.55 -13.75
CA LYS A 96 31.49 66.65 -14.43
C LYS A 96 31.67 66.32 -15.90
N ARG A 97 32.92 66.38 -16.37
CA ARG A 97 33.21 66.14 -17.78
C ARG A 97 33.59 64.68 -18.05
N ALA A 98 34.79 64.31 -17.60
CA ALA A 98 35.34 62.99 -17.93
C ALA A 98 34.58 61.83 -17.29
N MET A 99 34.28 61.96 -15.99
CA MET A 99 33.60 60.90 -15.25
C MET A 99 32.22 60.61 -15.86
N PHE A 100 31.57 61.67 -16.33
CA PHE A 100 30.26 61.54 -16.95
C PHE A 100 30.39 61.02 -18.36
N ALA A 101 31.51 61.33 -19.01
CA ALA A 101 31.77 60.82 -20.35
C ALA A 101 31.85 59.28 -20.26
N LYS A 102 32.69 58.82 -19.34
CA LYS A 102 32.86 57.39 -19.08
C LYS A 102 31.56 56.73 -18.65
N LEU A 103 30.80 57.38 -17.78
CA LEU A 103 29.51 56.87 -17.33
C LEU A 103 28.52 56.72 -18.47
N GLU A 104 28.47 57.72 -19.35
CA GLU A 104 27.63 57.67 -20.54
C GLU A 104 28.04 56.53 -21.50
N GLU A 105 29.35 56.35 -21.66
CA GLU A 105 29.86 55.24 -22.45
C GLU A 105 29.48 53.90 -21.85
N GLU A 106 29.54 53.81 -20.53
CA GLU A 106 29.16 52.59 -19.84
C GLU A 106 27.67 52.34 -19.98
N MET A 107 26.87 53.40 -19.97
CA MET A 107 25.42 53.28 -20.21
C MET A 107 25.14 52.77 -21.62
N THR A 108 25.98 53.21 -22.55
CA THR A 108 25.92 52.76 -23.94
C THR A 108 26.22 51.27 -24.01
N THR A 109 27.16 50.82 -23.18
CA THR A 109 27.48 49.40 -23.15
C THR A 109 26.34 48.60 -22.48
N TYR A 110 25.83 49.16 -21.38
CA TYR A 110 24.73 48.58 -20.60
C TYR A 110 23.56 48.21 -21.48
N ALA A 111 23.20 49.15 -22.35
CA ALA A 111 22.08 48.97 -23.25
C ALA A 111 22.28 47.75 -24.15
N TYR A 112 23.51 47.56 -24.63
CA TYR A 112 23.79 46.42 -25.50
C TYR A 112 23.99 45.15 -24.67
N TYR A 113 24.06 45.35 -23.35
CA TYR A 113 24.36 44.26 -22.43
C TYR A 113 23.12 43.52 -21.98
N TYR A 114 22.23 44.20 -21.27
CA TYR A 114 20.99 43.56 -20.84
C TYR A 114 20.25 42.99 -22.05
N THR A 115 20.26 43.74 -23.16
CA THR A 115 19.61 43.32 -24.39
C THR A 115 20.29 42.10 -25.01
N GLY A 116 21.60 42.25 -25.20
CA GLY A 116 22.42 41.21 -25.80
C GLY A 116 22.36 39.87 -25.10
N ILE A 117 22.33 39.89 -23.77
CA ILE A 117 22.19 38.66 -23.00
C ILE A 117 20.74 38.21 -22.94
N GLY A 118 19.84 39.16 -22.77
CA GLY A 118 18.42 38.87 -22.63
C GLY A 118 17.72 38.16 -23.78
N ALA A 119 17.86 38.68 -25.00
CA ALA A 119 17.27 38.00 -26.14
C ALA A 119 17.82 36.58 -26.34
N GLY A 120 19.10 36.43 -26.02
CA GLY A 120 19.76 35.15 -26.11
C GLY A 120 19.20 34.16 -25.11
N VAL A 121 19.19 34.53 -23.84
CA VAL A 121 18.73 33.62 -22.81
C VAL A 121 17.24 33.34 -22.96
N LEU A 122 16.52 34.25 -23.61
CA LEU A 122 15.09 34.05 -23.83
C LEU A 122 14.89 32.94 -24.86
N ILE A 123 15.57 33.08 -26.00
CA ILE A 123 15.41 32.11 -27.08
C ILE A 123 15.91 30.75 -26.61
N VAL A 124 17.14 30.71 -26.12
CA VAL A 124 17.75 29.45 -25.74
C VAL A 124 16.98 28.81 -24.57
N ALA A 125 16.27 29.63 -23.80
CA ALA A 125 15.42 29.07 -22.74
C ALA A 125 14.26 28.32 -23.36
N TYR A 126 13.55 28.98 -24.26
CA TYR A 126 12.43 28.30 -24.92
C TYR A 126 12.87 27.01 -25.62
N ILE A 127 14.08 27.02 -26.18
CA ILE A 127 14.64 25.83 -26.81
C ILE A 127 14.94 24.71 -25.79
N GLN A 128 15.65 25.05 -24.73
CA GLN A 128 16.05 24.04 -23.76
C GLN A 128 14.83 23.44 -23.07
N VAL A 129 13.72 24.18 -23.03
CA VAL A 129 12.50 23.59 -22.47
C VAL A 129 11.83 22.73 -23.54
N SER A 130 12.03 23.13 -24.80
CA SER A 130 11.50 22.32 -25.90
C SER A 130 12.14 20.94 -25.83
N PHE A 131 13.36 20.87 -25.29
CA PHE A 131 13.98 19.58 -25.01
C PHE A 131 13.11 18.79 -24.02
N TRP A 132 12.68 19.45 -22.94
CA TRP A 132 11.87 18.84 -21.88
C TRP A 132 10.60 18.26 -22.42
N CYS A 133 10.06 18.87 -23.48
CA CYS A 133 8.79 18.38 -23.99
C CYS A 133 8.86 17.63 -25.31
N LEU A 134 9.17 18.32 -26.41
CA LEU A 134 9.09 17.72 -27.74
C LEU A 134 9.80 16.36 -27.93
N ALA A 135 10.98 16.20 -27.34
CA ALA A 135 11.70 14.92 -27.41
C ALA A 135 11.08 13.83 -26.52
N ALA A 136 10.77 14.20 -25.29
CA ALA A 136 10.21 13.27 -24.32
C ALA A 136 8.85 12.78 -24.78
N GLY A 137 8.08 13.65 -25.41
CA GLY A 137 6.75 13.30 -25.86
C GLY A 137 6.77 12.13 -26.82
N ARG A 138 7.56 12.25 -27.88
CA ARG A 138 7.65 11.20 -28.90
C ARG A 138 8.36 9.95 -28.38
N GLN A 139 9.32 10.15 -27.48
CA GLN A 139 10.04 9.01 -26.94
C GLN A 139 9.10 8.19 -26.07
N ILE A 140 8.46 8.86 -25.12
CA ILE A 140 7.52 8.23 -24.20
C ILE A 140 6.34 7.62 -24.96
N HIS A 141 5.79 8.32 -25.93
CA HIS A 141 4.72 7.78 -26.75
C HIS A 141 5.11 6.49 -27.49
N LYS A 142 6.37 6.44 -27.92
CA LYS A 142 6.88 5.24 -28.58
C LYS A 142 7.09 4.09 -27.59
N ILE A 143 7.62 4.44 -26.42
CA ILE A 143 7.81 3.51 -25.33
C ILE A 143 6.47 2.91 -24.91
N ARG A 144 5.48 3.78 -24.71
CA ARG A 144 4.17 3.35 -24.25
C ARG A 144 3.55 2.40 -25.26
N GLN A 145 3.59 2.77 -26.55
CA GLN A 145 2.96 1.92 -27.56
C GLN A 145 3.65 0.55 -27.69
N LYS A 146 4.97 0.54 -27.56
CA LYS A 146 5.71 -0.71 -27.67
C LYS A 146 5.56 -1.57 -26.43
N PHE A 147 5.61 -0.93 -25.26
CA PHE A 147 5.43 -1.59 -23.98
C PHE A 147 4.06 -2.25 -23.92
N PHE A 148 3.05 -1.43 -24.19
CA PHE A 148 1.66 -1.87 -24.22
C PHE A 148 1.44 -2.99 -25.23
N HIS A 149 2.23 -3.01 -26.29
CA HIS A 149 2.11 -4.10 -27.26
C HIS A 149 2.82 -5.38 -26.79
N ALA A 150 4.02 -5.22 -26.24
CA ALA A 150 4.85 -6.33 -25.82
C ALA A 150 4.26 -7.08 -24.63
N ILE A 151 3.59 -6.35 -23.74
CA ILE A 151 2.96 -6.99 -22.59
C ILE A 151 1.95 -8.03 -23.04
N MET A 152 1.05 -7.62 -23.92
CA MET A 152 0.07 -8.53 -24.49
C MET A 152 0.75 -9.56 -25.38
N ASN A 153 1.96 -9.24 -25.81
CA ASN A 153 2.71 -10.13 -26.69
C ASN A 153 3.53 -11.17 -25.92
N GLN A 154 3.58 -11.06 -24.59
CA GLN A 154 4.26 -12.06 -23.77
C GLN A 154 3.39 -13.29 -23.54
N GLU A 155 2.08 -13.09 -23.69
CA GLU A 155 1.07 -14.13 -23.53
C GLU A 155 1.16 -14.91 -22.20
N ILE A 156 1.40 -16.21 -22.31
CA ILE A 156 1.39 -17.14 -21.19
C ILE A 156 2.24 -16.71 -19.98
N GLY A 157 3.42 -16.15 -20.28
CA GLY A 157 4.41 -15.87 -19.26
C GLY A 157 3.89 -15.12 -18.04
N TRP A 158 3.02 -14.13 -18.26
CA TRP A 158 2.53 -13.34 -17.14
C TRP A 158 1.70 -14.21 -16.21
N PHE A 159 1.05 -15.23 -16.77
CA PHE A 159 0.25 -16.12 -15.95
C PHE A 159 1.17 -17.09 -15.26
N ASP A 160 2.28 -17.40 -15.92
CA ASP A 160 3.30 -18.26 -15.34
C ASP A 160 3.96 -17.64 -14.11
N VAL A 161 4.26 -16.33 -14.17
CA VAL A 161 5.07 -15.70 -13.13
C VAL A 161 4.78 -14.23 -12.81
N HIS A 162 5.59 -13.72 -11.88
CA HIS A 162 5.55 -12.37 -11.34
C HIS A 162 4.23 -11.88 -10.71
N ASP A 163 3.99 -10.59 -10.83
CA ASP A 163 2.92 -9.92 -10.08
C ASP A 163 1.60 -9.55 -10.79
N VAL A 164 1.60 -9.52 -12.12
CA VAL A 164 0.38 -9.34 -12.94
C VAL A 164 -0.55 -8.20 -12.47
N GLY A 165 0.01 -7.00 -12.33
CA GLY A 165 -0.69 -5.90 -11.69
C GLY A 165 0.17 -4.99 -10.84
N GLU A 166 0.93 -5.56 -9.92
CA GLU A 166 1.85 -4.77 -9.10
C GLU A 166 3.01 -4.43 -10.02
N LEU A 167 3.26 -5.36 -10.93
CA LEU A 167 4.27 -5.23 -11.95
C LEU A 167 3.93 -4.09 -12.90
N ASN A 168 2.72 -4.11 -13.44
CA ASN A 168 2.32 -3.08 -14.41
C ASN A 168 2.08 -1.75 -13.71
N THR A 169 2.03 -1.77 -12.39
CA THR A 169 1.91 -0.56 -11.59
C THR A 169 3.28 0.11 -11.56
N ARG A 170 4.24 -0.60 -10.95
CA ARG A 170 5.59 -0.09 -10.81
C ARG A 170 6.21 0.25 -12.15
N LEU A 171 5.93 -0.56 -13.17
CA LEU A 171 6.48 -0.34 -14.50
C LEU A 171 6.05 1.01 -15.09
N THR A 172 4.77 1.34 -14.92
CA THR A 172 4.25 2.62 -15.40
C THR A 172 4.74 3.75 -14.52
N ASP A 173 5.15 3.42 -13.30
CA ASP A 173 5.77 4.44 -12.46
C ASP A 173 7.19 4.69 -12.95
N ASP A 174 7.83 3.63 -13.47
CA ASP A 174 9.18 3.75 -14.03
C ASP A 174 9.16 4.55 -15.32
N VAL A 175 8.14 4.32 -16.14
CA VAL A 175 8.04 5.05 -17.40
C VAL A 175 7.67 6.49 -17.03
N SER A 176 7.06 6.66 -15.87
CA SER A 176 6.77 8.01 -15.37
C SER A 176 8.09 8.67 -14.98
N LYS A 177 9.00 7.88 -14.42
CA LYS A 177 10.34 8.35 -14.04
C LYS A 177 11.18 8.74 -15.24
N ILE A 178 10.90 8.10 -16.39
CA ILE A 178 11.63 8.38 -17.61
C ILE A 178 11.45 9.82 -18.07
N ASN A 179 10.23 10.33 -17.96
CA ASN A 179 9.95 11.73 -18.30
C ASN A 179 10.85 12.68 -17.49
N GLU A 180 11.13 12.30 -16.25
CA GLU A 180 12.05 13.06 -15.41
C GLU A 180 13.50 12.81 -15.82
N GLY A 181 13.76 11.63 -16.39
CA GLY A 181 15.11 11.28 -16.78
C GLY A 181 15.58 11.89 -18.09
N ILE A 182 14.72 11.89 -19.10
CA ILE A 182 15.09 12.42 -20.41
C ILE A 182 14.68 13.88 -20.63
N GLY A 183 14.11 14.50 -19.62
CA GLY A 183 13.66 15.88 -19.74
C GLY A 183 14.77 16.91 -19.69
N ASP A 184 14.39 18.17 -19.46
CA ASP A 184 15.33 19.29 -19.46
C ASP A 184 16.32 19.21 -18.31
N LYS A 185 16.12 18.24 -17.43
CA LYS A 185 17.06 17.97 -16.35
C LYS A 185 18.45 17.84 -16.94
N ILE A 186 18.53 17.16 -18.08
CA ILE A 186 19.77 17.07 -18.86
C ILE A 186 20.23 18.44 -19.39
N GLY A 187 19.27 19.21 -19.90
CA GLY A 187 19.56 20.56 -20.38
C GLY A 187 20.06 21.47 -19.28
N MET A 188 19.46 21.35 -18.11
CA MET A 188 19.90 22.07 -16.93
C MET A 188 21.28 21.58 -16.52
N PHE A 189 21.53 20.28 -16.71
CA PHE A 189 22.80 19.66 -16.37
C PHE A 189 23.93 20.27 -17.21
N PHE A 190 23.73 20.34 -18.52
CA PHE A 190 24.72 20.95 -19.40
C PHE A 190 24.84 22.45 -19.14
N GLN A 191 23.73 23.09 -18.81
CA GLN A 191 23.75 24.51 -18.47
C GLN A 191 24.69 24.75 -17.29
N ALA A 192 24.52 23.87 -16.29
CA ALA A 192 25.30 23.92 -15.07
C ALA A 192 26.77 23.73 -15.39
N MET A 193 27.07 22.70 -16.17
CA MET A 193 28.46 22.44 -16.55
C MET A 193 29.06 23.60 -17.33
N ALA A 194 28.24 24.27 -18.13
CA ALA A 194 28.67 25.45 -18.87
C ALA A 194 29.05 26.57 -17.91
N THR A 195 28.28 26.72 -16.83
CA THR A 195 28.62 27.70 -15.79
C THR A 195 29.81 27.31 -14.93
N PHE A 196 30.03 26.01 -14.80
CA PHE A 196 31.12 25.48 -13.99
C PHE A 196 32.42 25.55 -14.75
N PHE A 197 32.55 24.72 -15.77
CA PHE A 197 33.77 24.65 -16.56
C PHE A 197 34.00 25.99 -17.25
N GLY A 198 32.94 26.60 -17.77
CA GLY A 198 33.07 27.90 -18.42
C GLY A 198 33.39 28.99 -17.42
N GLY A 199 32.90 28.86 -16.19
CA GLY A 199 33.22 29.83 -15.16
C GLY A 199 34.71 29.78 -14.81
N PHE A 200 35.17 28.57 -14.49
CA PHE A 200 36.55 28.38 -14.09
C PHE A 200 37.51 28.72 -15.22
N ILE A 201 37.09 28.55 -16.48
CA ILE A 201 37.93 28.98 -17.58
C ILE A 201 38.33 30.44 -17.41
N ILE A 202 37.32 31.30 -17.25
CA ILE A 202 37.54 32.74 -17.06
C ILE A 202 38.31 33.04 -15.78
N GLY A 203 38.00 32.28 -14.73
CA GLY A 203 38.68 32.49 -13.46
C GLY A 203 40.17 32.27 -13.61
N PHE A 204 40.54 31.08 -14.09
CA PHE A 204 41.93 30.71 -14.28
C PHE A 204 42.65 31.66 -15.24
N THR A 205 42.00 31.98 -16.36
CA THR A 205 42.57 32.92 -17.32
C THR A 205 42.89 34.30 -16.75
N ARG A 206 42.01 34.85 -15.92
CA ARG A 206 42.24 36.19 -15.40
C ARG A 206 43.07 36.24 -14.11
N GLY A 207 43.31 35.07 -13.52
CA GLY A 207 44.44 34.90 -12.63
C GLY A 207 44.45 33.50 -12.07
N TRP A 208 45.63 33.00 -11.74
CA TRP A 208 45.74 31.65 -11.22
C TRP A 208 45.87 31.60 -9.70
N LYS A 209 46.01 32.75 -9.04
CA LYS A 209 46.21 32.75 -7.60
C LYS A 209 44.88 32.56 -6.92
N LEU A 210 44.00 33.56 -7.05
CA LEU A 210 42.68 33.52 -6.43
C LEU A 210 42.01 32.17 -6.66
N THR A 211 42.24 31.62 -7.85
CA THR A 211 41.76 30.27 -8.18
C THR A 211 42.28 29.31 -7.13
N LEU A 212 43.60 29.32 -6.92
CA LEU A 212 44.24 28.43 -5.94
C LEU A 212 43.64 28.60 -4.56
N VAL A 213 43.42 29.85 -4.13
CA VAL A 213 42.79 30.09 -2.83
C VAL A 213 41.39 29.49 -2.70
N ILE A 214 40.53 29.74 -3.68
CA ILE A 214 39.19 29.17 -3.69
C ILE A 214 39.21 27.63 -3.79
N LEU A 215 40.16 27.12 -4.55
CA LEU A 215 40.37 25.69 -4.68
C LEU A 215 40.83 25.14 -3.35
N ALA A 216 41.50 25.98 -2.57
CA ALA A 216 41.99 25.58 -1.26
C ALA A 216 40.82 25.53 -0.29
N ILE A 217 39.84 26.41 -0.49
CA ILE A 217 38.71 26.47 0.43
C ILE A 217 37.67 25.43 0.02
N SER A 218 37.81 24.91 -1.20
CA SER A 218 36.89 23.90 -1.71
C SER A 218 36.86 22.63 -0.84
N PRO A 219 38.02 22.03 -0.54
CA PRO A 219 37.92 20.85 0.32
C PRO A 219 37.48 21.25 1.72
N VAL A 220 37.87 22.45 2.14
CA VAL A 220 37.52 22.98 3.45
C VAL A 220 36.01 23.16 3.59
N LEU A 221 35.38 23.74 2.58
CA LEU A 221 33.92 23.86 2.56
C LEU A 221 33.31 22.47 2.40
N GLY A 222 34.04 21.60 1.72
CA GLY A 222 33.64 20.21 1.58
C GLY A 222 33.95 19.44 2.85
N LEU A 223 34.90 19.94 3.64
CA LEU A 223 35.27 19.31 4.90
C LEU A 223 34.21 19.52 5.97
N SER A 224 33.73 20.76 6.10
CA SER A 224 32.69 21.08 7.07
C SER A 224 31.39 20.35 6.78
N ALA A 225 31.02 20.28 5.50
CA ALA A 225 29.82 19.56 5.07
C ALA A 225 30.00 18.05 5.27
N GLY A 226 31.24 17.62 5.38
CA GLY A 226 31.55 16.23 5.66
C GLY A 226 31.25 15.91 7.11
N ILE A 227 31.45 16.89 7.97
CA ILE A 227 31.12 16.76 9.38
C ILE A 227 29.62 16.56 9.51
N TRP A 228 28.89 17.25 8.65
CA TRP A 228 27.42 17.19 8.64
C TRP A 228 26.92 15.77 8.43
N ALA A 229 27.35 15.15 7.33
CA ALA A 229 26.90 13.80 6.99
C ALA A 229 27.24 12.76 8.05
N LYS A 230 28.41 12.91 8.68
CA LYS A 230 28.80 12.01 9.75
C LYS A 230 27.92 12.17 10.98
N ILE A 231 27.64 13.43 11.33
CA ILE A 231 26.83 13.77 12.50
C ILE A 231 25.36 13.36 12.29
N LEU A 232 24.80 13.73 11.15
CA LEU A 232 23.41 13.41 10.82
C LEU A 232 23.17 11.91 10.87
N SER A 233 23.98 11.17 10.14
CA SER A 233 23.84 9.72 10.05
C SER A 233 24.00 9.05 11.41
N SER A 234 24.93 9.55 12.22
CA SER A 234 25.21 8.96 13.53
C SER A 234 24.13 9.27 14.56
N PHE A 235 23.68 10.51 14.59
CA PHE A 235 22.67 10.95 15.56
C PHE A 235 21.27 10.44 15.26
N THR A 236 20.99 10.16 13.99
CA THR A 236 19.71 9.60 13.60
C THR A 236 19.53 8.21 14.20
N ASP A 237 20.54 7.36 14.02
CA ASP A 237 20.49 5.99 14.49
C ASP A 237 20.42 5.90 16.01
N LYS A 238 21.06 6.84 16.69
CA LYS A 238 21.00 6.90 18.15
C LYS A 238 19.59 7.20 18.61
N GLU A 239 18.99 8.23 18.02
CA GLU A 239 17.60 8.59 18.33
C GLU A 239 16.67 7.44 17.95
N LEU A 240 16.94 6.84 16.80
CA LEU A 240 16.19 5.66 16.37
C LEU A 240 16.35 4.51 17.35
N HIS A 241 17.57 4.33 17.83
CA HIS A 241 17.86 3.30 18.83
C HIS A 241 17.17 3.62 20.15
N ALA A 242 17.09 4.91 20.45
CA ALA A 242 16.42 5.38 21.66
C ALA A 242 14.92 5.19 21.54
N TYR A 243 14.35 5.70 20.45
CA TYR A 243 12.90 5.60 20.25
C TYR A 243 12.49 4.16 19.97
N ALA A 244 13.44 3.32 19.55
CA ALA A 244 13.17 1.90 19.34
C ALA A 244 12.67 1.29 20.64
N LYS A 245 13.34 1.65 21.74
CA LYS A 245 12.89 1.25 23.06
C LYS A 245 11.50 1.80 23.34
N ALA A 246 11.31 3.09 23.08
CA ALA A 246 10.00 3.71 23.21
C ALA A 246 9.03 3.08 22.23
N GLY A 247 9.53 2.73 21.06
CA GLY A 247 8.73 2.05 20.05
C GLY A 247 8.41 0.63 20.47
N ALA A 248 9.40 -0.06 21.03
CA ALA A 248 9.21 -1.43 21.47
C ALA A 248 8.20 -1.46 22.60
N VAL A 249 8.33 -0.52 23.54
CA VAL A 249 7.37 -0.39 24.63
C VAL A 249 5.99 -0.10 24.03
N ALA A 250 5.93 0.82 23.08
CA ALA A 250 4.67 1.11 22.40
C ALA A 250 4.23 -0.07 21.55
N GLU A 251 5.20 -0.87 21.09
CA GLU A 251 4.90 -2.01 20.24
C GLU A 251 4.12 -3.08 20.99
N GLU A 252 4.68 -3.56 22.09
CA GLU A 252 4.07 -4.65 22.84
C GLU A 252 2.84 -4.20 23.64
N VAL A 253 2.92 -3.02 24.27
CA VAL A 253 1.82 -2.50 25.08
C VAL A 253 0.52 -2.41 24.30
N LEU A 254 0.58 -1.82 23.11
CA LEU A 254 -0.59 -1.67 22.27
C LEU A 254 -1.09 -3.02 21.76
N ALA A 255 -0.19 -4.00 21.66
CA ALA A 255 -0.58 -5.36 21.34
C ALA A 255 -1.12 -6.08 22.57
N ALA A 256 -0.59 -5.71 23.73
CA ALA A 256 -0.98 -6.31 24.99
C ALA A 256 -2.07 -5.50 25.68
N ILE A 257 -2.61 -4.52 24.95
CA ILE A 257 -3.60 -3.60 25.51
C ILE A 257 -4.71 -4.29 26.31
N ARG A 258 -5.23 -5.41 25.81
CA ARG A 258 -6.28 -6.12 26.53
C ARG A 258 -5.74 -6.72 27.82
N THR A 259 -4.47 -7.11 27.79
CA THR A 259 -3.79 -7.66 28.95
C THR A 259 -3.47 -6.58 29.97
N VAL A 260 -2.83 -5.50 29.55
CA VAL A 260 -2.45 -4.46 30.50
C VAL A 260 -3.72 -3.89 31.10
N ILE A 261 -4.76 -3.74 30.28
CA ILE A 261 -6.06 -3.26 30.76
C ILE A 261 -6.58 -4.18 31.85
N ALA A 262 -6.62 -5.48 31.55
CA ALA A 262 -7.15 -6.44 32.51
C ALA A 262 -6.37 -6.40 33.82
N PHE A 263 -5.05 -6.26 33.73
CA PHE A 263 -4.22 -6.23 34.93
C PHE A 263 -4.04 -4.82 35.49
N GLY A 264 -4.42 -3.81 34.73
CA GLY A 264 -4.33 -2.43 35.18
C GLY A 264 -2.90 -2.02 35.46
N GLY A 265 -1.98 -2.44 34.59
CA GLY A 265 -0.58 -2.13 34.71
C GLY A 265 -0.18 -0.90 33.92
N GLN A 266 -1.18 -0.07 33.63
CA GLN A 266 -1.01 1.13 32.82
C GLN A 266 0.03 2.12 33.36
N LYS A 267 -0.13 2.57 34.61
CA LYS A 267 0.73 3.63 35.18
C LYS A 267 2.24 3.32 35.18
N LYS A 268 2.58 2.04 35.17
CA LYS A 268 3.98 1.65 35.14
C LYS A 268 4.57 1.83 33.76
N GLU A 269 3.81 1.40 32.74
CA GLU A 269 4.19 1.63 31.37
C GLU A 269 4.22 3.12 31.10
N LEU A 270 3.33 3.84 31.77
CA LEU A 270 3.30 5.30 31.72
C LEU A 270 4.67 5.87 32.11
N GLU A 271 5.14 5.42 33.28
CA GLU A 271 6.39 5.92 33.82
C GLU A 271 7.59 5.54 32.94
N ARG A 272 7.64 4.27 32.52
CA ARG A 272 8.73 3.81 31.69
C ARG A 272 8.77 4.59 30.38
N TYR A 273 7.61 4.79 29.77
CA TYR A 273 7.53 5.52 28.51
C TYR A 273 7.97 6.96 28.70
N ASN A 274 7.84 7.46 29.93
CA ASN A 274 8.36 8.80 30.21
C ASN A 274 9.88 8.79 30.35
N ASN A 275 10.42 7.70 30.87
CA ASN A 275 11.88 7.59 31.05
C ASN A 275 12.56 7.49 29.67
N ASN A 276 12.02 6.61 28.83
CA ASN A 276 12.54 6.43 27.49
C ASN A 276 12.40 7.72 26.69
N LEU A 277 11.32 8.46 26.92
CA LEU A 277 11.18 9.74 26.24
C LEU A 277 12.24 10.72 26.74
N GLU A 278 12.57 10.61 28.02
CA GLU A 278 13.60 11.45 28.63
C GLU A 278 14.96 11.24 27.95
N GLU A 279 15.26 9.98 27.63
CA GLU A 279 16.52 9.68 26.97
C GLU A 279 16.51 10.12 25.51
N ALA A 280 15.42 9.80 24.81
CA ALA A 280 15.30 10.17 23.40
C ALA A 280 15.37 11.69 23.25
N LYS A 281 14.94 12.40 24.30
CA LYS A 281 14.97 13.85 24.25
C LYS A 281 16.41 14.30 24.48
N ARG A 282 17.16 13.59 25.33
CA ARG A 282 18.54 14.05 25.56
C ARG A 282 19.43 13.82 24.33
N LEU A 283 19.12 12.77 23.57
CA LEU A 283 19.86 12.55 22.33
C LEU A 283 19.38 13.54 21.27
N GLY A 284 18.14 13.98 21.42
CA GLY A 284 17.61 14.98 20.51
C GLY A 284 18.32 16.30 20.69
N ILE A 285 18.43 16.75 21.94
CA ILE A 285 19.09 18.03 22.22
C ILE A 285 20.56 17.95 21.83
N LYS A 286 21.25 16.85 22.15
CA LYS A 286 22.65 16.78 21.72
C LYS A 286 22.79 16.84 20.19
N LYS A 287 21.84 16.21 19.50
CA LYS A 287 21.79 16.28 18.04
C LYS A 287 21.64 17.72 17.53
N ALA A 288 20.71 18.46 18.12
CA ALA A 288 20.49 19.84 17.72
C ALA A 288 21.73 20.70 17.98
N ILE A 289 22.33 20.50 19.15
CA ILE A 289 23.56 21.21 19.52
C ILE A 289 24.66 21.01 18.49
N THR A 290 24.99 19.76 18.21
CA THR A 290 26.04 19.44 17.26
C THR A 290 25.69 19.99 15.87
N ALA A 291 24.41 19.90 15.52
CA ALA A 291 23.93 20.38 14.23
C ALA A 291 24.24 21.87 14.05
N ASN A 292 23.84 22.65 15.04
CA ASN A 292 24.08 24.10 15.02
C ASN A 292 25.56 24.41 14.98
N ILE A 293 26.35 23.59 15.67
CA ILE A 293 27.80 23.70 15.63
C ILE A 293 28.32 23.53 14.20
N SER A 294 27.79 22.53 13.51
CA SER A 294 28.18 22.25 12.13
C SER A 294 27.79 23.36 11.16
N MET A 295 26.51 23.73 11.12
CA MET A 295 26.06 24.76 10.19
C MET A 295 26.78 26.09 10.46
N GLY A 296 26.96 26.37 11.75
CA GLY A 296 27.69 27.56 12.15
C GLY A 296 29.13 27.57 11.69
N ALA A 297 29.87 26.50 11.97
CA ALA A 297 31.28 26.46 11.56
C ALA A 297 31.40 26.49 10.04
N ALA A 298 30.49 25.80 9.35
CA ALA A 298 30.46 25.81 7.89
C ALA A 298 30.36 27.23 7.34
N PHE A 299 29.43 28.00 7.89
CA PHE A 299 29.26 29.38 7.42
C PHE A 299 30.44 30.25 7.85
N LEU A 300 31.04 29.93 9.00
CA LEU A 300 32.23 30.64 9.44
C LEU A 300 33.31 30.47 8.39
N LEU A 301 33.60 29.23 8.01
CA LEU A 301 34.61 28.96 7.00
C LEU A 301 34.28 29.58 5.64
N ILE A 302 32.99 29.70 5.34
CA ILE A 302 32.59 30.35 4.08
C ILE A 302 32.90 31.85 4.08
N TYR A 303 32.39 32.56 5.09
CA TYR A 303 32.59 34.01 5.15
C TYR A 303 34.06 34.36 5.40
N ALA A 304 34.73 33.52 6.18
CA ALA A 304 36.15 33.66 6.44
C ALA A 304 36.94 33.54 5.14
N SER A 305 36.70 32.47 4.39
CA SER A 305 37.35 32.30 3.08
C SER A 305 37.05 33.46 2.12
N TYR A 306 35.80 33.92 2.14
CA TYR A 306 35.34 35.04 1.32
C TYR A 306 36.07 36.36 1.66
N ALA A 307 36.29 36.54 2.96
CA ALA A 307 37.02 37.69 3.46
C ALA A 307 38.48 37.57 3.10
N LEU A 308 39.04 36.37 3.19
CA LEU A 308 40.45 36.18 2.87
C LEU A 308 40.68 36.44 1.38
N ALA A 309 39.67 36.08 0.58
CA ALA A 309 39.69 36.32 -0.85
C ALA A 309 39.73 37.81 -1.10
N PHE A 310 39.02 38.56 -0.27
CA PHE A 310 39.02 40.01 -0.45
C PHE A 310 40.28 40.65 0.08
N TRP A 311 40.77 40.20 1.24
CA TRP A 311 41.96 40.76 1.83
C TRP A 311 43.18 40.61 0.91
N TYR A 312 43.31 39.44 0.29
CA TYR A 312 44.38 39.27 -0.68
C TYR A 312 44.06 39.88 -2.05
N GLY A 313 42.77 40.05 -2.35
CA GLY A 313 42.39 40.67 -3.59
C GLY A 313 42.67 42.15 -3.56
N THR A 314 42.51 42.74 -2.37
CA THR A 314 42.76 44.16 -2.15
C THR A 314 44.27 44.32 -2.06
N SER A 315 44.93 43.36 -1.41
CA SER A 315 46.37 43.45 -1.24
C SER A 315 46.98 43.49 -2.62
N LEU A 316 46.27 42.93 -3.61
CA LEU A 316 46.74 42.96 -4.98
C LEU A 316 46.31 44.26 -5.69
N VAL A 317 45.62 45.13 -4.96
CA VAL A 317 45.21 46.43 -5.51
C VAL A 317 46.00 47.62 -4.96
N ILE A 318 45.92 47.85 -3.66
CA ILE A 318 46.50 49.07 -3.08
C ILE A 318 47.99 49.23 -3.40
N SER A 319 48.80 48.27 -3.00
CA SER A 319 50.24 48.37 -3.21
C SER A 319 50.63 47.77 -4.56
N LYS A 320 49.98 46.65 -4.89
CA LYS A 320 50.26 45.88 -6.10
C LYS A 320 49.64 46.45 -7.37
N GLU A 321 48.33 46.69 -7.33
CA GLU A 321 47.57 47.17 -8.51
C GLU A 321 47.52 46.13 -9.63
N TYR A 322 46.78 45.04 -9.40
CA TYR A 322 46.50 44.08 -10.45
C TYR A 322 45.02 44.04 -10.83
N SER A 323 44.17 43.65 -9.88
CA SER A 323 42.74 43.56 -10.12
C SER A 323 42.04 44.85 -9.68
N ILE A 324 41.03 45.25 -10.44
CA ILE A 324 40.26 46.44 -10.11
C ILE A 324 38.98 46.04 -9.34
N GLY A 325 38.84 44.75 -9.07
CA GLY A 325 37.67 44.25 -8.39
C GLY A 325 36.66 43.54 -9.26
N GLN A 326 37.02 43.29 -10.51
CA GLN A 326 36.17 42.59 -11.46
C GLN A 326 36.12 41.11 -11.10
N VAL A 327 37.28 40.50 -11.20
CA VAL A 327 37.46 39.09 -10.89
C VAL A 327 37.17 38.84 -9.42
N LEU A 328 37.40 39.81 -8.56
CA LEU A 328 37.14 39.63 -7.13
C LEU A 328 35.68 39.21 -6.90
N THR A 329 34.75 39.85 -7.61
CA THR A 329 33.33 39.48 -7.61
C THR A 329 33.05 38.26 -8.50
N VAL A 330 33.79 38.16 -9.59
CA VAL A 330 33.56 37.09 -10.56
C VAL A 330 33.91 35.72 -9.99
N PHE A 331 34.92 35.65 -9.14
CA PHE A 331 35.31 34.41 -8.48
C PHE A 331 34.24 33.98 -7.48
N PHE A 332 33.50 34.97 -6.98
CA PHE A 332 32.33 34.69 -6.16
C PHE A 332 31.27 34.12 -7.07
N SER A 333 31.28 34.57 -8.33
CA SER A 333 30.33 34.02 -9.28
C SER A 333 30.76 32.59 -9.61
N VAL A 334 32.05 32.30 -9.46
CA VAL A 334 32.57 30.94 -9.63
C VAL A 334 32.07 30.05 -8.50
N LEU A 335 31.89 30.67 -7.34
CA LEU A 335 31.25 30.00 -6.21
C LEU A 335 29.80 29.69 -6.54
N ILE A 336 29.15 30.63 -7.22
CA ILE A 336 27.79 30.41 -7.71
C ILE A 336 27.76 29.30 -8.76
N GLY A 337 28.85 29.16 -9.52
CA GLY A 337 29.01 28.06 -10.46
C GLY A 337 29.16 26.73 -9.76
N ALA A 338 29.77 26.75 -8.58
CA ALA A 338 29.90 25.52 -7.82
C ALA A 338 28.53 25.18 -7.29
N PHE A 339 27.75 26.22 -6.99
CA PHE A 339 26.39 25.99 -6.52
C PHE A 339 25.58 25.43 -7.69
N SER A 340 25.99 25.78 -8.90
CA SER A 340 25.37 25.25 -10.10
C SER A 340 25.71 23.77 -10.24
N VAL A 341 26.89 23.38 -9.76
CA VAL A 341 27.26 21.96 -9.68
C VAL A 341 26.36 21.23 -8.67
N GLY A 342 26.06 21.95 -7.58
CA GLY A 342 25.13 21.42 -6.60
C GLY A 342 23.73 21.30 -7.14
N GLN A 343 23.38 22.14 -8.11
CA GLN A 343 22.10 22.03 -8.78
C GLN A 343 22.16 20.98 -9.88
N ALA A 344 23.38 20.62 -10.27
CA ALA A 344 23.60 19.65 -11.33
C ALA A 344 23.41 18.23 -10.78
N SER A 345 23.93 18.00 -9.59
CA SER A 345 23.88 16.66 -8.98
C SER A 345 22.48 15.99 -8.98
N PRO A 346 21.42 16.72 -8.60
CA PRO A 346 20.08 16.09 -8.66
C PRO A 346 19.68 15.65 -10.06
N ASN A 347 19.98 16.48 -11.06
CA ASN A 347 19.68 16.16 -12.45
C ASN A 347 20.33 14.86 -12.91
N ILE A 348 21.57 14.62 -12.48
CA ILE A 348 22.23 13.36 -12.75
C ILE A 348 21.51 12.22 -12.03
N GLU A 349 21.21 12.43 -10.75
CA GLU A 349 20.45 11.44 -9.96
C GLU A 349 19.07 11.20 -10.55
N ALA A 350 18.52 12.23 -11.18
CA ALA A 350 17.24 12.11 -11.88
C ALA A 350 17.41 11.27 -13.14
N PHE A 351 18.55 11.45 -13.82
CA PHE A 351 18.86 10.69 -15.03
C PHE A 351 19.26 9.25 -14.71
N ALA A 352 20.16 9.09 -13.75
CA ALA A 352 20.68 7.78 -13.40
C ALA A 352 19.59 6.83 -12.89
N ASN A 353 18.86 7.27 -11.87
CA ASN A 353 17.76 6.48 -11.31
C ASN A 353 16.69 6.16 -12.35
N ALA A 354 16.53 7.06 -13.32
CA ALA A 354 15.63 6.78 -14.43
C ALA A 354 16.27 5.76 -15.36
N ARG A 355 17.57 5.95 -15.61
CA ARG A 355 18.32 5.05 -16.48
C ARG A 355 18.35 3.63 -15.90
N GLY A 356 18.90 3.51 -14.70
CA GLY A 356 19.11 2.22 -14.07
C GLY A 356 17.85 1.40 -13.92
N ALA A 357 16.78 2.05 -13.48
CA ALA A 357 15.51 1.34 -13.29
C ALA A 357 14.89 0.94 -14.63
N ALA A 358 14.98 1.81 -15.63
CA ALA A 358 14.38 1.53 -16.93
C ALA A 358 15.12 0.48 -17.78
N TYR A 359 16.42 0.66 -18.00
CA TYR A 359 17.13 -0.23 -18.92
C TYR A 359 17.15 -1.67 -18.41
N GLU A 360 17.15 -1.82 -17.08
CA GLU A 360 17.14 -3.14 -16.46
C GLU A 360 15.81 -3.84 -16.71
N VAL A 361 14.71 -3.10 -16.60
CA VAL A 361 13.40 -3.66 -16.92
C VAL A 361 13.11 -3.54 -18.42
N PHE A 362 13.91 -2.75 -19.13
CA PHE A 362 13.77 -2.56 -20.58
C PHE A 362 13.92 -3.89 -21.33
N LYS A 363 14.85 -4.71 -20.87
CA LYS A 363 15.04 -6.05 -21.42
C LYS A 363 13.74 -6.83 -21.35
N ILE A 364 12.99 -6.66 -20.26
CA ILE A 364 11.67 -7.25 -20.15
C ILE A 364 10.67 -6.42 -20.95
N ILE A 365 10.77 -5.09 -20.83
CA ILE A 365 9.88 -4.16 -21.53
C ILE A 365 9.74 -4.48 -23.02
N ASP A 366 10.84 -4.38 -23.76
CA ASP A 366 10.79 -4.45 -25.21
C ASP A 366 10.97 -5.84 -25.80
N ASN A 367 11.17 -5.85 -27.12
CA ASN A 367 11.22 -7.02 -27.97
C ASN A 367 10.01 -7.94 -27.88
N LYS A 368 10.24 -9.21 -28.17
CA LYS A 368 9.24 -10.26 -27.98
C LYS A 368 9.86 -11.64 -27.76
N PRO A 369 10.32 -11.93 -26.53
CA PRO A 369 10.90 -13.24 -26.25
C PRO A 369 9.99 -14.36 -26.74
N SER A 370 8.70 -14.25 -26.43
CA SER A 370 7.64 -14.99 -27.13
C SER A 370 7.93 -16.46 -27.38
N ILE A 371 8.02 -16.82 -28.65
CA ILE A 371 8.51 -18.13 -29.06
C ILE A 371 7.68 -19.28 -28.50
N ASP A 372 6.38 -19.05 -28.31
CA ASP A 372 5.47 -20.15 -28.01
C ASP A 372 4.09 -19.81 -28.56
N SER A 373 3.94 -18.56 -28.96
CA SER A 373 2.67 -18.00 -29.43
C SER A 373 2.85 -17.16 -30.70
N PHE A 374 3.58 -16.05 -30.51
CA PHE A 374 3.72 -14.87 -31.38
C PHE A 374 2.40 -14.28 -31.90
N SER A 375 2.46 -13.55 -33.02
CA SER A 375 1.26 -13.15 -33.75
C SER A 375 1.15 -13.61 -35.21
N LYS A 376 2.23 -14.12 -35.77
CA LYS A 376 2.43 -14.01 -37.23
C LYS A 376 2.90 -15.26 -37.96
N SER A 377 2.78 -15.21 -39.29
CA SER A 377 3.21 -16.29 -40.18
C SER A 377 2.60 -17.64 -39.82
N GLY A 378 3.42 -18.68 -39.79
CA GLY A 378 2.97 -20.03 -39.53
C GLY A 378 2.22 -20.56 -40.74
N HIS A 379 1.55 -21.71 -40.58
CA HIS A 379 0.82 -22.31 -41.70
C HIS A 379 -0.68 -22.09 -41.56
N LYS A 380 -1.35 -21.76 -42.66
CA LYS A 380 -2.79 -21.56 -42.64
C LYS A 380 -3.53 -22.76 -43.23
N PRO A 381 -4.14 -23.59 -42.39
CA PRO A 381 -4.97 -24.71 -42.83
C PRO A 381 -6.28 -24.27 -43.48
N ASP A 382 -6.58 -24.78 -44.67
CA ASP A 382 -7.87 -24.52 -45.30
C ASP A 382 -8.85 -25.67 -45.13
N ASN A 383 -8.41 -26.75 -44.48
CA ASN A 383 -9.24 -27.93 -44.33
C ASN A 383 -10.41 -27.69 -43.36
N ILE A 384 -10.33 -26.58 -42.62
CA ILE A 384 -11.44 -25.99 -41.87
C ILE A 384 -12.03 -26.99 -40.85
N GLN A 385 -11.24 -27.96 -40.44
CA GLN A 385 -11.64 -28.92 -39.41
C GLN A 385 -10.41 -29.77 -39.08
N GLY A 386 -10.63 -30.90 -38.42
CA GLY A 386 -9.62 -31.92 -38.27
C GLY A 386 -10.08 -32.82 -37.16
N ASN A 387 -10.11 -34.13 -37.38
CA ASN A 387 -10.36 -35.04 -36.29
C ASN A 387 -9.33 -34.75 -35.19
N LEU A 388 -9.81 -34.41 -34.00
CA LEU A 388 -8.91 -34.11 -32.90
C LEU A 388 -8.18 -35.36 -32.48
N GLU A 389 -6.86 -35.26 -32.31
CA GLU A 389 -6.08 -36.41 -31.89
C GLU A 389 -5.11 -35.99 -30.79
N PHE A 390 -5.20 -36.67 -29.66
CA PHE A 390 -4.27 -36.49 -28.54
C PHE A 390 -3.38 -37.73 -28.42
N LYS A 391 -2.08 -37.54 -28.54
CA LYS A 391 -1.13 -38.66 -28.54
C LYS A 391 -0.01 -38.53 -27.50
N ASN A 392 -0.03 -39.42 -26.50
CA ASN A 392 1.04 -39.55 -25.49
C ASN A 392 1.50 -38.22 -24.90
N ILE A 393 0.57 -37.39 -24.45
CA ILE A 393 0.94 -36.06 -23.98
C ILE A 393 1.28 -36.07 -22.50
N HIS A 394 2.53 -35.76 -22.20
CA HIS A 394 2.99 -35.61 -20.83
C HIS A 394 3.19 -34.12 -20.57
N PHE A 395 2.54 -33.61 -19.53
CA PHE A 395 2.60 -32.18 -19.28
C PHE A 395 2.66 -31.84 -17.80
N SER A 396 3.23 -30.68 -17.51
CA SER A 396 3.23 -30.14 -16.16
C SER A 396 2.96 -28.64 -16.22
N TYR A 397 2.11 -28.17 -15.32
CA TYR A 397 1.83 -26.75 -15.19
C TYR A 397 3.11 -26.01 -14.80
N PRO A 398 3.27 -24.78 -15.28
CA PRO A 398 4.48 -24.03 -14.94
C PRO A 398 4.48 -23.54 -13.49
N SER A 399 4.18 -24.45 -12.58
CA SER A 399 4.40 -24.24 -11.15
C SER A 399 5.75 -24.86 -10.80
N ARG A 400 6.45 -25.32 -11.83
CA ARG A 400 7.71 -26.04 -11.69
C ARG A 400 7.51 -27.31 -10.86
N LYS A 401 8.09 -27.32 -9.66
CA LYS A 401 8.23 -28.52 -8.83
C LYS A 401 6.94 -29.32 -8.65
N GLU A 402 5.79 -28.67 -8.79
CA GLU A 402 4.50 -29.36 -8.78
C GLU A 402 4.48 -30.51 -9.78
N VAL A 403 3.96 -31.65 -9.33
CA VAL A 403 3.94 -32.88 -10.10
C VAL A 403 3.12 -32.70 -11.36
N GLN A 404 3.42 -33.48 -12.40
CA GLN A 404 2.64 -33.43 -13.63
C GLN A 404 1.19 -33.71 -13.30
N ILE A 405 0.31 -32.79 -13.65
CA ILE A 405 -1.12 -32.95 -13.41
C ILE A 405 -1.64 -33.98 -14.40
N LEU A 406 -1.05 -33.94 -15.59
CA LEU A 406 -1.38 -34.87 -16.65
C LEU A 406 -0.13 -35.67 -17.00
N LYS A 407 -0.17 -36.98 -16.68
CA LYS A 407 0.92 -37.87 -17.06
C LYS A 407 0.49 -38.82 -18.17
N GLY A 408 0.96 -38.53 -19.38
CA GLY A 408 0.60 -39.32 -20.54
C GLY A 408 -0.82 -38.97 -20.95
N LEU A 409 -1.15 -39.06 -22.23
CA LEU A 409 -2.55 -38.99 -22.59
C LEU A 409 -2.75 -39.70 -23.92
N ASN A 410 -3.84 -40.45 -24.03
CA ASN A 410 -4.28 -40.94 -25.34
C ASN A 410 -5.76 -40.76 -25.56
N LEU A 411 -6.11 -39.88 -26.49
CA LEU A 411 -7.53 -39.70 -26.80
C LEU A 411 -7.73 -39.45 -28.28
N LYS A 412 -8.66 -40.17 -28.89
CA LYS A 412 -8.96 -39.88 -30.28
C LYS A 412 -10.44 -39.78 -30.47
N VAL A 413 -10.88 -38.58 -30.80
CA VAL A 413 -12.29 -38.30 -31.03
C VAL A 413 -12.51 -38.09 -32.52
N LYS A 414 -13.41 -38.89 -33.10
CA LYS A 414 -13.69 -38.77 -34.52
C LYS A 414 -14.38 -37.44 -34.74
N SER A 415 -14.34 -36.97 -35.97
CA SER A 415 -14.96 -35.69 -36.31
C SER A 415 -16.47 -35.74 -36.11
N GLY A 416 -17.04 -34.61 -35.73
CA GLY A 416 -18.48 -34.51 -35.59
C GLY A 416 -19.06 -35.08 -34.32
N GLN A 417 -18.27 -35.83 -33.56
CA GLN A 417 -18.77 -36.42 -32.34
C GLN A 417 -18.66 -35.39 -31.22
N THR A 418 -19.14 -35.75 -30.05
CA THR A 418 -18.99 -34.91 -28.88
C THR A 418 -18.45 -35.78 -27.76
N VAL A 419 -17.24 -35.49 -27.32
CA VAL A 419 -16.61 -36.29 -26.29
C VAL A 419 -16.73 -35.58 -24.95
N ALA A 420 -17.05 -36.35 -23.93
CA ALA A 420 -17.24 -35.79 -22.60
C ALA A 420 -16.14 -36.30 -21.70
N LEU A 421 -15.63 -35.41 -20.87
CA LEU A 421 -14.59 -35.79 -19.93
C LEU A 421 -15.08 -35.60 -18.51
N VAL A 422 -14.58 -36.42 -17.59
CA VAL A 422 -14.99 -36.33 -16.20
C VAL A 422 -13.81 -36.54 -15.27
N GLY A 423 -13.98 -36.13 -14.02
CA GLY A 423 -12.94 -36.28 -13.01
C GLY A 423 -13.48 -36.06 -11.62
N ASN A 424 -12.61 -36.16 -10.63
CA ASN A 424 -13.03 -36.07 -9.24
C ASN A 424 -12.22 -35.03 -8.47
N SER A 425 -10.93 -35.30 -8.30
CA SER A 425 -10.05 -34.47 -7.50
C SER A 425 -9.90 -33.06 -8.07
N GLY A 426 -10.32 -32.88 -9.32
CA GLY A 426 -10.29 -31.56 -9.91
C GLY A 426 -9.27 -31.37 -11.00
N CYS A 427 -9.55 -30.42 -11.88
CA CYS A 427 -8.75 -30.14 -13.07
C CYS A 427 -8.49 -31.42 -13.87
N GLY A 428 -7.35 -31.46 -14.55
CA GLY A 428 -6.89 -32.65 -15.25
C GLY A 428 -7.66 -32.91 -16.52
N LYS A 429 -8.94 -32.49 -16.53
CA LYS A 429 -9.73 -32.35 -17.74
C LYS A 429 -9.49 -30.98 -18.33
N SER A 430 -9.44 -29.98 -17.45
CA SER A 430 -9.23 -28.59 -17.82
C SER A 430 -7.87 -28.39 -18.47
N THR A 431 -6.90 -29.20 -18.05
CA THR A 431 -5.58 -29.15 -18.67
C THR A 431 -5.66 -29.47 -20.17
N THR A 432 -6.35 -30.54 -20.54
CA THR A 432 -6.47 -30.94 -21.95
C THR A 432 -7.14 -29.89 -22.86
N VAL A 433 -8.13 -29.20 -22.30
CA VAL A 433 -8.84 -28.15 -23.02
C VAL A 433 -7.90 -26.96 -23.11
N GLN A 434 -7.02 -26.81 -22.11
CA GLN A 434 -6.10 -25.69 -22.12
C GLN A 434 -5.01 -25.93 -23.17
N LEU A 435 -4.58 -27.19 -23.29
CA LEU A 435 -3.54 -27.58 -24.24
C LEU A 435 -4.06 -27.47 -25.67
N MET A 436 -5.35 -27.74 -25.84
CA MET A 436 -5.93 -27.73 -27.18
C MET A 436 -5.84 -26.36 -27.85
N GLN A 437 -5.79 -25.29 -27.04
CA GLN A 437 -5.67 -23.94 -27.57
C GLN A 437 -4.21 -23.54 -27.69
N ARG A 438 -3.32 -24.48 -27.42
CA ARG A 438 -1.88 -24.28 -27.53
C ARG A 438 -1.40 -23.20 -26.56
N LEU A 439 -2.16 -23.03 -25.48
CA LEU A 439 -1.78 -22.08 -24.43
C LEU A 439 -0.55 -22.57 -23.69
N TYR A 440 -0.31 -23.88 -23.71
CA TYR A 440 0.88 -24.43 -23.07
C TYR A 440 1.49 -25.50 -23.96
N ASP A 441 2.76 -25.32 -24.31
CA ASP A 441 3.43 -26.36 -25.08
C ASP A 441 3.67 -27.54 -24.15
N PRO A 442 3.20 -28.73 -24.56
CA PRO A 442 3.36 -29.94 -23.75
C PRO A 442 4.82 -30.31 -23.59
N LEU A 443 5.17 -30.86 -22.43
CA LEU A 443 6.55 -31.25 -22.18
C LEU A 443 6.98 -32.35 -23.14
N ASP A 444 6.13 -33.36 -23.30
CA ASP A 444 6.44 -34.46 -24.21
C ASP A 444 5.19 -34.91 -24.95
N GLY A 445 5.38 -35.40 -26.17
CA GLY A 445 4.27 -35.81 -27.01
C GLY A 445 3.82 -34.66 -27.87
N MET A 446 2.70 -34.82 -28.55
CA MET A 446 2.15 -33.77 -29.40
C MET A 446 0.64 -33.88 -29.48
N VAL A 447 0.00 -32.75 -29.72
CA VAL A 447 -1.43 -32.70 -30.00
C VAL A 447 -1.67 -32.37 -31.46
N SER A 448 -2.41 -33.26 -32.13
CA SER A 448 -2.65 -33.15 -33.57
C SER A 448 -4.07 -32.76 -33.96
N ILE A 449 -4.23 -31.53 -34.43
CA ILE A 449 -5.47 -31.14 -35.07
C ILE A 449 -5.35 -31.62 -36.51
N ASP A 450 -6.43 -32.16 -37.06
CA ASP A 450 -6.38 -32.84 -38.35
C ASP A 450 -5.31 -33.92 -38.32
N GLY A 451 -4.47 -33.97 -39.35
CA GLY A 451 -3.31 -34.84 -39.33
C GLY A 451 -2.06 -34.13 -38.84
N GLN A 452 -2.02 -32.81 -39.00
CA GLN A 452 -0.81 -32.06 -38.69
C GLN A 452 -0.66 -31.76 -37.20
N ASP A 453 0.58 -31.56 -36.78
CA ASP A 453 0.87 -31.15 -35.42
C ASP A 453 0.26 -29.76 -35.25
N ILE A 454 -0.06 -29.38 -34.02
CA ILE A 454 -0.74 -28.12 -33.75
C ILE A 454 0.25 -26.97 -33.76
N ARG A 455 1.53 -27.30 -33.72
CA ARG A 455 2.57 -26.30 -33.56
C ARG A 455 3.05 -25.76 -34.92
N THR A 456 2.59 -26.39 -35.99
CA THR A 456 2.89 -25.92 -37.33
C THR A 456 2.00 -24.76 -37.75
N ILE A 457 0.71 -24.88 -37.45
CA ILE A 457 -0.29 -23.90 -37.91
C ILE A 457 -0.11 -22.55 -37.25
N ASN A 458 -0.49 -21.49 -37.95
CA ASN A 458 -0.49 -20.14 -37.39
C ASN A 458 -1.36 -20.09 -36.14
N VAL A 459 -0.82 -19.52 -35.07
CA VAL A 459 -1.53 -19.50 -33.80
C VAL A 459 -2.81 -18.66 -33.88
N ARG A 460 -2.71 -17.44 -34.40
CA ARG A 460 -3.88 -16.56 -34.56
C ARG A 460 -5.05 -17.25 -35.26
N TYR A 461 -4.72 -17.96 -36.34
CA TYR A 461 -5.73 -18.68 -37.10
C TYR A 461 -6.30 -19.81 -36.25
N LEU A 462 -5.44 -20.48 -35.50
CA LEU A 462 -5.86 -21.58 -34.65
C LEU A 462 -6.90 -21.05 -33.68
N ARG A 463 -6.58 -19.92 -33.04
CA ARG A 463 -7.48 -19.27 -32.09
C ARG A 463 -8.79 -18.95 -32.79
N GLU A 464 -8.73 -18.62 -34.07
CA GLU A 464 -9.94 -18.28 -34.80
C GLU A 464 -10.78 -19.53 -35.10
N ILE A 465 -10.13 -20.69 -35.17
CA ILE A 465 -10.84 -21.95 -35.41
C ILE A 465 -11.31 -22.57 -34.08
N ILE A 466 -10.88 -22.02 -32.97
CA ILE A 466 -11.26 -22.58 -31.67
C ILE A 466 -12.14 -21.64 -30.87
N GLY A 467 -13.40 -22.02 -30.70
CA GLY A 467 -14.29 -21.32 -29.79
C GLY A 467 -14.14 -21.92 -28.41
N VAL A 468 -14.30 -21.09 -27.38
CA VAL A 468 -14.14 -21.54 -26.00
C VAL A 468 -15.23 -20.93 -25.12
N VAL A 469 -15.93 -21.78 -24.38
CA VAL A 469 -16.88 -21.31 -23.38
C VAL A 469 -16.47 -21.76 -21.99
N SER A 470 -16.02 -20.82 -21.18
CA SER A 470 -15.62 -21.07 -19.80
C SER A 470 -16.81 -21.06 -18.84
N GLN A 471 -16.65 -21.75 -17.71
CA GLN A 471 -17.71 -21.84 -16.70
C GLN A 471 -18.14 -20.46 -16.17
N GLU A 472 -17.18 -19.59 -15.93
CA GLU A 472 -17.45 -18.25 -15.43
C GLU A 472 -17.29 -17.25 -16.55
N PRO A 473 -18.42 -16.72 -17.03
CA PRO A 473 -18.35 -15.78 -18.16
C PRO A 473 -17.84 -14.41 -17.73
N VAL A 474 -17.36 -13.63 -18.67
CA VAL A 474 -16.92 -12.27 -18.40
C VAL A 474 -17.32 -11.38 -19.56
N LEU A 475 -17.89 -10.22 -19.24
CA LEU A 475 -18.25 -9.28 -20.29
C LEU A 475 -17.51 -7.98 -20.11
N PHE A 476 -16.85 -7.53 -21.17
CA PHE A 476 -16.15 -6.26 -21.17
C PHE A 476 -17.20 -5.16 -21.08
N ALA A 477 -16.80 -3.97 -20.67
CA ALA A 477 -17.79 -2.91 -20.50
C ALA A 477 -17.94 -2.18 -21.81
N THR A 478 -19.10 -2.40 -22.43
CA THR A 478 -19.44 -2.04 -23.81
C THR A 478 -20.86 -2.52 -24.05
N THR A 479 -21.39 -2.21 -25.23
CA THR A 479 -22.69 -2.72 -25.64
C THR A 479 -22.60 -4.23 -25.84
N ILE A 480 -23.74 -4.91 -25.75
CA ILE A 480 -23.76 -6.36 -26.02
C ILE A 480 -23.34 -6.57 -27.47
N ALA A 481 -23.72 -5.59 -28.29
CA ALA A 481 -23.34 -5.56 -29.70
C ALA A 481 -21.83 -5.52 -29.84
N GLU A 482 -21.16 -4.75 -28.99
CA GLU A 482 -19.71 -4.64 -29.08
C GLU A 482 -19.01 -5.89 -28.53
N ASN A 483 -19.53 -6.44 -27.44
CA ASN A 483 -18.98 -7.66 -26.87
C ASN A 483 -19.06 -8.80 -27.88
N ILE A 484 -20.14 -8.81 -28.68
CA ILE A 484 -20.23 -9.75 -29.79
C ILE A 484 -19.25 -9.35 -30.90
N ARG A 485 -19.18 -8.04 -31.17
CA ARG A 485 -18.27 -7.47 -32.17
C ARG A 485 -16.82 -7.78 -31.80
N TYR A 486 -16.59 -8.09 -30.54
CA TYR A 486 -15.27 -8.52 -30.07
C TYR A 486 -15.01 -9.95 -30.53
N GLY A 487 -16.07 -10.69 -30.78
CA GLY A 487 -15.95 -12.02 -31.35
C GLY A 487 -15.44 -11.95 -32.78
N ARG A 488 -16.07 -11.11 -33.59
CA ARG A 488 -15.60 -10.82 -34.94
C ARG A 488 -15.70 -9.34 -35.27
N GLU A 489 -14.59 -8.76 -35.71
CA GLU A 489 -14.51 -7.33 -36.00
C GLU A 489 -15.52 -6.90 -37.06
N ASP A 490 -15.51 -7.58 -38.20
CA ASP A 490 -16.41 -7.22 -39.30
C ASP A 490 -17.71 -8.03 -39.20
N VAL A 491 -18.79 -7.35 -38.86
CA VAL A 491 -20.08 -8.02 -38.67
C VAL A 491 -21.20 -7.00 -38.78
N THR A 492 -22.42 -7.46 -39.04
CA THR A 492 -23.57 -6.57 -39.09
C THR A 492 -24.63 -7.10 -38.12
N MET A 493 -25.49 -6.20 -37.65
CA MET A 493 -26.48 -6.53 -36.62
C MET A 493 -27.40 -7.68 -37.00
N ASP A 494 -27.53 -7.95 -38.30
CA ASP A 494 -28.29 -9.10 -38.79
C ASP A 494 -27.67 -10.42 -38.32
N GLU A 495 -26.35 -10.50 -38.42
CA GLU A 495 -25.61 -11.65 -37.94
C GLU A 495 -25.66 -11.74 -36.41
N ILE A 496 -25.64 -10.58 -35.75
CA ILE A 496 -25.82 -10.52 -34.30
C ILE A 496 -27.16 -11.14 -33.93
N GLU A 497 -28.18 -10.77 -34.71
CA GLU A 497 -29.54 -11.24 -34.50
C GLU A 497 -29.59 -12.75 -34.66
N LYS A 498 -29.06 -13.26 -35.78
CA LYS A 498 -29.10 -14.69 -36.02
C LYS A 498 -28.34 -15.45 -34.94
N ALA A 499 -27.27 -14.83 -34.45
CA ALA A 499 -26.42 -15.42 -33.44
C ALA A 499 -27.20 -15.62 -32.14
N VAL A 500 -27.73 -14.53 -31.59
CA VAL A 500 -28.45 -14.63 -30.33
C VAL A 500 -29.76 -15.41 -30.48
N LYS A 501 -30.39 -15.29 -31.64
CA LYS A 501 -31.66 -15.97 -31.92
C LYS A 501 -31.47 -17.47 -31.94
N GLU A 502 -30.32 -17.91 -32.47
CA GLU A 502 -30.00 -19.33 -32.46
C GLU A 502 -29.54 -19.71 -31.06
N ALA A 503 -29.08 -18.70 -30.32
CA ALA A 503 -28.63 -18.94 -28.95
C ALA A 503 -29.79 -18.70 -27.98
N ASN A 504 -30.96 -18.45 -28.54
CA ASN A 504 -32.19 -18.12 -27.80
C ASN A 504 -31.95 -17.05 -26.73
N ALA A 505 -31.05 -16.13 -27.02
CA ALA A 505 -30.77 -15.00 -26.14
C ALA A 505 -31.56 -13.77 -26.56
N TYR A 506 -32.40 -13.93 -27.58
CA TYR A 506 -33.09 -12.80 -28.20
C TYR A 506 -34.36 -12.42 -27.45
N ASP A 507 -34.65 -13.09 -26.33
CA ASP A 507 -35.84 -12.76 -25.57
C ASP A 507 -35.59 -11.62 -24.57
N PHE A 508 -34.78 -11.87 -23.54
CA PHE A 508 -34.59 -10.86 -22.49
C PHE A 508 -33.98 -9.55 -23.00
N ILE A 509 -33.18 -9.63 -24.07
CA ILE A 509 -32.53 -8.43 -24.61
C ILE A 509 -33.53 -7.47 -25.27
N MET A 510 -34.54 -8.01 -25.93
CA MET A 510 -35.55 -7.19 -26.58
C MET A 510 -36.40 -6.50 -25.53
N LYS A 511 -36.84 -7.29 -24.56
CA LYS A 511 -37.58 -6.79 -23.42
C LYS A 511 -36.75 -5.72 -22.71
N LEU A 512 -35.44 -5.93 -22.69
CA LEU A 512 -34.48 -4.97 -22.13
C LEU A 512 -34.41 -3.69 -22.96
N PRO A 513 -34.43 -2.53 -22.31
CA PRO A 513 -34.31 -1.25 -23.01
C PRO A 513 -32.94 -1.08 -23.66
N HIS A 514 -32.84 -0.15 -24.62
CA HIS A 514 -31.60 0.14 -25.35
C HIS A 514 -31.22 -1.03 -26.27
N GLN A 515 -31.90 -2.16 -26.12
CA GLN A 515 -31.68 -3.33 -26.95
C GLN A 515 -30.22 -3.76 -26.96
N PHE A 516 -29.70 -3.96 -28.17
CA PHE A 516 -28.33 -4.36 -28.41
C PHE A 516 -27.32 -3.29 -27.98
N ASP A 517 -27.80 -2.05 -27.86
CA ASP A 517 -26.95 -0.92 -27.51
C ASP A 517 -26.83 -0.80 -26.00
N THR A 518 -27.42 -1.76 -25.28
CA THR A 518 -27.37 -1.76 -23.83
C THR A 518 -25.94 -2.01 -23.39
N LEU A 519 -25.40 -1.07 -22.63
CA LEU A 519 -24.05 -1.20 -22.11
C LEU A 519 -24.09 -2.14 -20.91
N VAL A 520 -22.99 -2.79 -20.61
CA VAL A 520 -22.91 -3.57 -19.38
C VAL A 520 -22.15 -2.70 -18.41
N GLY A 521 -22.89 -2.15 -17.44
CA GLY A 521 -22.32 -1.16 -16.54
C GLY A 521 -21.61 -1.72 -15.33
N GLU A 522 -20.57 -1.03 -14.93
CA GLU A 522 -19.77 -1.39 -13.76
C GLU A 522 -19.29 -2.84 -13.83
N ARG A 523 -18.34 -3.06 -14.74
CA ARG A 523 -17.81 -4.40 -15.06
C ARG A 523 -18.94 -5.30 -15.54
N GLY A 524 -18.97 -6.54 -15.09
CA GLY A 524 -19.90 -7.52 -15.63
C GLY A 524 -21.08 -7.90 -14.76
N ALA A 525 -21.17 -7.38 -13.55
CA ALA A 525 -22.32 -7.74 -12.73
C ALA A 525 -23.45 -6.73 -12.90
N GLN A 526 -24.44 -7.14 -13.69
CA GLN A 526 -25.65 -6.35 -13.91
C GLN A 526 -26.87 -7.25 -13.87
N LEU A 527 -26.91 -8.19 -14.82
CA LEU A 527 -28.06 -9.04 -15.07
C LEU A 527 -27.75 -10.49 -14.68
N SER A 528 -28.69 -11.39 -14.92
CA SER A 528 -28.51 -12.80 -14.59
C SER A 528 -27.27 -13.41 -15.25
N GLY A 529 -26.56 -14.23 -14.50
CA GLY A 529 -25.35 -14.89 -14.98
C GLY A 529 -25.60 -15.83 -16.14
N GLY A 530 -26.75 -16.51 -16.11
CA GLY A 530 -27.13 -17.41 -17.17
C GLY A 530 -27.26 -16.66 -18.48
N GLN A 531 -27.78 -15.44 -18.39
CA GLN A 531 -27.94 -14.58 -19.55
C GLN A 531 -26.57 -14.12 -20.06
N LYS A 532 -25.68 -13.86 -19.12
CA LYS A 532 -24.31 -13.46 -19.42
C LYS A 532 -23.60 -14.55 -20.23
N GLN A 533 -23.66 -15.77 -19.70
CA GLN A 533 -23.04 -16.90 -20.36
C GLN A 533 -23.67 -17.13 -21.72
N ARG A 534 -24.99 -17.02 -21.78
CA ARG A 534 -25.71 -17.21 -23.04
C ARG A 534 -25.23 -16.21 -24.11
N ILE A 535 -24.95 -14.98 -23.67
CA ILE A 535 -24.41 -13.97 -24.57
C ILE A 535 -23.00 -14.38 -25.02
N ALA A 536 -22.21 -14.89 -24.08
CA ALA A 536 -20.86 -15.36 -24.42
C ALA A 536 -20.93 -16.45 -25.50
N ILE A 537 -21.96 -17.29 -25.40
CA ILE A 537 -22.24 -18.32 -26.39
C ILE A 537 -22.54 -17.68 -27.74
N ALA A 538 -23.36 -16.63 -27.73
CA ALA A 538 -23.65 -15.96 -28.99
C ALA A 538 -22.38 -15.38 -29.62
N ARG A 539 -21.48 -14.89 -28.77
CA ARG A 539 -20.20 -14.37 -29.21
C ARG A 539 -19.36 -15.45 -29.87
N ALA A 540 -19.29 -16.61 -29.25
CA ALA A 540 -18.54 -17.73 -29.83
C ALA A 540 -19.25 -18.26 -31.07
N LEU A 541 -20.55 -18.04 -31.16
CA LEU A 541 -21.34 -18.51 -32.29
C LEU A 541 -21.03 -17.66 -33.53
N VAL A 542 -20.81 -16.36 -33.32
CA VAL A 542 -20.43 -15.48 -34.41
C VAL A 542 -19.06 -15.90 -34.96
N ARG A 543 -18.21 -16.38 -34.05
CA ARG A 543 -16.87 -16.83 -34.38
C ARG A 543 -16.88 -17.96 -35.40
N ASN A 544 -18.02 -18.65 -35.47
CA ASN A 544 -18.20 -19.87 -36.25
C ASN A 544 -16.98 -20.78 -36.24
N PRO A 545 -16.56 -21.20 -35.04
CA PRO A 545 -15.34 -22.01 -35.00
C PRO A 545 -15.65 -23.42 -35.46
N LYS A 546 -14.64 -24.14 -35.93
CA LYS A 546 -14.83 -25.52 -36.33
C LYS A 546 -14.53 -26.47 -35.19
N ILE A 547 -14.05 -25.89 -34.09
CA ILE A 547 -13.81 -26.64 -32.86
C ILE A 547 -14.53 -25.86 -31.77
N LEU A 548 -15.25 -26.55 -30.89
CA LEU A 548 -15.93 -25.85 -29.81
C LEU A 548 -15.50 -26.44 -28.49
N LEU A 549 -15.08 -25.58 -27.57
CA LEU A 549 -14.61 -26.01 -26.27
C LEU A 549 -15.48 -25.52 -25.12
N LEU A 550 -16.14 -26.45 -24.42
CA LEU A 550 -17.03 -26.08 -23.31
C LEU A 550 -16.48 -26.55 -21.98
N ASP A 551 -16.03 -25.64 -21.13
CA ASP A 551 -15.54 -26.06 -19.83
C ASP A 551 -16.54 -25.69 -18.75
N GLU A 552 -17.24 -26.71 -18.24
CA GLU A 552 -18.19 -26.55 -17.15
C GLU A 552 -19.14 -25.36 -17.33
N ALA A 553 -19.49 -25.05 -18.58
CA ALA A 553 -20.29 -23.88 -18.88
C ALA A 553 -21.62 -23.93 -18.13
N THR A 554 -22.14 -25.14 -18.02
CA THR A 554 -23.37 -25.42 -17.31
C THR A 554 -23.14 -25.46 -15.79
N SER A 555 -21.91 -25.76 -15.37
CA SER A 555 -21.59 -25.85 -13.96
C SER A 555 -21.69 -24.48 -13.29
N ALA A 556 -21.86 -24.46 -11.98
CA ALA A 556 -21.98 -23.22 -11.22
C ALA A 556 -23.10 -22.33 -11.76
N LEU A 557 -24.30 -22.90 -11.89
CA LEU A 557 -25.43 -22.15 -12.41
C LEU A 557 -26.77 -22.61 -11.84
N ASP A 558 -27.72 -21.69 -11.75
CA ASP A 558 -29.07 -22.01 -11.28
C ASP A 558 -29.69 -23.03 -12.21
N THR A 559 -30.55 -23.89 -11.67
CA THR A 559 -31.13 -25.00 -12.44
C THR A 559 -31.93 -24.59 -13.68
N GLU A 560 -32.72 -23.52 -13.55
CA GLU A 560 -33.58 -23.07 -14.64
C GLU A 560 -32.77 -22.52 -15.82
N SER A 561 -31.92 -21.55 -15.51
CA SER A 561 -31.15 -20.93 -16.57
C SER A 561 -30.18 -21.98 -17.05
N GLU A 562 -29.83 -22.92 -16.18
CA GLU A 562 -28.98 -24.03 -16.59
C GLU A 562 -29.64 -24.76 -17.73
N ALA A 563 -30.90 -25.15 -17.55
CA ALA A 563 -31.61 -25.85 -18.62
C ALA A 563 -31.78 -25.02 -19.89
N VAL A 564 -31.96 -23.70 -19.73
CA VAL A 564 -32.10 -22.82 -20.90
C VAL A 564 -30.79 -22.72 -21.70
N VAL A 565 -29.72 -22.35 -21.01
CA VAL A 565 -28.39 -22.22 -21.60
C VAL A 565 -27.96 -23.56 -22.15
N GLN A 566 -28.26 -24.64 -21.43
CA GLN A 566 -27.96 -25.99 -21.90
C GLN A 566 -28.63 -26.23 -23.24
N ALA A 567 -29.89 -25.85 -23.37
CA ALA A 567 -30.59 -25.99 -24.64
C ALA A 567 -29.86 -25.20 -25.74
N ALA A 568 -29.38 -24.01 -25.37
CA ALA A 568 -28.60 -23.19 -26.29
C ALA A 568 -27.30 -23.86 -26.75
N LEU A 569 -26.57 -24.45 -25.81
CA LEU A 569 -25.37 -25.21 -26.09
C LEU A 569 -25.67 -26.40 -26.98
N ASP A 570 -26.76 -27.10 -26.69
CA ASP A 570 -27.20 -28.23 -27.49
C ASP A 570 -27.46 -27.81 -28.94
N LYS A 571 -28.08 -26.65 -29.14
CA LYS A 571 -28.26 -26.19 -30.51
C LYS A 571 -26.93 -25.67 -31.07
N ALA A 572 -25.99 -25.40 -30.17
CA ALA A 572 -24.64 -25.03 -30.57
C ALA A 572 -23.77 -26.29 -30.69
N ARG A 573 -24.30 -27.40 -30.20
CA ARG A 573 -23.59 -28.67 -30.30
C ARG A 573 -24.07 -29.40 -31.53
N GLU A 574 -23.47 -30.56 -31.78
CA GLU A 574 -23.91 -31.49 -32.83
C GLU A 574 -23.55 -30.93 -34.20
N GLY A 575 -23.26 -29.64 -34.25
CA GLY A 575 -22.84 -29.00 -35.48
C GLY A 575 -21.36 -28.74 -35.64
N ARG A 576 -20.62 -28.86 -34.56
CA ARG A 576 -19.21 -28.53 -34.56
C ARG A 576 -18.48 -29.59 -33.78
N THR A 577 -17.31 -29.97 -34.28
CA THR A 577 -16.47 -30.88 -33.53
C THR A 577 -16.17 -30.18 -32.23
N THR A 578 -16.41 -30.89 -31.15
CA THR A 578 -16.29 -30.28 -29.85
C THR A 578 -15.80 -31.26 -28.80
N ILE A 579 -15.33 -30.69 -27.70
CA ILE A 579 -14.94 -31.44 -26.53
C ILE A 579 -15.54 -30.74 -25.32
N VAL A 580 -16.28 -31.50 -24.53
CA VAL A 580 -16.98 -30.90 -23.40
C VAL A 580 -16.56 -31.55 -22.10
N ILE A 581 -16.21 -30.68 -21.15
CA ILE A 581 -15.92 -31.12 -19.81
C ILE A 581 -16.89 -30.44 -18.86
N ALA A 582 -17.62 -31.24 -18.10
CA ALA A 582 -18.36 -30.69 -17.00
C ALA A 582 -18.60 -31.74 -15.96
N HIS A 583 -19.13 -31.32 -14.83
CA HIS A 583 -19.45 -32.20 -13.75
C HIS A 583 -20.95 -32.45 -13.74
N ARG A 584 -21.65 -31.85 -14.70
CA ARG A 584 -23.07 -32.11 -14.83
C ARG A 584 -23.21 -33.33 -15.71
N LEU A 585 -23.78 -34.38 -15.16
CA LEU A 585 -23.92 -35.66 -15.90
C LEU A 585 -25.14 -35.87 -16.82
N SER A 586 -26.19 -35.08 -16.67
CA SER A 586 -27.36 -35.20 -17.55
C SER A 586 -27.04 -34.87 -19.00
N THR A 587 -26.12 -33.93 -19.21
CA THR A 587 -25.71 -33.50 -20.53
C THR A 587 -24.69 -34.48 -21.11
N VAL A 588 -24.12 -35.30 -20.24
CA VAL A 588 -23.14 -36.29 -20.65
C VAL A 588 -23.89 -37.52 -21.15
N ARG A 589 -25.16 -37.60 -20.80
CA ARG A 589 -26.01 -38.73 -21.17
C ARG A 589 -26.05 -38.93 -22.68
N ASN A 590 -26.24 -37.83 -23.39
CA ASN A 590 -26.38 -37.85 -24.85
C ASN A 590 -25.06 -37.70 -25.60
N ALA A 591 -23.96 -37.64 -24.86
CA ALA A 591 -22.63 -37.57 -25.46
C ALA A 591 -22.30 -38.83 -26.24
N ASP A 592 -21.56 -38.69 -27.33
CA ASP A 592 -21.18 -39.84 -28.15
C ASP A 592 -20.10 -40.72 -27.51
N VAL A 593 -19.17 -40.10 -26.79
CA VAL A 593 -18.13 -40.85 -26.10
C VAL A 593 -17.71 -40.16 -24.79
N ILE A 594 -17.52 -40.95 -23.74
CA ILE A 594 -17.11 -40.42 -22.44
C ILE A 594 -15.74 -40.97 -22.02
N ALA A 595 -14.92 -40.11 -21.41
CA ALA A 595 -13.59 -40.51 -20.98
C ALA A 595 -13.34 -40.12 -19.53
N GLY A 596 -12.98 -41.11 -18.70
CA GLY A 596 -12.71 -40.88 -17.29
C GLY A 596 -11.29 -40.46 -16.99
N PHE A 597 -11.11 -39.61 -16.00
CA PHE A 597 -9.77 -39.21 -15.57
C PHE A 597 -9.54 -39.29 -14.06
N ASP A 598 -10.21 -38.43 -13.31
CA ASP A 598 -10.04 -38.32 -11.85
C ASP A 598 -8.61 -37.98 -11.45
N GLY A 599 -8.21 -36.73 -11.70
CA GLY A 599 -6.84 -36.30 -11.43
C GLY A 599 -6.04 -36.12 -12.71
N GLY A 600 -6.69 -36.35 -13.84
CA GLY A 600 -6.06 -36.17 -15.13
C GLY A 600 -5.54 -37.47 -15.70
N VAL A 601 -5.59 -38.54 -14.92
CA VAL A 601 -5.09 -39.83 -15.38
C VAL A 601 -6.16 -40.60 -16.17
N ILE A 602 -5.88 -40.85 -17.45
CA ILE A 602 -6.82 -41.52 -18.33
C ILE A 602 -6.98 -43.02 -18.04
N VAL A 603 -8.24 -43.47 -17.96
CA VAL A 603 -8.52 -44.88 -17.71
C VAL A 603 -9.54 -45.47 -18.70
N GLU A 604 -10.80 -45.03 -18.67
CA GLU A 604 -11.83 -45.62 -19.50
C GLU A 604 -12.31 -44.64 -20.57
N GLN A 605 -12.75 -45.19 -21.69
CA GLN A 605 -13.32 -44.38 -22.76
C GLN A 605 -14.41 -45.13 -23.51
N GLY A 606 -15.48 -44.44 -23.86
CA GLY A 606 -16.53 -45.06 -24.65
C GLY A 606 -17.92 -44.52 -24.35
N ASN A 607 -18.93 -45.16 -24.91
CA ASN A 607 -20.31 -44.78 -24.68
C ASN A 607 -20.76 -45.07 -23.25
N HIS A 608 -21.79 -44.34 -22.81
CA HIS A 608 -22.34 -44.44 -21.47
C HIS A 608 -22.67 -45.88 -21.05
N ASP A 609 -23.46 -46.58 -21.89
CA ASP A 609 -23.87 -47.94 -21.59
C ASP A 609 -22.70 -48.91 -21.42
N GLU A 610 -21.71 -48.78 -22.28
CA GLU A 610 -20.50 -49.60 -22.20
C GLU A 610 -19.76 -49.35 -20.88
N LEU A 611 -19.78 -48.09 -20.45
CA LEU A 611 -19.13 -47.68 -19.22
C LEU A 611 -19.85 -48.27 -18.02
N MET A 612 -21.17 -48.08 -17.94
CA MET A 612 -21.95 -48.64 -16.85
C MET A 612 -21.80 -50.16 -16.83
N ARG A 613 -21.66 -50.73 -18.02
CA ARG A 613 -21.38 -52.15 -18.17
C ARG A 613 -20.09 -52.48 -17.46
N GLU A 614 -19.10 -51.60 -17.57
CA GLU A 614 -17.82 -51.86 -16.91
C GLU A 614 -17.90 -51.64 -15.40
N LYS A 615 -18.91 -50.87 -14.97
CA LYS A 615 -19.10 -50.54 -13.56
C LYS A 615 -17.85 -49.91 -12.94
N GLY A 616 -17.16 -49.08 -13.72
CA GLY A 616 -15.88 -48.54 -13.32
C GLY A 616 -15.97 -47.17 -12.68
N ILE A 617 -14.92 -46.37 -12.90
CA ILE A 617 -14.80 -45.03 -12.33
C ILE A 617 -16.00 -44.16 -12.69
N TYR A 618 -16.42 -44.24 -13.94
CA TYR A 618 -17.59 -43.49 -14.39
C TYR A 618 -18.81 -43.88 -13.56
N PHE A 619 -19.10 -45.18 -13.51
CA PHE A 619 -20.24 -45.68 -12.79
C PHE A 619 -20.13 -45.36 -11.31
N LYS A 620 -18.89 -45.42 -10.81
CA LYS A 620 -18.64 -45.14 -9.41
C LYS A 620 -18.97 -43.71 -9.06
N LEU A 621 -18.49 -42.76 -9.84
CA LEU A 621 -18.75 -41.37 -9.51
C LEU A 621 -20.19 -40.99 -9.77
N VAL A 622 -20.77 -41.51 -10.85
CA VAL A 622 -22.16 -41.19 -11.11
C VAL A 622 -23.06 -41.68 -10.00
N MET A 623 -23.07 -42.99 -9.77
CA MET A 623 -23.90 -43.59 -8.73
C MET A 623 -23.57 -43.28 -7.26
N THR A 624 -22.29 -43.16 -6.92
CA THR A 624 -21.90 -42.81 -5.55
C THR A 624 -22.37 -41.42 -5.24
N GLN A 625 -22.27 -40.55 -6.22
CA GLN A 625 -22.76 -39.21 -6.00
C GLN A 625 -24.21 -39.15 -6.48
N THR A 626 -24.70 -40.27 -7.00
CA THR A 626 -26.09 -40.37 -7.49
C THR A 626 -26.34 -39.31 -8.54
N LEU A 684 -2.21 0.36 4.42
CA LEU A 684 -2.60 1.02 5.66
C LEU A 684 -2.39 2.52 5.58
N ASP A 685 -3.49 3.27 5.53
CA ASP A 685 -3.40 4.72 5.37
C ASP A 685 -4.24 5.45 6.42
N GLU A 686 -4.04 6.76 6.52
CA GLU A 686 -4.50 7.53 7.67
C GLU A 686 -4.90 8.95 7.28
N ASP A 687 -5.00 9.82 8.30
CA ASP A 687 -5.13 11.27 8.11
C ASP A 687 -6.44 11.74 7.48
N VAL A 688 -7.51 11.70 8.28
CA VAL A 688 -8.75 12.37 7.91
C VAL A 688 -8.50 13.86 7.62
N PRO A 689 -9.36 14.46 6.77
CA PRO A 689 -9.18 15.85 6.30
C PRO A 689 -9.14 16.99 7.34
N PRO A 690 -10.07 17.05 8.32
CA PRO A 690 -10.20 18.28 9.11
C PRO A 690 -8.88 18.81 9.70
N ALA A 691 -8.71 20.13 9.64
CA ALA A 691 -7.44 20.77 9.99
C ALA A 691 -7.37 21.35 11.40
N SER A 692 -6.28 22.07 11.67
CA SER A 692 -6.01 22.71 12.95
C SER A 692 -6.64 24.09 13.07
N PHE A 693 -6.26 25.00 12.16
CA PHE A 693 -6.68 26.41 12.17
C PHE A 693 -6.18 27.17 13.40
N TRP A 694 -4.86 27.41 13.45
CA TRP A 694 -4.22 28.26 14.46
C TRP A 694 -4.27 27.76 15.89
N ARG A 695 -4.99 26.66 16.12
CA ARG A 695 -5.05 26.07 17.45
C ARG A 695 -3.67 25.52 17.80
N ILE A 696 -2.87 25.32 16.77
CA ILE A 696 -1.50 24.84 16.87
C ILE A 696 -0.65 25.66 17.83
N LEU A 697 -0.32 26.90 17.46
CA LEU A 697 0.50 27.77 18.29
C LEU A 697 -0.13 28.07 19.65
N LYS A 698 -1.45 27.96 19.73
CA LYS A 698 -2.16 28.16 20.99
C LYS A 698 -1.82 27.06 21.99
N LEU A 699 -2.01 25.82 21.56
CA LEU A 699 -1.69 24.67 22.42
C LEU A 699 -0.19 24.54 22.62
N ASN A 700 0.58 24.93 21.61
CA ASN A 700 2.03 24.90 21.68
C ASN A 700 2.51 25.83 22.78
N SER A 701 2.14 27.10 22.67
CA SER A 701 2.48 28.11 23.66
C SER A 701 1.94 27.70 25.03
N THR A 702 0.81 27.02 25.03
CA THR A 702 0.26 26.46 26.26
C THR A 702 1.25 25.47 26.86
N GLU A 703 1.88 24.66 26.01
CA GLU A 703 2.84 23.67 26.46
C GLU A 703 4.28 24.17 26.34
N TRP A 704 4.45 25.39 25.82
CA TRP A 704 5.78 25.98 25.71
C TRP A 704 5.87 27.11 26.71
N PRO A 705 6.43 26.82 27.88
CA PRO A 705 6.36 27.80 29.00
C PRO A 705 7.08 29.14 28.78
N TYR A 706 8.32 29.12 28.32
CA TYR A 706 9.01 30.35 27.97
C TYR A 706 10.17 30.15 27.00
N PHE A 707 10.26 31.00 25.98
CA PHE A 707 11.43 31.04 25.12
C PHE A 707 11.53 32.36 24.35
N VAL A 708 11.91 33.46 24.99
CA VAL A 708 11.86 34.70 24.22
C VAL A 708 13.27 35.06 23.77
N VAL A 709 14.24 34.38 24.35
CA VAL A 709 15.65 34.65 24.06
C VAL A 709 16.04 34.01 22.75
N GLY A 710 15.45 32.87 22.44
CA GLY A 710 15.72 32.19 21.20
C GLY A 710 15.27 33.03 20.03
N ILE A 711 14.01 33.45 20.08
CA ILE A 711 13.44 34.25 19.00
C ILE A 711 14.06 35.66 18.94
N PHE A 712 14.35 36.28 20.09
CA PHE A 712 14.99 37.60 20.04
C PHE A 712 16.40 37.49 19.46
N CYS A 713 17.06 36.38 19.75
CA CYS A 713 18.39 36.11 19.22
C CYS A 713 18.28 35.86 17.72
N ALA A 714 17.13 35.35 17.31
CA ALA A 714 16.85 35.13 15.90
C ALA A 714 16.62 36.49 15.25
N ILE A 715 16.14 37.46 16.03
CA ILE A 715 15.91 38.80 15.51
C ILE A 715 17.24 39.52 15.31
N ILE A 716 18.10 39.50 16.32
CA ILE A 716 19.41 40.14 16.20
C ILE A 716 20.28 39.45 15.14
N ASN A 717 20.06 38.15 14.92
CA ASN A 717 20.75 37.46 13.83
C ASN A 717 20.13 37.83 12.49
N GLY A 718 18.83 38.11 12.53
CA GLY A 718 18.10 38.52 11.35
C GLY A 718 18.69 39.81 10.87
N GLY A 719 18.74 40.81 11.76
CA GLY A 719 19.34 42.09 11.42
C GLY A 719 20.84 41.97 11.26
N LEU A 720 21.40 40.84 11.69
CA LEU A 720 22.83 40.61 11.54
C LEU A 720 23.17 40.31 10.09
N GLN A 721 22.30 39.56 9.42
CA GLN A 721 22.52 39.19 8.03
C GLN A 721 22.77 40.36 7.05
N PRO A 722 21.93 41.43 7.07
CA PRO A 722 22.15 42.53 6.13
C PRO A 722 23.44 43.32 6.32
N ALA A 723 23.94 43.37 7.55
CA ALA A 723 25.18 44.08 7.86
C ALA A 723 26.33 43.62 6.95
N PHE A 724 26.43 42.31 6.75
CA PHE A 724 27.38 41.75 5.80
C PHE A 724 27.17 42.36 4.41
N SER A 725 25.92 42.36 3.96
CA SER A 725 25.58 42.94 2.66
C SER A 725 25.84 44.44 2.64
N VAL A 726 25.75 45.08 3.79
CA VAL A 726 26.03 46.51 3.92
C VAL A 726 27.54 46.79 3.96
N ILE A 727 28.28 46.04 4.77
CA ILE A 727 29.72 46.23 4.90
C ILE A 727 30.41 46.07 3.55
N PHE A 728 30.18 44.93 2.89
CA PHE A 728 30.77 44.69 1.59
C PHE A 728 30.39 45.78 0.60
N SER A 729 29.14 46.24 0.69
CA SER A 729 28.66 47.36 -0.12
C SER A 729 29.51 48.60 0.15
N LYS A 730 29.88 48.79 1.41
CA LYS A 730 30.69 49.92 1.80
C LYS A 730 32.15 49.72 1.42
N VAL A 731 32.60 48.46 1.46
CA VAL A 731 33.97 48.12 1.06
C VAL A 731 34.25 48.58 -0.35
N VAL A 732 33.59 47.94 -1.32
CA VAL A 732 33.75 48.28 -2.73
C VAL A 732 33.21 49.67 -3.03
N GLY A 733 32.24 50.12 -2.24
CA GLY A 733 31.66 51.44 -2.41
C GLY A 733 32.70 52.53 -2.23
N VAL A 734 33.39 52.51 -1.08
CA VAL A 734 34.45 53.46 -0.81
C VAL A 734 35.67 53.13 -1.66
N PHE A 735 35.75 51.89 -2.12
CA PHE A 735 36.85 51.44 -2.97
C PHE A 735 36.65 52.01 -4.36
N THR A 736 35.40 52.02 -4.80
CA THR A 736 35.04 52.60 -6.10
C THR A 736 35.16 54.12 -6.01
N ASN A 737 34.35 54.73 -5.14
CA ASN A 737 34.42 56.16 -4.93
C ASN A 737 35.24 56.47 -3.68
N GLY A 738 36.45 56.96 -3.91
CA GLY A 738 37.35 57.37 -2.86
C GLY A 738 38.71 57.57 -3.47
N GLY A 739 39.59 58.29 -2.78
CA GLY A 739 40.88 58.64 -3.35
C GLY A 739 41.97 57.68 -2.90
N PRO A 740 43.13 57.75 -3.55
CA PRO A 740 44.31 56.96 -3.16
C PRO A 740 44.69 57.08 -1.68
N PRO A 741 44.54 58.26 -1.04
CA PRO A 741 44.80 58.21 0.41
C PRO A 741 43.71 57.50 1.19
N GLU A 742 44.06 57.00 2.38
CA GLU A 742 43.13 56.40 3.33
C GLU A 742 42.50 55.07 2.88
N THR A 743 42.81 54.64 1.66
CA THR A 743 42.26 53.38 1.15
C THR A 743 42.63 52.20 2.05
N GLN A 744 43.85 52.20 2.55
CA GLN A 744 44.34 51.09 3.38
C GLN A 744 43.55 50.98 4.67
N ARG A 745 43.38 52.11 5.36
CA ARG A 745 42.72 52.11 6.66
C ARG A 745 41.28 51.68 6.46
N GLN A 746 40.58 52.33 5.54
CA GLN A 746 39.19 52.02 5.26
C GLN A 746 38.98 50.54 4.94
N ASN A 747 39.72 50.03 3.97
CA ASN A 747 39.61 48.62 3.58
C ASN A 747 39.96 47.63 4.69
N SER A 748 41.01 47.94 5.46
CA SER A 748 41.40 47.07 6.58
C SER A 748 40.30 47.04 7.64
N ASN A 749 39.83 48.22 8.02
CA ASN A 749 38.79 48.39 9.02
C ASN A 749 37.49 47.69 8.65
N LEU A 750 37.14 47.76 7.37
CA LEU A 750 35.90 47.15 6.92
C LEU A 750 36.10 45.65 6.83
N PHE A 751 37.30 45.23 6.43
CA PHE A 751 37.65 43.81 6.39
C PHE A 751 37.50 43.16 7.77
N SER A 752 38.15 43.76 8.76
CA SER A 752 38.06 43.29 10.14
C SER A 752 36.64 43.38 10.69
N LEU A 753 35.92 44.43 10.31
CA LEU A 753 34.54 44.56 10.77
C LEU A 753 33.69 43.44 10.18
N LEU A 754 33.97 43.10 8.94
CA LEU A 754 33.30 42.01 8.23
C LEU A 754 33.64 40.70 8.92
N PHE A 755 34.81 40.68 9.56
CA PHE A 755 35.25 39.50 10.27
C PHE A 755 34.49 39.38 11.59
N LEU A 756 34.71 40.33 12.50
CA LEU A 756 34.14 40.26 13.84
C LEU A 756 32.61 40.27 13.87
N ILE A 757 31.98 41.04 12.99
CA ILE A 757 30.52 41.10 12.93
C ILE A 757 29.88 39.77 12.49
N LEU A 758 30.56 39.05 11.61
CA LEU A 758 30.02 37.76 11.16
C LEU A 758 30.62 36.59 11.92
N GLY A 759 31.89 36.28 11.66
CA GLY A 759 32.51 35.10 12.21
C GLY A 759 32.34 34.93 13.72
N ILE A 760 32.55 36.02 14.46
CA ILE A 760 32.39 36.01 15.92
C ILE A 760 30.93 35.97 16.39
N ILE A 761 30.10 36.87 15.85
CA ILE A 761 28.73 37.02 16.34
C ILE A 761 27.77 35.93 15.85
N SER A 762 27.80 35.65 14.55
CA SER A 762 26.89 34.69 13.93
C SER A 762 26.97 33.30 14.54
N PHE A 763 28.18 32.82 14.80
CA PHE A 763 28.35 31.52 15.42
C PHE A 763 27.68 31.49 16.80
N ILE A 764 27.84 32.59 17.52
CA ILE A 764 27.29 32.73 18.86
C ILE A 764 25.76 32.72 18.82
N THR A 765 25.17 33.62 18.04
CA THR A 765 23.72 33.75 18.01
C THR A 765 23.04 32.50 17.43
N PHE A 766 23.68 31.89 16.43
CA PHE A 766 23.16 30.69 15.81
C PHE A 766 23.18 29.51 16.78
N PHE A 767 24.28 29.37 17.51
CA PHE A 767 24.35 28.30 18.49
C PHE A 767 23.44 28.56 19.68
N LEU A 768 23.23 29.84 19.97
CA LEU A 768 22.36 30.23 21.07
C LEU A 768 20.90 29.90 20.79
N GLN A 769 20.45 30.27 19.59
CA GLN A 769 19.08 29.97 19.23
C GLN A 769 18.92 28.48 19.07
N GLY A 770 19.88 27.83 18.43
CA GLY A 770 19.79 26.40 18.24
C GLY A 770 19.65 25.68 19.57
N PHE A 771 20.36 26.20 20.57
CA PHE A 771 20.27 25.66 21.92
C PHE A 771 18.92 25.98 22.55
N THR A 772 18.28 27.06 22.11
CA THR A 772 16.98 27.40 22.70
C THR A 772 15.84 26.62 22.05
N PHE A 773 15.53 26.93 20.79
CA PHE A 773 14.42 26.25 20.11
C PHE A 773 14.70 24.75 19.93
N GLY A 774 15.95 24.36 20.05
CA GLY A 774 16.29 22.94 20.04
C GLY A 774 15.68 22.27 21.26
N LYS A 775 15.97 22.80 22.45
CA LYS A 775 15.41 22.25 23.67
C LYS A 775 13.89 22.46 23.71
N ALA A 776 13.42 23.54 23.08
CA ALA A 776 11.99 23.81 22.98
C ALA A 776 11.26 22.69 22.24
N GLY A 777 11.73 22.37 21.04
CA GLY A 777 11.17 21.28 20.28
C GLY A 777 11.38 19.95 20.98
N GLU A 778 12.46 19.87 21.74
CA GLU A 778 12.79 18.67 22.50
C GLU A 778 11.72 18.37 23.56
N ILE A 779 11.46 19.35 24.42
CA ILE A 779 10.51 19.16 25.50
C ILE A 779 9.09 19.12 24.95
N LEU A 780 8.85 19.76 23.81
CA LEU A 780 7.56 19.63 23.16
C LEU A 780 7.40 18.17 22.72
N THR A 781 8.49 17.61 22.21
CA THR A 781 8.52 16.22 21.78
C THR A 781 8.23 15.31 22.97
N LYS A 782 8.64 15.73 24.16
CA LYS A 782 8.35 14.95 25.36
C LYS A 782 6.87 15.07 25.76
N ARG A 783 6.49 16.28 26.19
CA ARG A 783 5.16 16.55 26.70
C ARG A 783 4.05 16.10 25.76
N LEU A 784 4.24 16.33 24.46
CA LEU A 784 3.23 15.93 23.49
C LEU A 784 3.02 14.41 23.47
N ARG A 785 4.07 13.65 23.19
CA ARG A 785 3.97 12.19 23.14
C ARG A 785 3.50 11.60 24.47
N TYR A 786 3.84 12.26 25.57
CA TYR A 786 3.35 11.87 26.88
C TYR A 786 1.83 12.02 26.94
N MET A 787 1.37 13.24 26.68
CA MET A 787 -0.04 13.57 26.79
C MET A 787 -0.87 12.89 25.71
N VAL A 788 -0.19 12.29 24.73
CA VAL A 788 -0.85 11.50 23.71
C VAL A 788 -0.99 10.07 24.17
N PHE A 789 0.14 9.40 24.39
CA PHE A 789 0.12 8.00 24.79
C PHE A 789 -0.70 7.73 26.05
N LYS A 790 -0.77 8.72 26.95
CA LYS A 790 -1.57 8.52 28.15
C LYS A 790 -3.05 8.68 27.83
N SER A 791 -3.35 9.57 26.90
CA SER A 791 -4.71 9.74 26.40
C SER A 791 -5.14 8.49 25.62
N MET A 792 -4.15 7.79 25.08
CA MET A 792 -4.38 6.55 24.35
C MET A 792 -4.65 5.40 25.29
N LEU A 793 -3.91 5.33 26.39
CA LEU A 793 -4.04 4.20 27.29
C LEU A 793 -5.25 4.31 28.22
N ARG A 794 -5.69 5.53 28.48
CA ARG A 794 -6.80 5.76 29.40
C ARG A 794 -8.15 5.69 28.68
N GLN A 795 -8.12 5.37 27.40
CA GLN A 795 -9.33 5.16 26.62
C GLN A 795 -9.19 3.91 25.77
N ASP A 796 -10.21 3.05 25.81
CA ASP A 796 -10.18 1.83 25.01
C ASP A 796 -11.37 1.78 24.05
N VAL A 797 -12.48 1.23 24.52
CA VAL A 797 -13.83 1.49 24.02
C VAL A 797 -13.99 1.48 22.47
N SER A 798 -13.47 0.43 21.84
CA SER A 798 -13.57 0.17 20.38
C SER A 798 -12.49 0.88 19.56
N TRP A 799 -11.67 1.71 20.22
CA TRP A 799 -10.40 2.15 19.67
C TRP A 799 -9.30 1.11 19.85
N PHE A 800 -9.53 0.19 20.78
CA PHE A 800 -8.57 -0.85 21.12
C PHE A 800 -9.22 -2.22 20.98
N ASP A 801 -10.31 -2.39 21.72
CA ASP A 801 -11.06 -3.63 21.72
C ASP A 801 -11.37 -4.08 20.28
N ASP A 802 -11.97 -3.21 19.48
CA ASP A 802 -12.20 -3.53 18.07
C ASP A 802 -11.97 -2.34 17.14
N PRO A 803 -10.71 -1.92 16.98
CA PRO A 803 -10.46 -0.80 16.07
C PRO A 803 -10.42 -1.25 14.61
N LYS A 804 -10.63 -0.31 13.69
CA LYS A 804 -10.37 -0.60 12.29
C LYS A 804 -8.94 -0.20 11.97
N ASN A 805 -8.26 0.27 13.00
CA ASN A 805 -6.88 0.70 12.89
C ASN A 805 -5.93 -0.45 13.21
N THR A 806 -4.64 -0.14 13.33
CA THR A 806 -3.66 -1.15 13.67
C THR A 806 -2.53 -0.56 14.51
N THR A 807 -1.77 -1.44 15.15
CA THR A 807 -0.63 -1.07 15.98
C THR A 807 0.37 -0.16 15.27
N GLY A 808 0.71 -0.54 14.03
CA GLY A 808 1.64 0.23 13.23
C GLY A 808 1.18 1.64 12.97
N ALA A 809 -0.12 1.82 12.75
CA ALA A 809 -0.68 3.13 12.49
C ALA A 809 -0.56 4.03 13.71
N LEU A 810 -0.62 3.41 14.88
CA LEU A 810 -0.53 4.14 16.15
C LEU A 810 0.90 4.57 16.44
N THR A 811 1.84 3.63 16.26
CA THR A 811 3.25 3.96 16.45
C THR A 811 3.62 5.06 15.45
N THR A 812 3.09 4.93 14.23
CA THR A 812 3.29 5.90 13.16
C THR A 812 2.80 7.27 13.62
N ARG A 813 1.65 7.28 14.28
CA ARG A 813 1.09 8.52 14.82
C ARG A 813 2.05 9.16 15.81
N LEU A 814 2.57 8.35 16.72
CA LEU A 814 3.50 8.83 17.74
C LEU A 814 4.77 9.41 17.15
N ALA A 815 5.21 8.86 16.03
CA ALA A 815 6.44 9.33 15.39
C ALA A 815 6.17 10.63 14.64
N ASN A 816 5.38 10.49 13.59
CA ASN A 816 5.09 11.56 12.65
C ASN A 816 4.50 12.81 13.28
N ASP A 817 3.49 12.67 14.15
CA ASP A 817 2.84 13.86 14.69
C ASP A 817 3.84 14.80 15.41
N ALA A 818 4.53 14.26 16.40
CA ALA A 818 5.48 15.02 17.20
C ALA A 818 6.69 15.52 16.39
N ALA A 819 7.12 14.71 15.43
CA ALA A 819 8.24 15.12 14.60
C ALA A 819 7.84 16.31 13.73
N GLN A 820 6.59 16.28 13.27
CA GLN A 820 6.09 17.30 12.38
C GLN A 820 5.91 18.59 13.15
N VAL A 821 5.26 18.57 14.31
CA VAL A 821 5.13 19.82 15.06
C VAL A 821 6.48 20.38 15.54
N LYS A 822 7.46 19.48 15.74
CA LYS A 822 8.82 19.93 16.05
C LYS A 822 9.39 20.75 14.89
N GLY A 823 9.06 20.30 13.68
CA GLY A 823 9.51 21.04 12.52
C GLY A 823 8.69 22.30 12.35
N ALA A 824 7.45 22.26 12.81
CA ALA A 824 6.58 23.43 12.79
C ALA A 824 7.18 24.58 13.60
N THR A 825 7.61 24.30 14.84
CA THR A 825 8.25 25.34 15.64
C THR A 825 9.63 25.75 15.11
N GLY A 826 10.39 24.79 14.58
CA GLY A 826 11.69 25.13 14.02
C GLY A 826 11.50 26.08 12.85
N SER A 827 10.39 25.90 12.15
CA SER A 827 10.04 26.76 11.04
C SER A 827 9.53 28.09 11.58
N ARG A 828 8.93 28.08 12.77
CA ARG A 828 8.41 29.32 13.33
C ARG A 828 9.59 30.26 13.52
N LEU A 829 10.59 29.82 14.28
CA LEU A 829 11.72 30.69 14.54
C LEU A 829 12.50 31.00 13.26
N ALA A 830 12.59 30.04 12.35
CA ALA A 830 13.30 30.29 11.10
C ALA A 830 12.64 31.42 10.30
N VAL A 831 11.30 31.39 10.27
CA VAL A 831 10.51 32.39 9.57
C VAL A 831 10.58 33.76 10.22
N ILE A 832 10.35 33.86 11.54
CA ILE A 832 10.46 35.18 12.18
C ILE A 832 11.87 35.76 11.97
N PHE A 833 12.86 34.87 11.98
CA PHE A 833 14.25 35.26 11.75
C PHE A 833 14.46 35.89 10.37
N GLN A 834 14.01 35.22 9.31
CA GLN A 834 14.24 35.80 8.00
C GLN A 834 13.29 36.95 7.74
N ASN A 835 12.19 36.96 8.48
CA ASN A 835 11.18 38.01 8.39
C ASN A 835 11.81 39.34 8.75
N ILE A 836 12.37 39.42 9.95
CA ILE A 836 13.02 40.66 10.34
C ILE A 836 14.30 40.87 9.50
N ALA A 837 14.96 39.76 9.16
CA ALA A 837 16.18 39.80 8.35
C ALA A 837 16.01 40.53 7.02
N ASN A 838 14.85 40.36 6.39
CA ASN A 838 14.58 41.03 5.13
C ASN A 838 13.69 42.24 5.33
N LEU A 839 12.45 42.02 5.74
CA LEU A 839 11.50 43.10 5.92
C LEU A 839 12.04 44.20 6.86
N GLY A 840 12.50 43.80 8.04
CA GLY A 840 12.94 44.79 9.03
C GLY A 840 14.14 45.63 8.69
N THR A 841 15.27 45.02 8.40
CA THR A 841 16.49 45.78 8.14
C THR A 841 16.45 46.28 6.70
N GLY A 842 15.98 45.43 5.82
CA GLY A 842 15.85 45.74 4.41
C GLY A 842 15.00 46.97 4.16
N ILE A 843 13.90 47.13 4.88
CA ILE A 843 13.10 48.36 4.73
C ILE A 843 13.91 49.60 5.12
N ILE A 844 14.59 49.52 6.26
CA ILE A 844 15.47 50.60 6.74
C ILE A 844 16.53 51.01 5.72
N ILE A 845 17.18 50.02 5.12
CA ILE A 845 18.12 50.25 4.03
C ILE A 845 17.46 50.85 2.80
N SER A 846 16.28 50.33 2.46
CA SER A 846 15.49 50.81 1.33
C SER A 846 15.04 52.26 1.46
N LEU A 847 14.90 52.71 2.71
CA LEU A 847 14.40 54.05 3.00
C LEU A 847 15.36 55.18 2.61
N ILE A 848 16.65 54.88 2.55
CA ILE A 848 17.67 55.89 2.23
C ILE A 848 17.92 56.01 0.73
N TYR A 849 17.12 55.34 -0.08
CA TYR A 849 17.24 55.45 -1.53
C TYR A 849 16.66 56.77 -2.02
N GLY A 850 16.59 56.95 -3.33
CA GLY A 850 16.03 58.18 -3.89
C GLY A 850 14.53 58.07 -4.06
N TRP A 851 13.98 57.00 -3.49
CA TRP A 851 12.56 56.70 -3.42
C TRP A 851 11.93 56.22 -4.73
N GLN A 852 12.44 56.71 -5.87
CA GLN A 852 12.14 56.10 -7.16
C GLN A 852 12.76 54.71 -7.32
N LEU A 853 14.02 54.58 -6.89
CA LEU A 853 14.75 53.33 -6.96
C LEU A 853 14.04 52.20 -6.22
N THR A 854 13.45 52.54 -5.08
CA THR A 854 12.64 51.62 -4.30
C THR A 854 11.49 51.11 -5.15
N LEU A 855 10.69 52.04 -5.68
CA LEU A 855 9.52 51.69 -6.48
C LEU A 855 9.88 50.83 -7.69
N LEU A 856 10.92 51.23 -8.42
CA LEU A 856 11.36 50.47 -9.58
C LEU A 856 11.80 49.06 -9.18
N LEU A 857 12.46 48.96 -8.02
CA LEU A 857 12.91 47.67 -7.50
C LEU A 857 11.74 46.76 -7.15
N LEU A 858 10.72 47.34 -6.50
CA LEU A 858 9.54 46.58 -6.11
C LEU A 858 8.55 46.53 -7.27
N ALA A 859 8.94 47.10 -8.39
CA ALA A 859 8.21 46.89 -9.64
C ALA A 859 8.75 45.63 -10.32
N ILE A 860 9.82 45.07 -9.77
CA ILE A 860 10.42 43.85 -10.27
C ILE A 860 10.11 42.64 -9.38
N VAL A 861 10.68 42.65 -8.17
CA VAL A 861 10.65 41.50 -7.27
C VAL A 861 9.25 40.88 -7.04
N PRO A 862 8.24 41.70 -6.68
CA PRO A 862 6.93 41.08 -6.52
C PRO A 862 6.39 40.52 -7.83
N ILE A 863 6.64 41.22 -8.94
CA ILE A 863 6.17 40.79 -10.25
C ILE A 863 6.77 39.44 -10.67
N ILE A 864 8.10 39.31 -10.54
CA ILE A 864 8.76 38.05 -10.88
C ILE A 864 8.39 36.95 -9.88
N ALA A 865 8.00 37.35 -8.68
CA ALA A 865 7.56 36.40 -7.66
C ALA A 865 6.22 35.80 -8.08
N ILE A 866 5.28 36.68 -8.40
CA ILE A 866 3.97 36.25 -8.88
C ILE A 866 4.11 35.43 -10.17
N ALA A 867 5.00 35.84 -11.06
CA ALA A 867 5.25 35.07 -12.28
C ALA A 867 5.77 33.67 -11.98
N GLY A 868 6.53 33.54 -10.90
CA GLY A 868 7.01 32.22 -10.48
C GLY A 868 5.93 31.40 -9.79
N VAL A 869 5.01 32.08 -9.14
CA VAL A 869 3.91 31.40 -8.47
C VAL A 869 2.93 30.87 -9.51
N VAL A 870 2.53 31.74 -10.43
CA VAL A 870 1.60 31.36 -11.50
C VAL A 870 2.27 30.31 -12.39
N GLU A 871 3.60 30.32 -12.42
CA GLU A 871 4.33 29.28 -13.13
C GLU A 871 4.10 27.97 -12.40
N MET A 872 4.23 28.01 -11.07
CA MET A 872 4.02 26.80 -10.25
C MET A 872 2.59 26.26 -10.36
N LYS A 873 1.63 27.18 -10.45
CA LYS A 873 0.21 26.83 -10.55
C LYS A 873 -0.12 26.19 -11.90
N MET A 874 0.34 26.80 -12.98
CA MET A 874 0.08 26.23 -14.30
C MET A 874 0.77 24.87 -14.39
N LEU A 875 1.95 24.79 -13.78
CA LEU A 875 2.74 23.56 -13.74
C LEU A 875 1.94 22.43 -13.12
N SER A 876 1.46 22.63 -11.89
CA SER A 876 0.69 21.60 -11.23
C SER A 876 -0.65 21.32 -11.94
N GLY A 877 -1.24 22.35 -12.53
CA GLY A 877 -2.48 22.16 -13.27
C GLY A 877 -2.33 21.24 -14.47
N GLN A 878 -1.20 21.37 -15.16
CA GLN A 878 -0.92 20.51 -16.31
C GLN A 878 -0.50 19.12 -15.87
N ALA A 879 0.26 19.06 -14.78
CA ALA A 879 0.70 17.77 -14.26
C ALA A 879 -0.53 16.97 -13.89
N LEU A 880 -1.48 17.64 -13.24
CA LEU A 880 -2.73 17.02 -12.80
C LEU A 880 -3.62 16.59 -13.95
N LYS A 881 -3.88 17.47 -14.92
CA LYS A 881 -4.73 17.10 -16.05
C LYS A 881 -4.12 15.94 -16.85
N ASP A 882 -2.79 15.91 -16.88
CA ASP A 882 -2.07 14.83 -17.54
C ASP A 882 -2.32 13.57 -16.75
N LYS A 883 -2.26 13.69 -15.43
CA LYS A 883 -2.46 12.55 -14.55
C LYS A 883 -3.85 11.99 -14.75
N LYS A 884 -4.82 12.85 -15.06
CA LYS A 884 -6.19 12.42 -15.28
C LYS A 884 -6.31 11.62 -16.58
N GLU A 885 -5.64 12.11 -17.62
CA GLU A 885 -5.71 11.47 -18.92
C GLU A 885 -5.06 10.08 -18.88
N LEU A 886 -3.84 10.04 -18.35
CA LEU A 886 -3.13 8.77 -18.22
C LEU A 886 -3.87 7.92 -17.20
N GLU A 887 -4.63 8.56 -16.32
CA GLU A 887 -5.41 7.82 -15.34
C GLU A 887 -6.42 6.96 -16.07
N GLY A 888 -7.23 7.59 -16.93
CA GLY A 888 -8.20 6.84 -17.72
C GLY A 888 -7.63 5.78 -18.65
N SER A 889 -6.53 6.12 -19.32
CA SER A 889 -5.87 5.16 -20.21
C SER A 889 -5.29 4.00 -19.41
N GLY A 890 -4.81 4.34 -18.22
CA GLY A 890 -4.21 3.38 -17.32
C GLY A 890 -5.29 2.47 -16.78
N LYS A 891 -6.48 3.01 -16.56
CA LYS A 891 -7.59 2.21 -16.08
C LYS A 891 -8.01 1.18 -17.10
N ILE A 892 -8.27 1.61 -18.34
CA ILE A 892 -8.61 0.63 -19.37
C ILE A 892 -7.47 -0.35 -19.71
N ALA A 893 -6.23 0.08 -19.49
CA ALA A 893 -5.08 -0.80 -19.64
C ALA A 893 -5.04 -1.86 -18.55
N THR A 894 -5.15 -1.43 -17.30
CA THR A 894 -5.19 -2.35 -16.18
C THR A 894 -6.39 -3.29 -16.33
N GLU A 895 -7.46 -2.78 -16.91
CA GLU A 895 -8.63 -3.59 -17.23
C GLU A 895 -8.23 -4.72 -18.16
N ALA A 896 -7.45 -4.39 -19.18
CA ALA A 896 -7.06 -5.42 -20.16
C ALA A 896 -6.13 -6.44 -19.51
N ILE A 897 -5.04 -5.97 -18.92
CA ILE A 897 -4.03 -6.88 -18.37
C ILE A 897 -4.55 -7.74 -17.21
N GLU A 898 -5.51 -7.22 -16.45
CA GLU A 898 -6.06 -7.99 -15.35
C GLU A 898 -6.96 -9.11 -15.88
N ASN A 899 -7.51 -8.92 -17.07
CA ASN A 899 -8.27 -9.97 -17.72
C ASN A 899 -7.46 -10.67 -18.82
N PHE A 900 -7.00 -11.87 -18.51
CA PHE A 900 -6.10 -12.61 -19.39
C PHE A 900 -6.89 -13.45 -20.39
N ARG A 901 -8.19 -13.51 -20.17
CA ARG A 901 -9.05 -14.35 -20.96
C ARG A 901 -9.20 -13.80 -22.37
N THR A 902 -8.70 -12.59 -22.58
CA THR A 902 -8.76 -11.99 -23.90
C THR A 902 -7.88 -12.77 -24.85
N VAL A 903 -6.88 -13.44 -24.29
CA VAL A 903 -5.94 -14.15 -25.15
C VAL A 903 -6.60 -15.39 -25.73
N VAL A 904 -7.73 -15.83 -25.16
CA VAL A 904 -8.35 -17.01 -25.73
C VAL A 904 -9.00 -16.60 -27.05
N SER A 905 -9.52 -15.37 -27.12
CA SER A 905 -10.06 -14.89 -28.38
C SER A 905 -9.00 -14.37 -29.36
N LEU A 906 -8.06 -13.60 -28.82
CA LEU A 906 -6.96 -13.01 -29.60
C LEU A 906 -7.47 -11.94 -30.59
N THR A 907 -8.78 -11.90 -30.79
CA THR A 907 -9.39 -10.94 -31.71
C THR A 907 -9.07 -9.53 -31.24
N ARG A 908 -8.95 -9.36 -29.93
CA ARG A 908 -8.82 -8.05 -29.32
C ARG A 908 -7.37 -7.66 -29.07
N GLU A 909 -6.43 -8.52 -29.44
CA GLU A 909 -5.01 -8.24 -29.19
C GLU A 909 -4.58 -6.91 -29.79
N GLN A 910 -4.78 -6.77 -31.09
CA GLN A 910 -4.46 -5.55 -31.81
C GLN A 910 -5.51 -4.47 -31.59
N LYS A 911 -6.76 -4.89 -31.42
CA LYS A 911 -7.87 -3.97 -31.19
C LYS A 911 -7.72 -3.14 -29.91
N PHE A 912 -7.26 -3.80 -28.85
CA PHE A 912 -7.01 -3.15 -27.57
C PHE A 912 -5.89 -2.13 -27.66
N GLU A 913 -4.80 -2.49 -28.32
CA GLU A 913 -3.70 -1.55 -28.48
C GLU A 913 -4.09 -0.43 -29.44
N THR A 914 -5.14 -0.69 -30.23
CA THR A 914 -5.69 0.31 -31.13
C THR A 914 -6.43 1.36 -30.30
N MET A 915 -7.31 0.88 -29.42
CA MET A 915 -8.05 1.78 -28.55
C MET A 915 -7.09 2.54 -27.63
N TYR A 916 -6.06 1.87 -27.17
CA TYR A 916 -5.04 2.50 -26.33
C TYR A 916 -4.27 3.55 -27.11
N ALA A 917 -4.01 3.27 -28.38
CA ALA A 917 -3.36 4.24 -29.27
C ALA A 917 -4.21 5.51 -29.34
N GLN A 918 -5.50 5.33 -29.62
CA GLN A 918 -6.43 6.44 -29.66
C GLN A 918 -6.55 7.18 -28.32
N SER A 919 -6.38 6.46 -27.22
CA SER A 919 -6.42 7.05 -25.89
C SER A 919 -5.17 7.87 -25.59
N LEU A 920 -4.03 7.34 -25.98
CA LEU A 920 -2.73 7.99 -25.78
C LEU A 920 -2.53 9.14 -26.75
N GLN A 921 -3.36 9.23 -27.78
CA GLN A 921 -3.21 10.29 -28.77
C GLN A 921 -3.50 11.65 -28.14
N ILE A 922 -4.42 11.69 -27.19
CA ILE A 922 -4.79 12.95 -26.54
C ILE A 922 -3.64 13.54 -25.69
N PRO A 923 -3.01 12.74 -24.80
CA PRO A 923 -1.87 13.31 -24.08
C PRO A 923 -0.71 13.67 -25.00
N TYR A 924 -0.60 12.96 -26.11
CA TYR A 924 0.43 13.22 -27.12
C TYR A 924 0.31 14.67 -27.58
N ARG A 925 -0.88 15.05 -28.04
CA ARG A 925 -1.14 16.43 -28.44
C ARG A 925 -1.02 17.36 -27.24
N ASN A 926 -1.38 16.84 -26.06
CA ASN A 926 -1.23 17.58 -24.81
C ASN A 926 0.24 17.75 -24.44
N ALA A 927 1.04 16.76 -24.79
CA ALA A 927 2.48 16.85 -24.59
C ALA A 927 3.02 17.95 -25.49
N MET A 928 2.53 17.97 -26.73
CA MET A 928 2.84 19.04 -27.67
C MET A 928 2.32 20.37 -27.15
N LYS A 929 1.20 20.32 -26.44
CA LYS A 929 0.58 21.52 -25.89
C LYS A 929 1.41 22.11 -24.76
N LYS A 930 1.95 21.24 -23.90
CA LYS A 930 2.74 21.70 -22.77
C LYS A 930 4.15 22.06 -23.21
N ALA A 931 4.50 21.70 -24.45
CA ALA A 931 5.77 22.11 -25.04
C ALA A 931 5.82 23.62 -25.17
N HIS A 932 4.73 24.19 -25.66
CA HIS A 932 4.59 25.62 -25.79
C HIS A 932 4.42 26.26 -24.42
N VAL A 933 3.67 25.59 -23.54
CA VAL A 933 3.36 26.10 -22.21
C VAL A 933 4.55 26.18 -21.25
N PHE A 934 5.25 25.06 -21.05
CA PHE A 934 6.44 25.05 -20.20
C PHE A 934 7.56 25.89 -20.80
N GLY A 935 7.61 25.96 -22.12
CA GLY A 935 8.61 26.75 -22.81
C GLY A 935 8.51 28.23 -22.56
N ILE A 936 7.30 28.78 -22.61
CA ILE A 936 7.11 30.21 -22.42
C ILE A 936 7.28 30.63 -20.95
N THR A 937 6.94 29.73 -20.03
CA THR A 937 7.01 30.03 -18.61
C THR A 937 8.44 30.25 -18.16
N PHE A 938 9.29 29.26 -18.41
CA PHE A 938 10.69 29.32 -18.00
C PHE A 938 11.42 30.43 -18.76
N SER A 939 11.08 30.59 -20.04
CA SER A 939 11.63 31.66 -20.86
C SER A 939 11.34 33.02 -20.25
N PHE A 940 10.07 33.24 -19.92
CA PHE A 940 9.63 34.48 -19.31
C PHE A 940 10.27 34.68 -17.94
N THR A 941 10.48 33.59 -17.22
CA THR A 941 11.13 33.63 -15.92
C THR A 941 12.52 34.23 -16.08
N GLN A 942 13.22 33.78 -17.12
CA GLN A 942 14.55 34.30 -17.41
C GLN A 942 14.47 35.62 -18.17
N ALA A 943 13.32 35.89 -18.78
CA ALA A 943 13.10 37.16 -19.46
C ALA A 943 13.00 38.27 -18.43
N MET A 944 12.55 37.92 -17.23
CA MET A 944 12.48 38.88 -16.13
C MET A 944 13.85 39.02 -15.47
N MET A 945 14.72 38.04 -15.70
CA MET A 945 16.05 38.06 -15.10
C MET A 945 16.92 39.18 -15.67
N TYR A 946 17.05 39.24 -16.99
CA TYR A 946 17.84 40.30 -17.62
C TYR A 946 17.13 41.63 -17.42
N PHE A 947 15.81 41.61 -17.48
CA PHE A 947 14.98 42.80 -17.30
C PHE A 947 15.17 43.36 -15.90
N SER A 948 15.46 42.48 -14.95
CA SER A 948 15.74 42.88 -13.57
C SER A 948 17.07 43.62 -13.53
N TYR A 949 18.10 42.98 -14.07
CA TYR A 949 19.44 43.56 -14.12
C TYR A 949 19.47 44.84 -14.95
N ALA A 950 18.65 44.88 -15.99
CA ALA A 950 18.54 46.07 -16.84
C ALA A 950 18.16 47.30 -16.02
N ALA A 951 16.93 47.34 -15.55
CA ALA A 951 16.39 48.49 -14.83
C ALA A 951 17.22 48.84 -13.59
N CYS A 952 17.84 47.82 -13.00
CA CYS A 952 18.74 48.04 -11.86
C CYS A 952 19.90 48.94 -12.25
N PHE A 953 20.67 48.53 -13.26
CA PHE A 953 21.83 49.29 -13.70
C PHE A 953 21.47 50.44 -14.64
N ARG A 954 20.44 50.25 -15.46
CA ARG A 954 19.96 51.29 -16.36
C ARG A 954 19.61 52.54 -15.56
N PHE A 955 18.64 52.42 -14.66
CA PHE A 955 18.22 53.54 -13.84
C PHE A 955 19.29 53.89 -12.80
N GLY A 956 20.14 52.93 -12.46
CA GLY A 956 21.28 53.21 -11.60
C GLY A 956 22.24 54.17 -12.30
N ALA A 957 22.40 53.97 -13.60
CA ALA A 957 23.03 54.94 -14.47
C ALA A 957 21.96 55.93 -14.96
N TYR A 958 22.24 56.67 -16.01
CA TYR A 958 21.25 57.56 -16.63
C TYR A 958 20.84 58.65 -15.63
N LEU A 959 19.56 58.68 -15.27
CA LEU A 959 19.01 59.71 -14.39
C LEU A 959 19.77 59.89 -13.07
N VAL A 960 20.19 58.79 -12.44
CA VAL A 960 20.99 58.90 -11.23
C VAL A 960 22.36 59.45 -11.59
N THR A 961 22.90 59.04 -12.75
CA THR A 961 24.23 59.49 -13.18
C THR A 961 24.18 61.02 -13.38
N GLN A 962 22.95 61.53 -13.52
CA GLN A 962 22.70 62.86 -14.07
C GLN A 962 23.00 63.89 -12.99
N GLN A 963 22.46 63.64 -11.80
CA GLN A 963 22.70 64.52 -10.66
C GLN A 963 22.96 63.74 -9.38
N LEU A 964 24.07 64.09 -8.73
CA LEU A 964 24.50 63.50 -7.47
C LEU A 964 24.69 61.99 -7.54
N MET A 965 25.48 61.53 -8.50
CA MET A 965 25.82 60.12 -8.62
C MET A 965 26.64 59.68 -7.41
N THR A 966 26.20 58.61 -6.75
CA THR A 966 26.85 58.20 -5.51
C THR A 966 27.28 56.72 -5.56
N PHE A 967 28.25 56.37 -4.72
CA PHE A 967 28.73 55.00 -4.65
C PHE A 967 27.72 54.10 -3.95
N GLU A 968 26.90 54.70 -3.09
CA GLU A 968 25.91 53.94 -2.34
C GLU A 968 24.64 53.75 -3.14
N ASN A 969 23.68 53.02 -2.54
CA ASN A 969 22.35 52.77 -3.09
C ASN A 969 22.33 51.81 -4.27
N VAL A 970 23.47 51.61 -4.92
CA VAL A 970 23.58 50.62 -5.99
C VAL A 970 23.86 49.20 -5.46
N LEU A 971 24.77 49.10 -4.49
CA LEU A 971 25.08 47.81 -3.88
C LEU A 971 24.02 47.43 -2.85
N LEU A 972 23.28 48.43 -2.40
CA LEU A 972 22.18 48.23 -1.48
C LEU A 972 21.03 47.55 -2.21
N VAL A 973 20.95 47.80 -3.51
CA VAL A 973 20.00 47.11 -4.36
C VAL A 973 20.33 45.62 -4.34
N PHE A 974 21.62 45.32 -4.50
CA PHE A 974 22.11 43.95 -4.45
C PHE A 974 21.82 43.32 -3.10
N SER A 975 21.88 44.15 -2.05
CA SER A 975 21.54 43.68 -0.71
C SER A 975 20.06 43.27 -0.66
N ALA A 976 19.19 44.14 -1.16
CA ALA A 976 17.76 43.85 -1.19
C ALA A 976 17.48 42.61 -2.03
N ILE A 977 18.31 42.39 -3.04
CA ILE A 977 18.21 41.21 -3.89
C ILE A 977 18.51 39.95 -3.09
N VAL A 978 19.64 39.92 -2.40
CA VAL A 978 20.01 38.73 -1.62
C VAL A 978 19.01 38.51 -0.47
N PHE A 979 18.30 39.57 -0.09
CA PHE A 979 17.26 39.43 0.92
C PHE A 979 16.01 38.80 0.32
N GLY A 980 15.71 39.15 -0.93
CA GLY A 980 14.59 38.54 -1.62
C GLY A 980 14.88 37.10 -1.96
N ALA A 981 16.17 36.79 -2.08
CA ALA A 981 16.61 35.44 -2.39
C ALA A 981 16.54 34.55 -1.15
N MET A 982 16.90 35.11 0.00
CA MET A 982 16.87 34.30 1.21
C MET A 982 15.44 34.25 1.73
N ALA A 983 14.63 35.19 1.25
CA ALA A 983 13.21 35.25 1.59
C ALA A 983 12.51 34.15 0.83
N VAL A 984 12.49 34.26 -0.50
CA VAL A 984 11.86 33.23 -1.32
C VAL A 984 12.41 31.84 -0.97
N GLY A 985 13.74 31.73 -0.92
CA GLY A 985 14.37 30.45 -0.65
C GLY A 985 13.99 29.79 0.66
N GLN A 986 14.07 30.54 1.76
CA GLN A 986 13.79 29.94 3.07
C GLN A 986 12.29 29.77 3.31
N VAL A 987 11.51 30.77 2.93
CA VAL A 987 10.06 30.71 3.13
C VAL A 987 9.51 29.53 2.33
N SER A 988 9.81 29.49 1.03
CA SER A 988 9.33 28.40 0.19
C SER A 988 9.89 27.05 0.64
N SER A 989 11.06 27.05 1.29
CA SER A 989 11.60 25.79 1.78
C SER A 989 10.82 25.26 2.99
N PHE A 990 10.45 26.16 3.90
CA PHE A 990 9.71 25.77 5.09
C PHE A 990 8.19 25.80 4.94
N ALA A 991 7.71 26.17 3.77
CA ALA A 991 6.27 26.18 3.48
C ALA A 991 5.61 24.80 3.57
N PRO A 992 6.16 23.78 2.88
CA PRO A 992 5.52 22.46 3.03
C PRO A 992 5.70 21.83 4.40
N ASP A 993 6.77 22.21 5.10
CA ASP A 993 6.99 21.78 6.47
C ASP A 993 5.85 22.23 7.38
N TYR A 994 5.36 23.43 7.13
CA TYR A 994 4.21 23.97 7.86
C TYR A 994 2.91 23.27 7.51
N ALA A 995 2.85 22.67 6.32
CA ALA A 995 1.62 22.03 5.85
C ALA A 995 1.40 20.69 6.55
N LYS A 996 2.30 19.74 6.29
CA LYS A 996 2.19 18.41 6.87
C LYS A 996 2.12 18.44 8.39
N ALA A 997 2.82 19.40 8.99
CA ALA A 997 2.77 19.62 10.43
C ALA A 997 1.36 20.01 10.86
N THR A 998 0.80 21.01 10.18
CA THR A 998 -0.55 21.49 10.47
C THR A 998 -1.55 20.34 10.41
N VAL A 999 -1.40 19.50 9.40
CA VAL A 999 -2.25 18.32 9.23
C VAL A 999 -1.97 17.32 10.36
N SER A 1000 -0.70 17.03 10.58
CA SER A 1000 -0.29 16.11 11.64
C SER A 1000 -0.70 16.62 13.02
N ALA A 1001 -0.60 17.93 13.22
CA ALA A 1001 -1.05 18.55 14.46
C ALA A 1001 -2.57 18.42 14.61
N SER A 1002 -3.26 18.52 13.48
CA SER A 1002 -4.71 18.41 13.48
C SER A 1002 -5.15 17.05 14.02
N HIS A 1003 -4.40 16.01 13.67
CA HIS A 1003 -4.69 14.66 14.14
C HIS A 1003 -4.43 14.55 15.64
N ILE A 1004 -3.24 14.99 16.06
CA ILE A 1004 -2.80 14.85 17.45
C ILE A 1004 -3.68 15.62 18.43
N ILE A 1005 -4.33 16.68 17.95
CA ILE A 1005 -5.20 17.49 18.79
C ILE A 1005 -6.55 16.80 19.04
N ARG A 1006 -7.15 16.27 17.99
CA ARG A 1006 -8.45 15.61 18.11
C ARG A 1006 -8.37 14.29 18.90
N ILE A 1007 -7.21 13.65 18.88
CA ILE A 1007 -7.01 12.40 19.61
C ILE A 1007 -6.87 12.63 21.12
N ILE A 1008 -6.15 13.68 21.51
CA ILE A 1008 -5.87 13.93 22.91
C ILE A 1008 -7.12 14.41 23.68
N GLU A 1009 -8.06 15.02 22.96
CA GLU A 1009 -9.32 15.43 23.55
C GLU A 1009 -10.00 14.22 24.17
N LYS A 1010 -9.76 13.08 23.52
CA LYS A 1010 -10.21 11.76 23.95
C LYS A 1010 -11.72 11.67 24.17
N THR A 1011 -12.11 10.72 25.01
CA THR A 1011 -13.41 10.63 25.65
C THR A 1011 -13.17 9.81 26.93
N PRO A 1012 -12.52 10.45 27.94
CA PRO A 1012 -11.82 9.76 29.03
C PRO A 1012 -12.62 8.62 29.65
N GLU A 1013 -13.94 8.77 29.70
CA GLU A 1013 -14.82 7.74 30.24
C GLU A 1013 -14.38 7.26 31.64
N ILE A 1014 -14.03 5.98 31.70
CA ILE A 1014 -13.65 5.26 32.90
C ILE A 1014 -12.19 5.42 33.36
N ASP A 1015 -11.97 5.92 34.58
CA ASP A 1015 -10.64 5.83 35.17
C ASP A 1015 -10.67 5.29 36.60
N SER A 1016 -11.19 6.09 37.54
CA SER A 1016 -11.28 5.68 38.95
C SER A 1016 -12.69 5.86 39.50
N TYR A 1017 -12.99 7.05 39.99
CA TYR A 1017 -14.29 7.35 40.55
C TYR A 1017 -14.61 6.42 41.73
N SER A 1018 -15.90 6.12 41.89
CA SER A 1018 -16.35 5.25 42.96
C SER A 1018 -17.45 4.29 42.55
N THR A 1019 -18.66 4.84 42.37
CA THR A 1019 -19.83 4.08 41.99
C THR A 1019 -20.21 3.11 43.10
N GLN A 1020 -19.27 2.90 44.02
CA GLN A 1020 -19.44 2.02 45.16
C GLN A 1020 -18.42 2.38 46.24
N GLY A 1021 -18.71 1.99 47.48
CA GLY A 1021 -17.80 2.29 48.58
C GLY A 1021 -16.93 1.12 48.98
N LEU A 1022 -16.97 0.06 48.18
CA LEU A 1022 -16.18 -1.14 48.46
C LEU A 1022 -16.44 -1.62 49.89
N LYS A 1023 -17.66 -2.08 50.13
CA LYS A 1023 -18.07 -2.56 51.44
C LYS A 1023 -17.33 -3.85 51.81
N PRO A 1024 -16.99 -4.01 53.09
CA PRO A 1024 -16.29 -5.20 53.58
C PRO A 1024 -16.98 -6.54 53.31
N ASN A 1025 -18.28 -6.48 52.97
CA ASN A 1025 -19.11 -7.66 52.69
C ASN A 1025 -19.26 -8.07 51.21
N MET A 1026 -18.29 -7.80 50.34
CA MET A 1026 -18.40 -8.10 48.91
C MET A 1026 -17.52 -9.22 48.22
N LEU A 1027 -17.87 -10.54 48.29
CA LEU A 1027 -17.04 -11.62 47.66
C LEU A 1027 -17.79 -12.73 46.85
N GLU A 1028 -17.98 -13.97 47.41
CA GLU A 1028 -18.75 -14.93 46.62
C GLU A 1028 -18.09 -15.25 45.28
N GLY A 1029 -18.66 -14.73 44.19
CA GLY A 1029 -18.13 -15.06 42.88
C GLY A 1029 -19.07 -15.93 42.07
N ASN A 1030 -20.35 -15.92 42.42
CA ASN A 1030 -21.35 -16.65 41.64
C ASN A 1030 -21.89 -15.77 40.52
N VAL A 1031 -21.47 -16.07 39.29
CA VAL A 1031 -21.70 -15.20 38.14
C VAL A 1031 -22.95 -15.50 37.31
N GLN A 1032 -23.80 -14.49 37.17
CA GLN A 1032 -25.07 -14.59 36.44
C GLN A 1032 -25.01 -14.00 35.03
N PHE A 1033 -25.64 -14.71 34.10
CA PHE A 1033 -25.91 -14.25 32.73
C PHE A 1033 -27.37 -14.53 32.40
N SER A 1034 -28.07 -13.49 31.94
CA SER A 1034 -29.47 -13.65 31.55
C SER A 1034 -29.83 -12.83 30.31
N GLY A 1035 -30.37 -13.49 29.30
CA GLY A 1035 -30.83 -12.83 28.09
C GLY A 1035 -29.82 -11.88 27.46
N VAL A 1036 -28.55 -12.28 27.47
CA VAL A 1036 -27.48 -11.42 26.99
C VAL A 1036 -27.23 -11.55 25.50
N VAL A 1037 -27.32 -10.44 24.77
CA VAL A 1037 -26.93 -10.45 23.38
C VAL A 1037 -25.73 -9.52 23.23
N PHE A 1038 -24.83 -9.84 22.32
CA PHE A 1038 -23.63 -9.03 22.13
C PHE A 1038 -23.10 -9.10 20.72
N ASN A 1039 -22.47 -8.00 20.29
CA ASN A 1039 -21.71 -8.00 19.07
C ASN A 1039 -20.47 -7.14 19.24
N TYR A 1040 -19.38 -7.64 18.70
CA TYR A 1040 -18.16 -6.85 18.73
C TYR A 1040 -18.32 -5.73 17.72
N PRO A 1041 -17.62 -4.61 17.94
CA PRO A 1041 -17.98 -3.43 17.15
C PRO A 1041 -17.76 -3.52 15.64
N THR A 1042 -18.47 -4.48 15.04
CA THR A 1042 -18.74 -4.51 13.63
C THR A 1042 -20.19 -4.87 13.84
N ARG A 1043 -21.10 -3.97 13.49
CA ARG A 1043 -22.46 -4.15 13.99
C ARG A 1043 -23.17 -5.40 13.42
N PRO A 1044 -23.30 -5.49 12.07
CA PRO A 1044 -24.00 -6.63 11.45
C PRO A 1044 -23.03 -7.75 11.08
N SER A 1045 -22.30 -8.16 12.10
CA SER A 1045 -21.23 -9.15 12.07
C SER A 1045 -21.76 -10.52 12.49
N ILE A 1046 -23.09 -10.66 12.58
CA ILE A 1046 -23.73 -11.84 13.16
C ILE A 1046 -23.28 -11.97 14.59
N PRO A 1047 -23.91 -11.15 15.47
CA PRO A 1047 -23.51 -11.05 16.87
C PRO A 1047 -23.36 -12.47 17.38
N VAL A 1048 -22.28 -12.74 18.10
CA VAL A 1048 -22.03 -14.11 18.50
C VAL A 1048 -22.89 -14.51 19.68
N LEU A 1049 -23.27 -13.54 20.52
CA LEU A 1049 -24.16 -13.82 21.65
C LEU A 1049 -25.57 -13.35 21.34
N GLN A 1050 -26.53 -14.27 21.30
CA GLN A 1050 -27.94 -13.90 21.19
C GLN A 1050 -28.85 -14.75 22.08
N GLY A 1051 -29.53 -14.11 23.03
CA GLY A 1051 -30.40 -14.84 23.94
C GLY A 1051 -29.60 -15.82 24.78
N LEU A 1052 -28.59 -15.30 25.47
CA LEU A 1052 -27.70 -16.15 26.26
C LEU A 1052 -27.91 -15.99 27.77
N SER A 1053 -28.00 -17.12 28.46
CA SER A 1053 -28.09 -17.10 29.92
C SER A 1053 -27.32 -18.23 30.58
N LEU A 1054 -26.48 -17.90 31.54
CA LEU A 1054 -25.74 -18.89 32.32
C LEU A 1054 -25.77 -18.60 33.81
N GLU A 1055 -25.21 -19.54 34.57
CA GLU A 1055 -25.02 -19.37 36.00
C GLU A 1055 -23.86 -20.25 36.43
N VAL A 1056 -23.08 -19.80 37.40
CA VAL A 1056 -22.01 -20.62 37.95
C VAL A 1056 -21.88 -20.40 39.45
N LYS A 1057 -21.84 -21.48 40.22
CA LYS A 1057 -21.63 -21.39 41.66
C LYS A 1057 -20.17 -21.12 41.99
N LYS A 1058 -19.92 -20.57 43.18
CA LYS A 1058 -18.57 -20.29 43.63
C LYS A 1058 -17.76 -21.56 43.87
N GLY A 1059 -16.45 -21.45 43.85
CA GLY A 1059 -15.58 -22.55 44.19
C GLY A 1059 -15.67 -23.77 43.28
N GLN A 1060 -16.20 -23.59 42.08
CA GLN A 1060 -16.34 -24.72 41.16
C GLN A 1060 -16.02 -24.30 39.73
N THR A 1061 -15.70 -25.29 38.90
CA THR A 1061 -15.30 -25.04 37.52
C THR A 1061 -16.50 -25.01 36.58
N LEU A 1062 -16.61 -23.94 35.81
CA LEU A 1062 -17.62 -23.84 34.77
C LEU A 1062 -16.98 -24.09 33.40
N ALA A 1063 -17.30 -25.24 32.81
CA ALA A 1063 -16.79 -25.61 31.51
C ALA A 1063 -17.55 -24.89 30.39
N LEU A 1064 -16.90 -24.73 29.24
CA LEU A 1064 -17.54 -24.12 28.08
C LEU A 1064 -17.06 -24.76 26.77
N VAL A 1065 -17.98 -25.02 25.85
CA VAL A 1065 -17.61 -25.60 24.56
C VAL A 1065 -18.55 -25.15 23.43
N GLY A 1066 -17.99 -24.87 22.26
CA GLY A 1066 -18.78 -24.39 21.14
C GLY A 1066 -18.14 -24.80 19.82
N SER A 1067 -18.77 -24.45 18.69
CA SER A 1067 -18.28 -24.94 17.39
C SER A 1067 -16.87 -24.52 17.03
N SER A 1068 -16.69 -23.24 16.71
CA SER A 1068 -15.38 -22.61 16.58
C SER A 1068 -15.44 -21.13 16.87
N GLY A 1069 -14.31 -20.45 16.66
CA GLY A 1069 -14.33 -19.01 16.56
C GLY A 1069 -14.70 -18.37 17.87
N CYS A 1070 -15.78 -17.60 17.82
CA CYS A 1070 -16.16 -16.78 18.96
C CYS A 1070 -17.37 -17.37 19.69
N GLY A 1071 -17.70 -16.66 20.75
CA GLY A 1071 -18.73 -16.94 21.73
C GLY A 1071 -18.06 -17.75 22.82
N LYS A 1072 -17.00 -18.47 22.44
CA LYS A 1072 -16.14 -19.13 23.43
C LYS A 1072 -15.51 -18.02 24.25
N SER A 1073 -14.64 -17.31 23.53
CA SER A 1073 -13.76 -16.25 23.99
C SER A 1073 -14.50 -14.99 24.40
N THR A 1074 -15.58 -14.69 23.67
CA THR A 1074 -16.30 -13.45 23.86
C THR A 1074 -16.90 -13.37 25.25
N VAL A 1075 -17.43 -14.48 25.77
CA VAL A 1075 -17.97 -14.48 27.13
C VAL A 1075 -16.91 -13.96 28.10
N VAL A 1076 -15.70 -14.51 27.97
CA VAL A 1076 -14.56 -14.09 28.76
C VAL A 1076 -14.26 -12.60 28.53
N GLN A 1077 -14.38 -12.15 27.29
CA GLN A 1077 -14.11 -10.76 26.94
C GLN A 1077 -15.11 -9.81 27.61
N LEU A 1078 -16.38 -10.21 27.60
CA LEU A 1078 -17.47 -9.46 28.18
C LEU A 1078 -17.34 -9.43 29.69
N LEU A 1079 -16.74 -10.47 30.25
CA LEU A 1079 -16.54 -10.52 31.68
C LEU A 1079 -15.45 -9.51 32.03
N GLU A 1080 -14.55 -9.25 31.08
CA GLU A 1080 -13.56 -8.18 31.24
C GLU A 1080 -14.22 -6.83 31.05
N ARG A 1081 -15.46 -6.86 30.58
CA ARG A 1081 -16.19 -5.65 30.23
C ARG A 1081 -15.41 -4.87 29.18
N PHE A 1082 -14.82 -5.58 28.22
CA PHE A 1082 -14.15 -4.93 27.11
C PHE A 1082 -15.19 -4.12 26.35
N TYR A 1083 -16.38 -4.71 26.19
CA TYR A 1083 -17.51 -4.01 25.60
C TYR A 1083 -18.82 -4.37 26.29
N ASP A 1084 -19.60 -3.36 26.64
CA ASP A 1084 -20.92 -3.58 27.24
C ASP A 1084 -21.92 -4.04 26.18
N PRO A 1085 -22.57 -5.18 26.43
CA PRO A 1085 -23.49 -5.83 25.49
C PRO A 1085 -24.66 -4.95 25.06
N MET A 1086 -25.23 -5.27 23.90
CA MET A 1086 -26.33 -4.48 23.34
C MET A 1086 -27.61 -4.54 24.18
N ALA A 1087 -27.87 -5.71 24.76
CA ALA A 1087 -29.05 -5.90 25.59
C ALA A 1087 -28.82 -7.00 26.62
N GLY A 1088 -29.66 -7.05 27.64
CA GLY A 1088 -29.51 -8.04 28.70
C GLY A 1088 -28.58 -7.55 29.78
N SER A 1089 -28.31 -8.39 30.78
CA SER A 1089 -27.45 -7.99 31.89
C SER A 1089 -26.57 -9.11 32.42
N VAL A 1090 -25.54 -8.72 33.17
CA VAL A 1090 -24.56 -9.63 33.75
C VAL A 1090 -24.22 -9.26 35.19
N PHE A 1091 -24.16 -10.27 36.05
CA PHE A 1091 -23.93 -10.05 37.49
C PHE A 1091 -22.78 -10.89 38.02
N LEU A 1092 -22.10 -10.38 39.05
CA LEU A 1092 -20.98 -11.10 39.66
C LEU A 1092 -21.34 -11.56 41.08
N ASP A 1093 -21.66 -10.62 41.97
CA ASP A 1093 -22.22 -10.98 43.27
C ASP A 1093 -23.74 -10.88 43.26
N GLY A 1094 -24.29 -10.56 42.10
CA GLY A 1094 -25.70 -10.26 41.97
C GLY A 1094 -25.86 -8.77 41.73
N LYS A 1095 -24.79 -8.04 41.98
CA LYS A 1095 -24.71 -6.63 41.64
C LYS A 1095 -24.57 -6.50 40.14
N GLU A 1096 -24.93 -5.35 39.59
CA GLU A 1096 -24.90 -5.19 38.15
C GLU A 1096 -23.50 -4.80 37.67
N ILE A 1097 -22.91 -5.66 36.85
CA ILE A 1097 -21.61 -5.40 36.23
C ILE A 1097 -21.71 -4.11 35.42
N LYS A 1098 -22.84 -3.96 34.76
CA LYS A 1098 -23.19 -2.76 34.03
C LYS A 1098 -22.98 -1.53 34.91
N GLN A 1099 -23.40 -1.64 36.17
CA GLN A 1099 -23.25 -0.56 37.11
C GLN A 1099 -22.03 -0.72 38.02
N LEU A 1100 -21.24 -1.76 37.83
CA LEU A 1100 -20.07 -1.95 38.66
C LEU A 1100 -18.91 -1.08 38.19
N ASN A 1101 -18.02 -0.72 39.11
CA ASN A 1101 -16.79 -0.02 38.76
C ASN A 1101 -15.91 -0.92 37.88
N VAL A 1102 -15.36 -0.34 36.83
CA VAL A 1102 -14.52 -1.08 35.88
C VAL A 1102 -13.21 -1.59 36.49
N GLN A 1103 -12.58 -0.78 37.32
CA GLN A 1103 -11.27 -1.12 37.87
C GLN A 1103 -11.31 -2.33 38.78
N TRP A 1104 -12.16 -2.29 39.80
CA TRP A 1104 -12.21 -3.37 40.76
C TRP A 1104 -12.70 -4.67 40.11
N LEU A 1105 -13.55 -4.54 39.08
CA LEU A 1105 -13.98 -5.71 38.34
C LEU A 1105 -12.79 -6.40 37.67
N ARG A 1106 -11.84 -5.59 37.22
CA ARG A 1106 -10.63 -6.13 36.58
C ARG A 1106 -9.54 -6.34 37.61
N ALA A 1107 -9.87 -6.07 38.86
CA ALA A 1107 -8.95 -6.31 39.97
C ALA A 1107 -8.92 -7.80 40.30
N GLN A 1108 -10.05 -8.49 40.15
CA GLN A 1108 -10.01 -9.94 40.29
C GLN A 1108 -10.34 -10.62 38.96
N LEU A 1109 -9.32 -11.14 38.30
CA LEU A 1109 -9.47 -11.87 37.03
C LEU A 1109 -8.38 -12.90 36.82
N GLY A 1110 -8.75 -14.04 36.25
CA GLY A 1110 -7.83 -15.13 36.00
C GLY A 1110 -7.43 -15.28 34.54
N ILE A 1111 -7.54 -14.20 33.77
CA ILE A 1111 -7.40 -14.27 32.31
C ILE A 1111 -6.10 -14.94 31.83
N VAL A 1112 -6.28 -15.93 30.95
CA VAL A 1112 -5.16 -16.59 30.29
C VAL A 1112 -5.46 -16.76 28.80
N SER A 1113 -4.63 -16.18 27.94
CA SER A 1113 -4.90 -16.23 26.51
C SER A 1113 -4.28 -17.48 25.89
N GLN A 1114 -4.47 -17.64 24.58
CA GLN A 1114 -3.90 -18.78 23.85
C GLN A 1114 -2.39 -18.73 23.85
N GLU A 1115 -1.86 -17.61 23.37
CA GLU A 1115 -0.43 -17.38 23.33
C GLU A 1115 -0.13 -16.14 24.15
N PRO A 1116 0.14 -16.33 25.44
CA PRO A 1116 0.39 -15.21 26.36
C PRO A 1116 1.54 -14.35 25.88
N ILE A 1117 1.34 -13.03 25.86
CA ILE A 1117 2.39 -12.12 25.43
C ILE A 1117 3.19 -11.63 26.64
N LEU A 1118 4.48 -11.96 26.63
CA LEU A 1118 5.39 -11.57 27.70
C LEU A 1118 6.17 -10.28 27.42
N PHE A 1119 5.95 -9.28 28.25
CA PHE A 1119 6.71 -8.03 28.22
C PHE A 1119 8.21 -8.27 28.41
N ASP A 1120 9.02 -7.46 27.75
CA ASP A 1120 10.45 -7.56 27.93
C ASP A 1120 10.80 -6.88 29.24
N CYS A 1121 11.34 -7.66 30.17
CA CYS A 1121 11.60 -7.19 31.53
C CYS A 1121 12.13 -8.39 32.31
N SER A 1122 12.52 -8.17 33.56
CA SER A 1122 12.89 -9.30 34.40
C SER A 1122 11.69 -10.22 34.57
N ILE A 1123 11.91 -11.51 34.39
CA ILE A 1123 10.83 -12.49 34.48
C ILE A 1123 10.15 -12.41 35.84
N ALA A 1124 10.92 -12.04 36.86
CA ALA A 1124 10.36 -11.79 38.19
C ALA A 1124 9.36 -10.63 38.16
N GLU A 1125 9.73 -9.57 37.44
CA GLU A 1125 8.85 -8.42 37.26
C GLU A 1125 7.72 -8.71 36.28
N ASN A 1126 7.91 -9.71 35.44
CA ASN A 1126 6.86 -10.17 34.55
C ASN A 1126 5.81 -10.95 35.33
N ILE A 1127 6.28 -11.87 36.16
CA ILE A 1127 5.45 -12.70 37.03
C ILE A 1127 4.54 -11.84 37.91
N ALA A 1128 5.10 -10.79 38.50
CA ALA A 1128 4.32 -9.88 39.31
C ALA A 1128 4.00 -8.58 38.58
N TYR A 1129 2.74 -8.44 38.18
CA TYR A 1129 2.28 -7.19 37.63
C TYR A 1129 1.47 -6.54 38.74
N GLY A 1130 1.91 -5.36 39.18
CA GLY A 1130 1.27 -4.70 40.29
C GLY A 1130 -0.16 -4.44 39.89
N ASP A 1131 -1.09 -5.00 40.68
CA ASP A 1131 -2.50 -4.78 40.42
C ASP A 1131 -2.87 -3.34 40.75
N ASN A 1132 -2.60 -2.94 41.99
CA ASN A 1132 -2.75 -1.55 42.38
C ASN A 1132 -1.55 -1.02 43.16
N SER A 1133 -1.49 -1.41 44.42
CA SER A 1133 -0.42 -1.02 45.33
C SER A 1133 0.60 -2.12 45.50
N ARG A 1134 0.41 -3.24 44.80
CA ARG A 1134 1.15 -4.44 45.13
C ARG A 1134 2.62 -4.31 44.73
N VAL A 1135 3.49 -4.37 45.73
CA VAL A 1135 4.92 -4.30 45.52
C VAL A 1135 5.37 -5.65 45.01
N VAL A 1136 6.54 -5.71 44.39
CA VAL A 1136 7.10 -6.98 43.98
C VAL A 1136 7.45 -7.75 45.25
N SER A 1137 6.86 -8.93 45.41
CA SER A 1137 7.06 -9.71 46.62
C SER A 1137 7.73 -11.02 46.26
N TYR A 1138 8.95 -11.22 46.77
CA TYR A 1138 9.73 -12.40 46.44
C TYR A 1138 9.07 -13.69 46.91
N GLU A 1139 8.65 -13.72 48.16
CA GLU A 1139 8.01 -14.91 48.71
C GLU A 1139 6.72 -15.25 47.97
N GLU A 1140 6.02 -14.22 47.52
CA GLU A 1140 4.78 -14.42 46.80
C GLU A 1140 5.05 -15.06 45.45
N ILE A 1141 5.93 -14.45 44.66
CA ILE A 1141 6.25 -14.97 43.32
C ILE A 1141 6.95 -16.34 43.42
N VAL A 1142 7.57 -16.61 44.58
CA VAL A 1142 8.07 -17.93 44.90
C VAL A 1142 6.90 -18.90 44.95
N ARG A 1143 5.88 -18.55 45.73
CA ARG A 1143 4.68 -19.37 45.82
C ARG A 1143 4.03 -19.55 44.45
N ALA A 1144 4.10 -18.50 43.64
CA ALA A 1144 3.60 -18.51 42.27
C ALA A 1144 4.30 -19.57 41.43
N ALA A 1145 5.63 -19.56 41.45
CA ALA A 1145 6.41 -20.53 40.70
C ALA A 1145 6.18 -21.95 41.23
N LYS A 1146 6.11 -22.07 42.55
CA LYS A 1146 5.85 -23.35 43.20
C LYS A 1146 4.55 -23.94 42.67
N GLU A 1147 3.53 -23.11 42.53
CA GLU A 1147 2.24 -23.57 42.07
C GLU A 1147 2.18 -23.80 40.55
N ALA A 1148 2.90 -22.97 39.80
CA ALA A 1148 2.86 -22.99 38.33
C ALA A 1148 3.81 -24.00 37.70
N ASN A 1149 4.65 -24.63 38.53
CA ASN A 1149 5.66 -25.58 38.08
C ASN A 1149 6.65 -24.98 37.09
N ILE A 1150 6.81 -23.66 37.13
CA ILE A 1150 7.82 -22.97 36.34
C ILE A 1150 9.08 -22.83 37.21
N HIS A 1151 8.95 -23.25 38.46
CA HIS A 1151 10.03 -23.17 39.43
C HIS A 1151 11.25 -24.02 39.03
N GLN A 1152 11.04 -24.97 38.12
CA GLN A 1152 12.14 -25.78 37.59
C GLN A 1152 13.24 -24.92 36.99
N PHE A 1153 12.87 -24.07 36.04
CA PHE A 1153 13.80 -23.15 35.40
C PHE A 1153 14.32 -22.11 36.39
N ILE A 1154 13.50 -21.78 37.38
CA ILE A 1154 13.84 -20.80 38.40
C ILE A 1154 14.93 -21.24 39.39
N ASP A 1155 14.87 -22.51 39.82
CA ASP A 1155 15.89 -23.05 40.72
C ASP A 1155 17.29 -22.90 40.14
N SER A 1156 17.47 -23.40 38.93
CA SER A 1156 18.78 -23.39 38.28
C SER A 1156 18.96 -22.18 37.38
N LEU A 1157 20.04 -22.18 36.61
CA LEU A 1157 20.39 -21.15 35.63
C LEU A 1157 20.82 -19.84 36.27
N PRO A 1158 21.66 -19.06 35.55
CA PRO A 1158 22.21 -17.84 36.14
C PRO A 1158 21.16 -16.76 36.30
N ASP A 1159 21.37 -15.88 37.28
CA ASP A 1159 20.51 -14.73 37.55
C ASP A 1159 19.15 -15.16 38.07
N LYS A 1160 18.82 -16.45 37.91
CA LYS A 1160 17.57 -17.01 38.39
C LYS A 1160 16.37 -16.16 37.99
N TYR A 1161 15.64 -15.70 38.99
CA TYR A 1161 14.48 -14.82 38.80
C TYR A 1161 14.84 -13.51 38.11
N ASN A 1162 16.11 -13.12 38.21
CA ASN A 1162 16.56 -11.83 37.70
C ASN A 1162 16.90 -11.94 36.22
N THR A 1163 16.68 -13.12 35.65
CA THR A 1163 16.97 -13.38 34.26
C THR A 1163 16.02 -12.61 33.37
N ARG A 1164 16.58 -11.86 32.42
CA ARG A 1164 15.79 -11.13 31.45
C ARG A 1164 15.16 -12.11 30.46
N VAL A 1165 14.10 -11.67 29.79
CA VAL A 1165 13.40 -12.53 28.85
C VAL A 1165 14.22 -12.81 27.59
N GLY A 1166 15.35 -12.12 27.45
CA GLY A 1166 16.25 -12.35 26.33
C GLY A 1166 15.70 -11.93 24.98
N ASP A 1167 15.40 -10.64 24.84
CA ASP A 1167 14.91 -10.09 23.57
C ASP A 1167 13.57 -10.69 23.14
N LYS A 1168 12.50 -10.28 23.81
CA LYS A 1168 11.14 -10.69 23.49
C LYS A 1168 10.83 -12.17 23.72
N GLY A 1169 11.41 -12.76 24.76
CA GLY A 1169 11.16 -14.15 25.08
C GLY A 1169 11.55 -15.13 23.99
N THR A 1170 12.80 -15.05 23.55
CA THR A 1170 13.31 -15.88 22.47
C THR A 1170 13.80 -17.20 23.06
N GLN A 1171 13.90 -17.24 24.39
CA GLN A 1171 14.41 -18.41 25.09
C GLN A 1171 13.36 -19.37 25.62
N LEU A 1172 12.08 -19.07 25.41
CA LEU A 1172 11.06 -19.91 25.98
C LEU A 1172 10.11 -20.45 24.93
N SER A 1173 9.60 -21.65 25.17
CA SER A 1173 8.61 -22.25 24.29
C SER A 1173 7.25 -21.88 24.84
N GLY A 1174 6.18 -22.30 24.18
CA GLY A 1174 4.84 -21.92 24.57
C GLY A 1174 4.51 -22.36 25.98
N GLY A 1175 4.89 -23.60 26.32
CA GLY A 1175 4.64 -24.14 27.64
C GLY A 1175 5.21 -23.31 28.79
N GLN A 1176 6.43 -22.81 28.60
CA GLN A 1176 7.08 -21.97 29.61
C GLN A 1176 6.40 -20.63 29.80
N LYS A 1177 6.12 -19.96 28.67
CA LYS A 1177 5.45 -18.67 28.69
C LYS A 1177 4.11 -18.84 29.39
N GLN A 1178 3.42 -19.91 29.03
CA GLN A 1178 2.12 -20.20 29.62
C GLN A 1178 2.23 -20.42 31.12
N ARG A 1179 3.25 -21.16 31.54
CA ARG A 1179 3.49 -21.37 32.97
C ARG A 1179 3.60 -20.03 33.69
N ILE A 1180 4.35 -19.11 33.06
CA ILE A 1180 4.51 -17.76 33.60
C ILE A 1180 3.18 -17.02 33.66
N ALA A 1181 2.38 -17.15 32.60
CA ALA A 1181 1.04 -16.54 32.56
C ALA A 1181 0.16 -17.04 33.71
N ILE A 1182 0.23 -18.34 33.96
CA ILE A 1182 -0.46 -18.95 35.09
C ILE A 1182 0.03 -18.33 36.39
N ALA A 1183 1.34 -18.12 36.50
CA ALA A 1183 1.86 -17.51 37.72
C ALA A 1183 1.33 -16.08 37.87
N ARG A 1184 1.18 -15.38 36.75
CA ARG A 1184 0.60 -14.04 36.78
C ARG A 1184 -0.84 -14.12 37.27
N ALA A 1185 -1.54 -15.17 36.88
CA ALA A 1185 -2.93 -15.32 37.26
C ALA A 1185 -3.04 -15.55 38.76
N LEU A 1186 -2.39 -16.59 39.27
CA LEU A 1186 -2.56 -16.97 40.68
C LEU A 1186 -1.80 -16.06 41.65
N VAL A 1187 -0.95 -15.17 41.15
CA VAL A 1187 -0.32 -14.15 42.01
C VAL A 1187 -1.36 -13.21 42.61
N ARG A 1188 -2.28 -12.78 41.76
CA ARG A 1188 -3.34 -11.85 42.15
C ARG A 1188 -4.35 -12.49 43.11
N GLN A 1189 -4.34 -13.81 43.18
CA GLN A 1189 -5.31 -14.58 43.95
C GLN A 1189 -6.75 -14.19 43.60
N PRO A 1190 -7.14 -14.39 42.34
CA PRO A 1190 -8.49 -14.01 41.92
C PRO A 1190 -9.52 -14.99 42.43
N HIS A 1191 -10.71 -14.51 42.75
CA HIS A 1191 -11.80 -15.41 43.11
C HIS A 1191 -12.41 -15.93 41.81
N ILE A 1192 -11.98 -15.35 40.69
CA ILE A 1192 -12.45 -15.73 39.37
C ILE A 1192 -11.31 -15.96 38.37
N LEU A 1193 -11.28 -17.16 37.80
CA LEU A 1193 -10.26 -17.48 36.80
C LEU A 1193 -10.87 -17.63 35.42
N LEU A 1194 -10.10 -17.26 34.40
CA LEU A 1194 -10.57 -17.34 33.02
C LEU A 1194 -9.51 -18.00 32.14
N LEU A 1195 -9.88 -19.10 31.49
CA LEU A 1195 -8.94 -19.79 30.62
C LEU A 1195 -9.44 -19.81 29.18
N ASP A 1196 -8.75 -19.08 28.31
CA ASP A 1196 -9.10 -19.10 26.89
C ASP A 1196 -8.12 -19.98 26.14
N GLU A 1197 -8.56 -21.18 25.79
CA GLU A 1197 -7.78 -22.12 24.99
C GLU A 1197 -6.30 -22.16 25.37
N ALA A 1198 -6.04 -22.28 26.67
CA ALA A 1198 -4.69 -22.21 27.22
C ALA A 1198 -3.82 -23.30 26.63
N THR A 1199 -4.37 -24.50 26.55
CA THR A 1199 -3.63 -25.67 26.09
C THR A 1199 -3.79 -25.92 24.58
N SER A 1200 -4.45 -24.99 23.89
CA SER A 1200 -4.68 -25.11 22.45
C SER A 1200 -3.40 -25.40 21.66
N ALA A 1201 -2.37 -24.59 21.91
CA ALA A 1201 -1.06 -24.82 21.30
C ALA A 1201 -0.08 -25.41 22.30
N LEU A 1202 0.23 -26.69 22.15
CA LEU A 1202 1.11 -27.42 23.07
C LEU A 1202 1.25 -28.89 22.66
N ASP A 1203 2.13 -29.61 23.37
CA ASP A 1203 2.38 -31.01 23.08
C ASP A 1203 2.96 -31.76 24.28
N THR A 1204 2.91 -33.09 24.20
CA THR A 1204 3.52 -34.03 25.16
C THR A 1204 3.35 -33.68 26.64
N GLU A 1205 4.46 -33.76 27.40
CA GLU A 1205 4.45 -33.50 28.83
C GLU A 1205 4.01 -32.10 29.18
N SER A 1206 4.30 -31.14 28.31
CA SER A 1206 3.93 -29.75 28.53
C SER A 1206 2.42 -29.61 28.77
N GLU A 1207 1.65 -30.36 28.01
CA GLU A 1207 0.20 -30.35 28.15
C GLU A 1207 -0.24 -30.87 29.52
N LYS A 1208 0.44 -31.89 30.02
CA LYS A 1208 0.07 -32.50 31.29
C LYS A 1208 0.49 -31.61 32.47
N VAL A 1209 1.71 -31.08 32.42
CA VAL A 1209 2.22 -30.25 33.51
C VAL A 1209 1.42 -28.94 33.59
N VAL A 1210 1.01 -28.43 32.43
CA VAL A 1210 0.19 -27.22 32.40
C VAL A 1210 -1.21 -27.53 32.90
N GLN A 1211 -1.80 -28.63 32.42
CA GLN A 1211 -3.11 -29.02 32.91
C GLN A 1211 -3.13 -29.19 34.44
N GLU A 1212 -2.07 -29.80 34.96
CA GLU A 1212 -1.87 -29.97 36.40
C GLU A 1212 -1.77 -28.63 37.13
N ALA A 1213 -1.10 -27.68 36.50
CA ALA A 1213 -0.97 -26.35 37.09
C ALA A 1213 -2.33 -25.67 37.12
N LEU A 1214 -3.04 -25.74 36.01
CA LEU A 1214 -4.38 -25.16 35.91
C LEU A 1214 -5.33 -25.74 36.96
N ASP A 1215 -5.35 -27.06 37.07
CA ASP A 1215 -6.17 -27.75 38.07
C ASP A 1215 -5.83 -27.38 39.51
N LYS A 1216 -4.55 -27.24 39.83
CA LYS A 1216 -4.20 -26.84 41.19
C LYS A 1216 -4.42 -25.34 41.42
N ALA A 1217 -4.46 -24.60 40.32
CA ALA A 1217 -4.78 -23.18 40.36
C ALA A 1217 -6.26 -22.99 40.64
N ARG A 1218 -7.10 -23.78 39.98
CA ARG A 1218 -8.53 -23.71 40.22
C ARG A 1218 -8.89 -24.58 41.41
N GLU A 1219 -10.20 -24.79 41.60
CA GLU A 1219 -10.77 -25.63 42.65
C GLU A 1219 -10.70 -24.92 44.01
N GLY A 1220 -9.86 -23.90 44.10
CA GLY A 1220 -9.84 -23.04 45.26
C GLY A 1220 -10.76 -21.87 45.01
N ARG A 1221 -10.96 -21.55 43.74
CA ARG A 1221 -11.80 -20.42 43.34
C ARG A 1221 -12.58 -20.72 42.07
N THR A 1222 -13.58 -19.89 41.79
CA THR A 1222 -14.38 -20.01 40.57
C THR A 1222 -13.50 -19.84 39.32
N CYS A 1223 -13.78 -20.64 38.30
CA CYS A 1223 -13.05 -20.56 37.04
C CYS A 1223 -13.93 -20.88 35.84
N ILE A 1224 -13.60 -20.33 34.68
CA ILE A 1224 -14.34 -20.59 33.45
C ILE A 1224 -13.38 -21.09 32.38
N VAL A 1225 -13.57 -22.33 31.94
CA VAL A 1225 -12.69 -22.90 30.91
C VAL A 1225 -13.38 -23.17 29.57
N ILE A 1226 -12.95 -22.44 28.54
CA ILE A 1226 -13.49 -22.58 27.20
C ILE A 1226 -12.61 -23.48 26.31
N ALA A 1227 -11.59 -24.08 26.91
CA ALA A 1227 -10.55 -24.82 26.17
C ALA A 1227 -11.11 -25.88 25.22
N HIS A 1228 -10.42 -26.07 24.11
CA HIS A 1228 -10.86 -27.00 23.06
C HIS A 1228 -10.45 -28.45 23.33
N ARG A 1229 -9.81 -28.69 24.47
CA ARG A 1229 -9.44 -30.04 24.82
C ARG A 1229 -10.59 -30.68 25.60
N LEU A 1230 -11.24 -31.64 24.96
CA LEU A 1230 -12.42 -32.27 25.53
C LEU A 1230 -11.97 -33.49 26.32
N SER A 1231 -10.70 -33.82 26.18
CA SER A 1231 -10.08 -34.91 26.90
C SER A 1231 -9.89 -34.45 28.33
N THR A 1232 -9.58 -33.16 28.47
CA THR A 1232 -9.34 -32.57 29.78
C THR A 1232 -10.57 -31.91 30.38
N ILE A 1233 -11.67 -31.87 29.63
CA ILE A 1233 -12.91 -31.26 30.13
C ILE A 1233 -13.69 -32.24 31.01
N GLN A 1234 -13.26 -33.51 31.00
CA GLN A 1234 -13.97 -34.58 31.70
C GLN A 1234 -14.13 -34.31 33.20
N ASN A 1235 -13.23 -33.50 33.75
CA ASN A 1235 -13.42 -33.00 35.10
C ASN A 1235 -13.95 -31.58 35.06
N ALA A 1236 -15.25 -31.45 35.31
CA ALA A 1236 -15.89 -30.14 35.37
C ALA A 1236 -17.15 -30.27 36.22
N ASP A 1237 -17.50 -29.20 36.91
CA ASP A 1237 -18.69 -29.21 37.75
C ASP A 1237 -19.91 -29.04 36.87
N LEU A 1238 -19.84 -28.07 35.96
CA LEU A 1238 -20.93 -27.82 35.01
C LEU A 1238 -20.40 -27.64 33.60
N ILE A 1239 -20.78 -28.53 32.69
CA ILE A 1239 -20.39 -28.38 31.29
C ILE A 1239 -21.55 -27.78 30.49
N VAL A 1240 -21.25 -26.79 29.67
CA VAL A 1240 -22.30 -26.11 28.92
C VAL A 1240 -22.08 -26.14 27.41
N VAL A 1241 -23.08 -26.65 26.69
CA VAL A 1241 -23.07 -26.66 25.23
C VAL A 1241 -23.80 -25.42 24.74
N ILE A 1242 -23.03 -24.50 24.16
CA ILE A 1242 -23.52 -23.25 23.60
C ILE A 1242 -23.63 -23.33 22.07
N GLN A 1243 -24.83 -23.09 21.54
CA GLN A 1243 -25.00 -23.02 20.10
C GLN A 1243 -25.21 -21.58 19.64
N ASN A 1244 -24.14 -21.01 19.08
CA ASN A 1244 -24.13 -19.70 18.44
C ASN A 1244 -24.98 -18.63 19.12
N GLY A 1245 -24.61 -18.27 20.35
CA GLY A 1245 -25.36 -17.28 21.10
C GLY A 1245 -26.49 -17.83 21.95
N LYS A 1246 -26.93 -19.04 21.61
CA LYS A 1246 -28.02 -19.68 22.31
C LYS A 1246 -27.47 -20.88 23.06
N VAL A 1247 -27.56 -20.85 24.38
CA VAL A 1247 -27.17 -22.02 25.15
C VAL A 1247 -28.15 -23.14 24.82
N LYS A 1248 -27.58 -24.25 24.37
CA LYS A 1248 -28.37 -25.40 23.97
C LYS A 1248 -28.55 -26.41 25.09
N GLU A 1249 -27.44 -27.00 25.52
CA GLU A 1249 -27.49 -28.01 26.58
C GLU A 1249 -26.65 -27.61 27.78
N HIS A 1250 -27.02 -28.07 28.97
CA HIS A 1250 -26.19 -27.80 30.15
C HIS A 1250 -26.27 -28.94 31.15
N GLY A 1251 -25.14 -29.23 31.80
CA GLY A 1251 -25.11 -30.27 32.81
C GLY A 1251 -23.75 -30.94 32.97
N THR A 1252 -23.69 -31.87 33.93
CA THR A 1252 -22.48 -32.65 34.18
C THR A 1252 -22.18 -33.60 33.02
N HIS A 1253 -20.94 -34.06 32.96
CA HIS A 1253 -20.46 -34.87 31.84
C HIS A 1253 -21.34 -36.07 31.54
N GLN A 1254 -21.57 -36.91 32.56
CA GLN A 1254 -22.36 -38.12 32.39
C GLN A 1254 -23.83 -37.83 32.03
N GLN A 1255 -24.35 -36.72 32.52
CA GLN A 1255 -25.72 -36.32 32.22
C GLN A 1255 -25.91 -35.96 30.75
N LEU A 1256 -25.04 -35.09 30.24
CA LEU A 1256 -25.05 -34.72 28.84
C LEU A 1256 -24.73 -35.92 27.96
N LEU A 1257 -23.86 -36.80 28.47
CA LEU A 1257 -23.50 -38.01 27.76
C LEU A 1257 -24.72 -38.91 27.63
N ALA A 1258 -25.57 -38.89 28.66
CA ALA A 1258 -26.85 -39.59 28.62
C ALA A 1258 -27.74 -38.92 27.59
N GLN A 1259 -27.61 -37.61 27.47
CA GLN A 1259 -28.31 -36.85 26.46
C GLN A 1259 -27.63 -37.11 25.12
N LYS A 1260 -28.18 -36.54 24.05
CA LYS A 1260 -27.57 -36.66 22.74
C LYS A 1260 -27.81 -35.42 21.88
N GLY A 1261 -26.82 -35.08 21.06
CA GLY A 1261 -26.80 -33.81 20.36
C GLY A 1261 -25.40 -33.38 20.00
N ILE A 1262 -25.21 -32.06 19.90
CA ILE A 1262 -23.92 -31.45 19.58
C ILE A 1262 -22.75 -32.02 20.38
N TYR A 1263 -22.93 -32.13 21.70
CA TYR A 1263 -21.86 -32.56 22.59
C TYR A 1263 -21.36 -33.96 22.27
N PHE A 1264 -22.30 -34.90 22.11
CA PHE A 1264 -21.91 -36.27 21.82
C PHE A 1264 -21.19 -36.35 20.47
N SER A 1265 -21.61 -35.53 19.52
CA SER A 1265 -20.93 -35.46 18.24
C SER A 1265 -19.50 -34.97 18.43
N MET A 1266 -19.34 -33.95 19.27
CA MET A 1266 -18.04 -33.39 19.60
C MET A 1266 -17.08 -34.41 20.21
N VAL A 1267 -17.61 -35.28 21.08
CA VAL A 1267 -16.77 -36.32 21.67
C VAL A 1267 -16.51 -37.44 20.66
N SER A 1268 -17.51 -37.73 19.84
CA SER A 1268 -17.39 -38.77 18.82
C SER A 1268 -16.35 -38.38 17.76
N VAL A 1269 -16.29 -37.09 17.45
CA VAL A 1269 -15.36 -36.59 16.46
C VAL A 1269 -13.99 -36.40 17.09
N GLN A 1270 -13.93 -36.44 18.42
CA GLN A 1270 -12.66 -36.29 19.10
C GLN A 1270 -11.86 -37.56 18.84
N ALA A 1271 -12.57 -38.69 18.81
CA ALA A 1271 -11.99 -40.01 18.63
C ALA A 1271 -10.93 -40.31 19.67
N GLN B 1 -37.44 -25.03 -5.29
CA GLN B 1 -38.70 -25.43 -5.91
C GLN B 1 -38.95 -26.92 -5.73
N VAL B 2 -37.97 -27.61 -5.16
CA VAL B 2 -38.07 -29.05 -4.93
C VAL B 2 -38.23 -29.43 -3.47
N GLN B 3 -38.69 -30.66 -3.26
CA GLN B 3 -38.91 -31.24 -1.94
C GLN B 3 -39.35 -32.68 -2.11
N LEU B 4 -38.89 -33.55 -1.21
CA LEU B 4 -39.22 -34.96 -1.26
C LEU B 4 -39.78 -35.46 0.06
N GLN B 5 -41.00 -35.98 0.05
CA GLN B 5 -41.56 -36.50 1.29
C GLN B 5 -41.49 -38.01 1.30
N GLU B 6 -41.79 -38.59 2.46
CA GLU B 6 -41.76 -40.03 2.65
C GLU B 6 -43.04 -40.52 3.31
N SER B 7 -43.43 -41.75 2.98
CA SER B 7 -44.63 -42.34 3.53
C SER B 7 -44.35 -43.76 4.01
N GLY B 8 -44.83 -44.06 5.22
CA GLY B 8 -44.69 -45.37 5.81
C GLY B 8 -43.62 -45.47 6.88
N GLY B 9 -42.76 -44.45 6.99
CA GLY B 9 -41.71 -44.45 7.99
C GLY B 9 -42.24 -44.57 9.39
N GLY B 10 -41.97 -45.71 10.03
CA GLY B 10 -42.47 -45.98 11.36
C GLY B 10 -41.58 -46.94 12.14
N LEU B 11 -42.18 -47.64 13.10
CA LEU B 11 -41.44 -48.58 13.94
C LEU B 11 -41.85 -50.03 13.65
N VAL B 12 -40.90 -50.95 13.81
CA VAL B 12 -41.15 -52.37 13.59
C VAL B 12 -40.00 -53.18 14.19
N GLN B 13 -40.23 -54.44 14.52
CA GLN B 13 -39.20 -55.30 15.09
C GLN B 13 -38.46 -56.07 14.01
N ALA B 14 -37.44 -56.82 14.42
CA ALA B 14 -36.63 -57.61 13.50
C ALA B 14 -37.42 -58.70 12.78
N GLY B 15 -37.36 -58.69 11.46
CA GLY B 15 -38.07 -59.64 10.63
C GLY B 15 -39.37 -59.12 10.03
N GLY B 16 -39.65 -57.85 10.25
CA GLY B 16 -40.86 -57.24 9.70
C GLY B 16 -40.62 -56.51 8.39
N SER B 17 -41.65 -56.41 7.57
CA SER B 17 -41.54 -55.69 6.32
C SER B 17 -42.12 -54.28 6.47
N LEU B 18 -41.29 -53.28 6.20
CA LEU B 18 -41.69 -51.88 6.29
C LEU B 18 -41.63 -51.22 4.90
N ARG B 19 -42.74 -51.27 4.17
CA ARG B 19 -42.78 -50.68 2.84
C ARG B 19 -42.85 -49.15 2.90
N LEU B 20 -41.91 -48.48 2.25
CA LEU B 20 -41.85 -47.01 2.24
C LEU B 20 -42.05 -46.43 0.84
N SER B 21 -42.30 -45.13 0.78
CA SER B 21 -42.43 -44.46 -0.51
C SER B 21 -41.87 -43.04 -0.43
N CYS B 22 -41.33 -42.55 -1.55
CA CYS B 22 -40.77 -41.20 -1.61
C CYS B 22 -41.45 -40.42 -2.72
N ALA B 23 -42.20 -39.39 -2.32
CA ALA B 23 -42.89 -38.53 -3.24
C ALA B 23 -41.99 -37.37 -3.62
N ALA B 24 -41.82 -37.18 -4.92
CA ALA B 24 -40.99 -36.10 -5.44
C ALA B 24 -41.78 -35.23 -6.40
N SER B 25 -42.01 -33.98 -6.01
CA SER B 25 -42.76 -33.05 -6.84
C SER B 25 -42.03 -31.72 -6.96
N GLY B 26 -41.73 -31.34 -8.20
CA GLY B 26 -41.04 -30.11 -8.50
C GLY B 26 -40.83 -29.99 -10.00
N ARG B 27 -39.72 -29.38 -10.41
CA ARG B 27 -39.46 -29.22 -11.83
C ARG B 27 -38.09 -29.75 -12.25
N THR B 28 -38.10 -30.74 -13.14
CA THR B 28 -36.89 -31.37 -13.68
C THR B 28 -37.23 -32.55 -14.57
N PHE B 29 -36.47 -32.72 -15.65
CA PHE B 29 -36.69 -33.84 -16.56
C PHE B 29 -35.47 -34.60 -17.10
N ASN B 30 -34.28 -34.03 -16.96
CA ASN B 30 -33.08 -34.62 -17.57
C ASN B 30 -32.48 -35.95 -17.10
N SER B 31 -32.24 -36.11 -15.80
CA SER B 31 -31.98 -37.42 -15.21
C SER B 31 -32.30 -37.50 -13.72
N ALA B 32 -33.18 -36.62 -13.23
CA ALA B 32 -33.53 -36.64 -11.81
C ALA B 32 -34.13 -37.95 -11.33
N VAL B 33 -33.31 -38.73 -10.66
CA VAL B 33 -33.70 -40.01 -10.10
C VAL B 33 -34.17 -39.76 -8.68
N MET B 34 -34.64 -40.83 -8.04
CA MET B 34 -35.07 -40.76 -6.67
C MET B 34 -34.17 -41.68 -5.83
N GLY B 35 -33.57 -41.18 -4.76
CA GLY B 35 -32.69 -42.00 -3.94
C GLY B 35 -32.89 -41.81 -2.44
N TRP B 36 -32.75 -42.89 -1.68
CA TRP B 36 -32.96 -42.85 -0.23
C TRP B 36 -31.68 -42.86 0.62
N PHE B 37 -31.78 -42.26 1.81
CA PHE B 37 -30.66 -42.21 2.75
C PHE B 37 -30.97 -42.78 4.13
N ARG B 38 -29.91 -42.93 4.91
CA ARG B 38 -29.99 -43.44 6.28
C ARG B 38 -28.80 -42.91 7.08
N GLN B 39 -29.10 -42.30 8.22
CA GLN B 39 -28.05 -41.74 9.06
C GLN B 39 -28.33 -42.02 10.54
N ALA B 40 -27.26 -42.09 11.32
CA ALA B 40 -27.37 -42.31 12.75
C ALA B 40 -26.57 -41.22 13.45
N PRO B 41 -27.09 -40.72 14.58
CA PRO B 41 -26.38 -39.68 15.33
C PRO B 41 -24.98 -40.14 15.73
N GLY B 42 -24.05 -39.20 15.86
CA GLY B 42 -22.69 -39.56 16.25
C GLY B 42 -21.99 -40.34 15.15
N LYS B 43 -22.53 -40.28 13.94
CA LYS B 43 -21.94 -41.00 12.81
C LYS B 43 -22.31 -40.30 11.50
N GLU B 44 -21.53 -40.56 10.45
CA GLU B 44 -21.75 -39.95 9.14
C GLU B 44 -23.01 -40.49 8.47
N ARG B 45 -23.39 -39.88 7.36
CA ARG B 45 -24.57 -40.29 6.61
C ARG B 45 -24.27 -41.34 5.54
N GLN B 46 -25.01 -42.44 5.56
CA GLN B 46 -24.80 -43.49 4.57
C GLN B 46 -26.00 -43.53 3.63
N PHE B 47 -25.78 -44.06 2.42
CA PHE B 47 -26.82 -44.13 1.40
C PHE B 47 -27.58 -45.46 1.43
N VAL B 48 -28.71 -45.52 0.73
CA VAL B 48 -29.51 -46.75 0.70
C VAL B 48 -29.63 -47.34 -0.72
N ALA B 49 -30.63 -46.88 -1.47
CA ALA B 49 -30.89 -47.39 -2.81
C ALA B 49 -31.28 -46.30 -3.80
N THR B 50 -31.06 -46.53 -5.10
CA THR B 50 -31.42 -45.52 -6.09
C THR B 50 -31.73 -46.05 -7.51
N ILE B 51 -32.95 -45.76 -7.98
CA ILE B 51 -33.37 -46.16 -9.32
C ILE B 51 -32.99 -45.02 -10.24
N ASP B 52 -32.58 -45.33 -11.46
CA ASP B 52 -32.23 -44.26 -12.38
C ASP B 52 -33.39 -43.87 -13.30
N TRP B 53 -33.73 -42.58 -13.31
CA TRP B 53 -34.80 -42.11 -14.17
C TRP B 53 -34.16 -41.96 -15.53
N SER B 54 -34.00 -43.14 -16.13
CA SER B 54 -33.41 -43.34 -17.44
C SER B 54 -34.16 -44.49 -18.06
N GLY B 55 -34.09 -45.62 -17.36
CA GLY B 55 -34.75 -46.85 -17.77
C GLY B 55 -33.74 -48.00 -17.73
N GLU B 56 -32.81 -47.92 -16.78
CA GLU B 56 -31.78 -48.95 -16.64
C GLU B 56 -32.08 -49.90 -15.47
N TYR B 57 -31.67 -49.55 -14.25
CA TYR B 57 -31.94 -50.42 -13.11
C TYR B 57 -31.74 -49.62 -11.80
N THR B 58 -31.40 -50.29 -10.70
CA THR B 58 -31.24 -49.66 -9.39
C THR B 58 -29.85 -49.92 -8.78
N TYR B 59 -29.48 -49.15 -7.76
CA TYR B 59 -28.22 -49.32 -7.07
C TYR B 59 -28.45 -49.53 -5.58
N TYR B 60 -28.16 -50.74 -5.12
CA TYR B 60 -28.32 -51.14 -3.72
C TYR B 60 -26.97 -51.15 -3.01
N ALA B 61 -26.96 -50.74 -1.76
CA ALA B 61 -25.72 -50.67 -0.96
C ALA B 61 -25.35 -52.05 -0.39
N ASP B 62 -24.04 -52.27 -0.26
CA ASP B 62 -23.47 -53.53 0.25
C ASP B 62 -23.67 -53.70 1.75
N SER B 63 -24.88 -53.40 2.17
CA SER B 63 -25.31 -53.43 3.56
C SER B 63 -26.78 -53.79 3.54
N VAL B 64 -27.49 -53.17 2.59
CA VAL B 64 -28.92 -53.33 2.46
C VAL B 64 -29.36 -54.17 1.25
N LYS B 65 -28.47 -54.35 0.28
CA LYS B 65 -28.81 -55.14 -0.92
C LYS B 65 -29.24 -56.58 -0.58
N GLY B 66 -30.05 -57.17 -1.47
CA GLY B 66 -30.59 -58.50 -1.25
C GLY B 66 -31.89 -58.50 -0.50
N ARG B 67 -31.99 -57.58 0.46
CA ARG B 67 -33.17 -57.43 1.32
C ARG B 67 -34.18 -56.45 0.74
N PHE B 68 -33.72 -55.21 0.59
CA PHE B 68 -34.56 -54.12 0.12
C PHE B 68 -34.92 -54.17 -1.36
N THR B 69 -36.09 -53.63 -1.66
CA THR B 69 -36.64 -53.57 -3.00
C THR B 69 -36.95 -52.11 -3.29
N ILE B 70 -37.28 -51.76 -4.53
CA ILE B 70 -37.64 -50.40 -4.89
C ILE B 70 -38.65 -50.45 -6.05
N SER B 71 -39.36 -49.36 -6.28
CA SER B 71 -40.36 -49.31 -7.35
C SER B 71 -40.62 -47.88 -7.82
N ARG B 72 -41.64 -47.72 -8.65
CA ARG B 72 -42.00 -46.43 -9.20
C ARG B 72 -43.52 -46.32 -9.16
N ASP B 73 -44.06 -45.12 -9.33
CA ASP B 73 -45.50 -44.95 -9.40
C ASP B 73 -46.02 -45.58 -10.67
N ASN B 74 -45.28 -45.36 -11.76
CA ASN B 74 -45.48 -45.91 -13.10
C ASN B 74 -46.40 -45.03 -13.96
N ALA B 75 -47.10 -44.10 -13.33
CA ALA B 75 -47.85 -43.08 -14.04
C ALA B 75 -47.42 -41.68 -13.60
N LYS B 76 -46.60 -41.62 -12.56
CA LYS B 76 -46.28 -40.35 -11.90
C LYS B 76 -44.96 -40.55 -11.15
N ASN B 77 -44.41 -39.49 -10.55
CA ASN B 77 -43.08 -39.58 -9.95
C ASN B 77 -43.16 -39.95 -8.47
N THR B 78 -42.76 -41.18 -8.14
CA THR B 78 -42.66 -41.62 -6.76
C THR B 78 -41.72 -42.84 -6.74
N VAL B 79 -41.17 -43.20 -5.57
CA VAL B 79 -40.42 -44.45 -5.46
C VAL B 79 -40.79 -45.28 -4.23
N TYR B 80 -41.37 -46.45 -4.46
CA TYR B 80 -41.80 -47.31 -3.36
C TYR B 80 -40.77 -48.40 -3.07
N LEU B 81 -40.04 -48.23 -1.98
CA LEU B 81 -39.06 -49.21 -1.57
C LEU B 81 -39.64 -50.04 -0.44
N GLN B 82 -39.75 -51.34 -0.68
CA GLN B 82 -40.24 -52.28 0.32
C GLN B 82 -39.06 -52.72 1.17
N MET B 83 -39.13 -52.48 2.49
CA MET B 83 -38.00 -52.83 3.33
C MET B 83 -38.25 -54.19 4.00
N THR B 84 -37.64 -55.23 3.44
CA THR B 84 -37.81 -56.59 3.95
C THR B 84 -36.68 -57.06 4.86
N SER B 85 -37.05 -57.54 6.06
CA SER B 85 -36.07 -58.04 7.05
C SER B 85 -35.11 -56.98 7.57
N LEU B 86 -35.61 -56.07 8.40
CA LEU B 86 -34.75 -55.02 8.95
C LEU B 86 -34.15 -55.42 10.29
N LYS B 87 -32.82 -55.34 10.36
CA LYS B 87 -32.08 -55.67 11.56
C LYS B 87 -32.04 -54.44 12.48
N PRO B 88 -31.84 -54.65 13.80
CA PRO B 88 -31.76 -53.53 14.74
C PRO B 88 -30.69 -52.52 14.39
N GLU B 89 -29.88 -52.84 13.40
CA GLU B 89 -28.81 -51.98 12.91
C GLU B 89 -29.45 -50.92 12.04
N ASP B 90 -30.52 -51.30 11.36
CA ASP B 90 -31.14 -50.45 10.36
C ASP B 90 -31.57 -49.14 11.00
N THR B 91 -31.73 -49.16 12.32
CA THR B 91 -32.42 -48.11 13.05
C THR B 91 -31.72 -46.82 12.68
N ALA B 92 -32.42 -45.94 11.98
CA ALA B 92 -31.81 -44.69 11.53
C ALA B 92 -32.85 -43.71 11.00
N LEU B 93 -32.45 -42.47 10.81
CA LEU B 93 -33.28 -41.52 10.08
C LEU B 93 -33.11 -41.69 8.57
N TYR B 94 -34.23 -41.95 7.89
CA TYR B 94 -34.24 -42.13 6.44
C TYR B 94 -34.85 -40.95 5.70
N TYR B 95 -34.03 -40.29 4.90
CA TYR B 95 -34.42 -39.14 4.09
C TYR B 95 -34.12 -39.31 2.61
N CYS B 96 -35.17 -39.40 1.80
CA CYS B 96 -35.07 -39.58 0.35
C CYS B 96 -34.45 -38.36 -0.33
N ALA B 97 -33.52 -38.60 -1.26
CA ALA B 97 -32.85 -37.52 -1.99
C ALA B 97 -32.91 -37.75 -3.50
N ALA B 98 -33.02 -36.64 -4.24
CA ALA B 98 -33.11 -36.66 -5.70
C ALA B 98 -31.83 -36.26 -6.43
N ARG B 99 -31.65 -36.82 -7.63
CA ARG B 99 -30.50 -36.56 -8.49
C ARG B 99 -30.24 -35.11 -8.76
N LEU B 100 -29.03 -34.88 -9.24
CA LEU B 100 -28.61 -33.60 -9.73
C LEU B 100 -27.83 -33.94 -10.99
N THR B 101 -27.94 -33.12 -12.02
CA THR B 101 -27.16 -33.30 -13.23
C THR B 101 -25.69 -33.38 -12.79
N LEU B 102 -25.30 -32.51 -11.86
CA LEU B 102 -23.93 -32.40 -11.41
C LEU B 102 -23.58 -33.76 -10.88
N GLY B 103 -24.58 -34.36 -10.26
CA GLY B 103 -24.36 -35.67 -9.75
C GLY B 103 -23.92 -35.56 -8.32
N GLN B 104 -23.79 -34.36 -7.75
CA GLN B 104 -23.62 -34.32 -6.31
C GLN B 104 -24.88 -33.85 -5.62
N PHE B 105 -25.27 -34.63 -4.61
CA PHE B 105 -26.52 -34.46 -3.91
C PHE B 105 -26.76 -33.00 -3.53
N ASP B 106 -27.72 -32.38 -4.20
CA ASP B 106 -28.06 -31.01 -3.90
C ASP B 106 -29.53 -30.95 -3.49
N TYR B 107 -30.24 -32.03 -3.80
CA TYR B 107 -31.65 -32.15 -3.45
C TYR B 107 -31.87 -33.00 -2.20
N TRP B 108 -32.78 -32.56 -1.33
CA TRP B 108 -33.10 -33.25 -0.10
C TRP B 108 -34.57 -33.10 0.27
N GLY B 109 -35.05 -33.91 1.21
CA GLY B 109 -36.43 -33.81 1.63
C GLY B 109 -36.69 -33.73 3.13
N GLN B 110 -37.87 -34.22 3.52
CA GLN B 110 -38.32 -34.26 4.91
C GLN B 110 -37.63 -35.29 5.80
N GLY B 111 -37.50 -36.51 5.28
CA GLY B 111 -36.96 -37.65 6.01
C GLY B 111 -37.99 -38.32 6.91
N THR B 112 -37.57 -39.39 7.57
CA THR B 112 -38.38 -40.06 8.59
C THR B 112 -37.50 -40.97 9.46
N GLN B 113 -37.77 -41.05 10.75
CA GLN B 113 -36.96 -41.91 11.62
C GLN B 113 -37.57 -43.30 11.74
N VAL B 114 -36.73 -44.32 11.59
CA VAL B 114 -37.13 -45.72 11.69
C VAL B 114 -36.41 -46.41 12.83
N THR B 115 -37.18 -47.01 13.74
CA THR B 115 -36.62 -47.72 14.90
C THR B 115 -36.82 -49.23 14.82
N VAL B 116 -35.74 -49.99 14.92
CA VAL B 116 -35.81 -51.45 14.85
C VAL B 116 -35.30 -52.08 16.14
N SER B 117 -35.95 -53.16 16.56
CA SER B 117 -35.58 -53.88 17.77
C SER B 117 -35.34 -55.35 17.45
N SER B 118 -35.90 -56.24 18.28
CA SER B 118 -35.73 -57.67 18.07
C SER B 118 -37.08 -58.38 17.95
#